data_1BDQ
# 
_entry.id   1BDQ 
# 
_audit_conform.dict_name       mmcif_pdbx.dic 
_audit_conform.dict_version    5.392 
_audit_conform.dict_location   http://mmcif.pdb.org/dictionaries/ascii/mmcif_pdbx.dic 
# 
loop_
_database_2.database_id 
_database_2.database_code 
_database_2.pdbx_database_accession 
_database_2.pdbx_DOI 
PDB   1BDQ         pdb_00001bdq 10.2210/pdb1bdq/pdb 
WWPDB D_1000171632 ?            ?                   
# 
loop_
_pdbx_audit_revision_history.ordinal 
_pdbx_audit_revision_history.data_content_type 
_pdbx_audit_revision_history.major_revision 
_pdbx_audit_revision_history.minor_revision 
_pdbx_audit_revision_history.revision_date 
1 'Structure model' 1 0 1998-08-12 
2 'Structure model' 1 1 2008-03-03 
3 'Structure model' 1 2 2011-07-13 
4 'Structure model' 1 3 2021-11-03 
5 'Structure model' 1 4 2023-08-02 
6 'Structure model' 1 5 2024-05-22 
# 
_pdbx_audit_revision_details.ordinal             1 
_pdbx_audit_revision_details.revision_ordinal    1 
_pdbx_audit_revision_details.data_content_type   'Structure model' 
_pdbx_audit_revision_details.provider            repository 
_pdbx_audit_revision_details.type                'Initial release' 
_pdbx_audit_revision_details.description         ? 
_pdbx_audit_revision_details.details             ? 
# 
loop_
_pdbx_audit_revision_group.ordinal 
_pdbx_audit_revision_group.revision_ordinal 
_pdbx_audit_revision_group.data_content_type 
_pdbx_audit_revision_group.group 
1 2 'Structure model' 'Version format compliance' 
2 3 'Structure model' 'Version format compliance' 
3 4 'Structure model' 'Database references'       
4 4 'Structure model' 'Derived calculations'      
5 4 'Structure model' Other                       
6 5 'Structure model' 'Refinement description'    
7 6 'Structure model' 'Data collection'           
# 
loop_
_pdbx_audit_revision_category.ordinal 
_pdbx_audit_revision_category.revision_ordinal 
_pdbx_audit_revision_category.data_content_type 
_pdbx_audit_revision_category.category 
1 4 'Structure model' database_2                    
2 4 'Structure model' pdbx_database_status          
3 4 'Structure model' struct_ref_seq_dif            
4 4 'Structure model' struct_site                   
5 5 'Structure model' pdbx_initial_refinement_model 
6 6 'Structure model' chem_comp_atom                
7 6 'Structure model' chem_comp_bond                
# 
loop_
_pdbx_audit_revision_item.ordinal 
_pdbx_audit_revision_item.revision_ordinal 
_pdbx_audit_revision_item.data_content_type 
_pdbx_audit_revision_item.item 
1 4 'Structure model' '_database_2.pdbx_DOI'                
2 4 'Structure model' '_database_2.pdbx_database_accession' 
3 4 'Structure model' '_pdbx_database_status.process_site'  
4 4 'Structure model' '_struct_ref_seq_dif.details'         
5 4 'Structure model' '_struct_site.pdbx_auth_asym_id'      
6 4 'Structure model' '_struct_site.pdbx_auth_comp_id'      
7 4 'Structure model' '_struct_site.pdbx_auth_seq_id'       
# 
_pdbx_database_status.status_code                     REL 
_pdbx_database_status.entry_id                        1BDQ 
_pdbx_database_status.recvd_initial_deposition_date   1998-05-10 
_pdbx_database_status.deposit_site                    ? 
_pdbx_database_status.process_site                    BNL 
_pdbx_database_status.status_code_sf                  REL 
_pdbx_database_status.status_code_mr                  ? 
_pdbx_database_status.SG_entry                        ? 
_pdbx_database_status.pdb_format_compatible           Y 
_pdbx_database_status.status_code_cs                  ? 
_pdbx_database_status.status_code_nmr_data            ? 
_pdbx_database_status.methods_development_category    ? 
# 
loop_
_audit_author.name 
_audit_author.pdbx_ordinal 
'Swairjo, M.A.'      1 
'Abdel-Meguid, S.S.' 2 
# 
loop_
_citation.id 
_citation.title 
_citation.journal_abbrev 
_citation.journal_volume 
_citation.page_first 
_citation.page_last 
_citation.year 
_citation.journal_id_ASTM 
_citation.country 
_citation.journal_id_ISSN 
_citation.journal_id_CSD 
_citation.book_publisher 
_citation.pdbx_database_id_PubMed 
_citation.pdbx_database_id_DOI 
primary 
;Structural role of the 30's loop in determining the ligand specificity of the human immunodeficiency virus protease.
;
Biochemistry 37 10928 10936 1998 BICHAW US 0006-2960 0033 ? 9692985 10.1021/bi980784h 
1       
;Identification of a Loop Outside the Active Site Cavity of the Human Immunodeficiency Virus Proteases which Confers Inhibitor Specificity
;
Biochemistry 36 5128  ?     1997 BICHAW US 0006-2960 0033 ? ?       ?                 
# 
loop_
_citation_author.citation_id 
_citation_author.name 
_citation_author.ordinal 
_citation_author.identifier_ORCID 
primary 'Swairjo, M.A.'      1 ? 
primary 'Towler, E.M.'       2 ? 
primary 'Debouck, C.'        3 ? 
primary 'Abdel-Meguid, S.S.' 4 ? 
1       'Towler, E.M.'       5 ? 
1       'Thompson, S.K.'     6 ? 
1       'Tomaszek, T.'       7 ? 
1       'Debouck, C.'        8 ? 
# 
loop_
_entity.id 
_entity.type 
_entity.src_method 
_entity.pdbx_description 
_entity.formula_weight 
_entity.pdbx_number_of_molecules 
_entity.pdbx_ec 
_entity.pdbx_mutation 
_entity.pdbx_fragment 
_entity.details 
1 polymer     man 'HIV-1 PROTEASE' 10683.630 2  3.4.23.16 'T31S, V32I, L33V, E34A, E35G, M36I, S37E, I47V, V82I' ? ? 
2 non-polymer syn 
;(2R,4S,5S,1'S)-2-PHENYLMETHYL-4-HYDROXY-5-(TERT-BUTOXYCARBONYL)AMINO-6-PHENYL HEXANOYL-N-(1'-IMIDAZO-2-YL)-2'-METHYLPROPANAMIDE
;
534.690   1  ?         ?                                                      ? ? 
3 water       nat water 18.015    43 ?         ?                                                      ? ? 
# 
_entity_poly.entity_id                      1 
_entity_poly.type                           'polypeptide(L)' 
_entity_poly.nstd_linkage                   no 
_entity_poly.nstd_monomer                   no 
_entity_poly.pdbx_seq_one_letter_code       
;PQITLWQRPLVTIKIGGQLKEALLDTGADDSIVAGIELPGRWKPKMVGGIGGFIKVRQYDQILIEICGHKAIGTVLVGPT
PINIIGRNLLTQIGCTLNF
;
_entity_poly.pdbx_seq_one_letter_code_can   
;PQITLWQRPLVTIKIGGQLKEALLDTGADDSIVAGIELPGRWKPKMVGGIGGFIKVRQYDQILIEICGHKAIGTVLVGPT
PINIIGRNLLTQIGCTLNF
;
_entity_poly.pdbx_strand_id                 A,B 
_entity_poly.pdbx_target_identifier         ? 
# 
loop_
_pdbx_entity_nonpoly.entity_id 
_pdbx_entity_nonpoly.name 
_pdbx_entity_nonpoly.comp_id 
2 
;(2R,4S,5S,1'S)-2-PHENYLMETHYL-4-HYDROXY-5-(TERT-BUTOXYCARBONYL)AMINO-6-PHENYL HEXANOYL-N-(1'-IMIDAZO-2-YL)-2'-METHYLPROPANAMIDE
;
IM1 
3 water HOH 
# 
loop_
_entity_poly_seq.entity_id 
_entity_poly_seq.num 
_entity_poly_seq.mon_id 
_entity_poly_seq.hetero 
1 1  PRO n 
1 2  GLN n 
1 3  ILE n 
1 4  THR n 
1 5  LEU n 
1 6  TRP n 
1 7  GLN n 
1 8  ARG n 
1 9  PRO n 
1 10 LEU n 
1 11 VAL n 
1 12 THR n 
1 13 ILE n 
1 14 LYS n 
1 15 ILE n 
1 16 GLY n 
1 17 GLY n 
1 18 GLN n 
1 19 LEU n 
1 20 LYS n 
1 21 GLU n 
1 22 ALA n 
1 23 LEU n 
1 24 LEU n 
1 25 ASP n 
1 26 THR n 
1 27 GLY n 
1 28 ALA n 
1 29 ASP n 
1 30 ASP n 
1 31 SER n 
1 32 ILE n 
1 33 VAL n 
1 34 ALA n 
1 35 GLY n 
1 36 ILE n 
1 37 GLU n 
1 38 LEU n 
1 39 PRO n 
1 40 GLY n 
1 41 ARG n 
1 42 TRP n 
1 43 LYS n 
1 44 PRO n 
1 45 LYS n 
1 46 MET n 
1 47 VAL n 
1 48 GLY n 
1 49 GLY n 
1 50 ILE n 
1 51 GLY n 
1 52 GLY n 
1 53 PHE n 
1 54 ILE n 
1 55 LYS n 
1 56 VAL n 
1 57 ARG n 
1 58 GLN n 
1 59 TYR n 
1 60 ASP n 
1 61 GLN n 
1 62 ILE n 
1 63 LEU n 
1 64 ILE n 
1 65 GLU n 
1 66 ILE n 
1 67 CYS n 
1 68 GLY n 
1 69 HIS n 
1 70 LYS n 
1 71 ALA n 
1 72 ILE n 
1 73 GLY n 
1 74 THR n 
1 75 VAL n 
1 76 LEU n 
1 77 VAL n 
1 78 GLY n 
1 79 PRO n 
1 80 THR n 
1 81 PRO n 
1 82 ILE n 
1 83 ASN n 
1 84 ILE n 
1 85 ILE n 
1 86 GLY n 
1 87 ARG n 
1 88 ASN n 
1 89 LEU n 
1 90 LEU n 
1 91 THR n 
1 92 GLN n 
1 93 ILE n 
1 94 GLY n 
1 95 CYS n 
1 96 THR n 
1 97 LEU n 
1 98 ASN n 
1 99 PHE n 
# 
_entity_src_gen.entity_id                          1 
_entity_src_gen.pdbx_src_id                        1 
_entity_src_gen.pdbx_alt_source_flag               sample 
_entity_src_gen.pdbx_seq_type                      ? 
_entity_src_gen.pdbx_beg_seq_num                   ? 
_entity_src_gen.pdbx_end_seq_num                   ? 
_entity_src_gen.gene_src_common_name               ? 
_entity_src_gen.gene_src_genus                     Lentivirus 
_entity_src_gen.pdbx_gene_src_gene                 'HIV-1 PROTEASE' 
_entity_src_gen.gene_src_species                   ? 
_entity_src_gen.gene_src_strain                    IIIB 
_entity_src_gen.gene_src_tissue                    ? 
_entity_src_gen.gene_src_tissue_fraction           ? 
_entity_src_gen.gene_src_details                   ? 
_entity_src_gen.pdbx_gene_src_fragment             ? 
_entity_src_gen.pdbx_gene_src_scientific_name      'Human immunodeficiency virus 1' 
_entity_src_gen.pdbx_gene_src_ncbi_taxonomy_id     11676 
_entity_src_gen.pdbx_gene_src_variant              ? 
_entity_src_gen.pdbx_gene_src_cell_line            ? 
_entity_src_gen.pdbx_gene_src_atcc                 ? 
_entity_src_gen.pdbx_gene_src_organ                ? 
_entity_src_gen.pdbx_gene_src_organelle            ? 
_entity_src_gen.pdbx_gene_src_cell                 ? 
_entity_src_gen.pdbx_gene_src_cellular_location    ? 
_entity_src_gen.host_org_common_name               ? 
_entity_src_gen.pdbx_host_org_scientific_name      'Escherichia coli' 
_entity_src_gen.pdbx_host_org_ncbi_taxonomy_id     562 
_entity_src_gen.host_org_genus                     Escherichia 
_entity_src_gen.pdbx_host_org_gene                 'HIV-1 PROTEASE' 
_entity_src_gen.pdbx_host_org_organ                ? 
_entity_src_gen.host_org_species                   ? 
_entity_src_gen.pdbx_host_org_tissue               ? 
_entity_src_gen.pdbx_host_org_tissue_fraction      ? 
_entity_src_gen.pdbx_host_org_strain               'IIIB STRAIN' 
_entity_src_gen.pdbx_host_org_variant              'BMH 71-18 MUTS' 
_entity_src_gen.pdbx_host_org_cell_line            ? 
_entity_src_gen.pdbx_host_org_atcc                 ? 
_entity_src_gen.pdbx_host_org_culture_collection   ? 
_entity_src_gen.pdbx_host_org_cell                 ? 
_entity_src_gen.pdbx_host_org_organelle            ? 
_entity_src_gen.pdbx_host_org_cellular_location    ? 
_entity_src_gen.pdbx_host_org_vector_type          ? 
_entity_src_gen.pdbx_host_org_vector               M13MP19PRO4 
_entity_src_gen.host_org_details                   ? 
_entity_src_gen.expression_system_id               ? 
_entity_src_gen.plasmid_name                       POTSKF33 
_entity_src_gen.plasmid_details                    ? 
_entity_src_gen.pdbx_description                   ? 
# 
loop_
_chem_comp.id 
_chem_comp.type 
_chem_comp.mon_nstd_flag 
_chem_comp.name 
_chem_comp.pdbx_synonyms 
_chem_comp.formula 
_chem_comp.formula_weight 
ALA 'L-peptide linking' y ALANINE ? 'C3 H7 N O2'     89.093  
ARG 'L-peptide linking' y ARGININE ? 'C6 H15 N4 O2 1' 175.209 
ASN 'L-peptide linking' y ASPARAGINE ? 'C4 H8 N2 O3'    132.118 
ASP 'L-peptide linking' y 'ASPARTIC ACID' ? 'C4 H7 N O4'     133.103 
CYS 'L-peptide linking' y CYSTEINE ? 'C3 H7 N O2 S'   121.158 
GLN 'L-peptide linking' y GLUTAMINE ? 'C5 H10 N2 O3'   146.144 
GLU 'L-peptide linking' y 'GLUTAMIC ACID' ? 'C5 H9 N O4'     147.129 
GLY 'peptide linking'   y GLYCINE ? 'C2 H5 N O2'     75.067  
HIS 'L-peptide linking' y HISTIDINE ? 'C6 H10 N3 O2 1' 156.162 
HOH non-polymer         . WATER ? 'H2 O'           18.015  
ILE 'L-peptide linking' y ISOLEUCINE ? 'C6 H13 N O2'    131.173 
IM1 non-polymer         . 
;(2R,4S,5S,1'S)-2-PHENYLMETHYL-4-HYDROXY-5-(TERT-BUTOXYCARBONYL)AMINO-6-PHENYL HEXANOYL-N-(1'-IMIDAZO-2-YL)-2'-METHYLPROPANAMIDE
;
? 'C31 H42 N4 O4'  534.690 
LEU 'L-peptide linking' y LEUCINE ? 'C6 H13 N O2'    131.173 
LYS 'L-peptide linking' y LYSINE ? 'C6 H15 N2 O2 1' 147.195 
MET 'L-peptide linking' y METHIONINE ? 'C5 H11 N O2 S'  149.211 
PHE 'L-peptide linking' y PHENYLALANINE ? 'C9 H11 N O2'    165.189 
PRO 'L-peptide linking' y PROLINE ? 'C5 H9 N O2'     115.130 
SER 'L-peptide linking' y SERINE ? 'C3 H7 N O3'     105.093 
THR 'L-peptide linking' y THREONINE ? 'C4 H9 N O3'     119.119 
TRP 'L-peptide linking' y TRYPTOPHAN ? 'C11 H12 N2 O2'  204.225 
TYR 'L-peptide linking' y TYROSINE ? 'C9 H11 N O3'    181.189 
VAL 'L-peptide linking' y VALINE ? 'C5 H11 N O2'    117.146 
# 
loop_
_pdbx_poly_seq_scheme.asym_id 
_pdbx_poly_seq_scheme.entity_id 
_pdbx_poly_seq_scheme.seq_id 
_pdbx_poly_seq_scheme.mon_id 
_pdbx_poly_seq_scheme.ndb_seq_num 
_pdbx_poly_seq_scheme.pdb_seq_num 
_pdbx_poly_seq_scheme.auth_seq_num 
_pdbx_poly_seq_scheme.pdb_mon_id 
_pdbx_poly_seq_scheme.auth_mon_id 
_pdbx_poly_seq_scheme.pdb_strand_id 
_pdbx_poly_seq_scheme.pdb_ins_code 
_pdbx_poly_seq_scheme.hetero 
A 1 1  PRO 1  1  1  PRO PRO A . n 
A 1 2  GLN 2  2  2  GLN GLN A . n 
A 1 3  ILE 3  3  3  ILE ILE A . n 
A 1 4  THR 4  4  4  THR THR A . n 
A 1 5  LEU 5  5  5  LEU LEU A . n 
A 1 6  TRP 6  6  6  TRP TRP A . n 
A 1 7  GLN 7  7  7  GLN GLN A . n 
A 1 8  ARG 8  8  8  ARG ARG A . n 
A 1 9  PRO 9  9  9  PRO PRO A . n 
A 1 10 LEU 10 10 10 LEU LEU A . n 
A 1 11 VAL 11 11 11 VAL VAL A . n 
A 1 12 THR 12 12 12 THR THR A . n 
A 1 13 ILE 13 13 13 ILE ILE A . n 
A 1 14 LYS 14 14 14 LYS LYS A . n 
A 1 15 ILE 15 15 15 ILE ILE A . n 
A 1 16 GLY 16 16 16 GLY GLY A . n 
A 1 17 GLY 17 17 17 GLY GLY A . n 
A 1 18 GLN 18 18 18 GLN GLN A . n 
A 1 19 LEU 19 19 19 LEU LEU A . n 
A 1 20 LYS 20 20 20 LYS LYS A . n 
A 1 21 GLU 21 21 21 GLU GLU A . n 
A 1 22 ALA 22 22 22 ALA ALA A . n 
A 1 23 LEU 23 23 23 LEU LEU A . n 
A 1 24 LEU 24 24 24 LEU LEU A . n 
A 1 25 ASP 25 25 25 ASP ASP A . n 
A 1 26 THR 26 26 26 THR THR A . n 
A 1 27 GLY 27 27 27 GLY GLY A . n 
A 1 28 ALA 28 28 28 ALA ALA A . n 
A 1 29 ASP 29 29 29 ASP ASP A . n 
A 1 30 ASP 30 30 30 ASP ASP A . n 
A 1 31 SER 31 31 31 SER SER A . n 
A 1 32 ILE 32 32 32 ILE ILE A . n 
A 1 33 VAL 33 33 33 VAL VAL A . n 
A 1 34 ALA 34 34 34 ALA ALA A . n 
A 1 35 GLY 35 35 35 GLY GLY A . n 
A 1 36 ILE 36 36 36 ILE ILE A . n 
A 1 37 GLU 37 37 37 GLU GLU A . n 
A 1 38 LEU 38 38 38 LEU LEU A . n 
A 1 39 PRO 39 39 39 PRO PRO A . n 
A 1 40 GLY 40 40 40 GLY GLY A . n 
A 1 41 ARG 41 41 41 ARG ARG A . n 
A 1 42 TRP 42 42 42 TRP TRP A . n 
A 1 43 LYS 43 43 43 LYS LYS A . n 
A 1 44 PRO 44 44 44 PRO PRO A . n 
A 1 45 LYS 45 45 45 LYS LYS A . n 
A 1 46 MET 46 46 46 MET MET A . n 
A 1 47 VAL 47 47 47 VAL VAL A . n 
A 1 48 GLY 48 48 48 GLY GLY A . n 
A 1 49 GLY 49 49 49 GLY GLY A . n 
A 1 50 ILE 50 50 50 ILE ILE A . n 
A 1 51 GLY 51 51 51 GLY GLY A . n 
A 1 52 GLY 52 52 52 GLY GLY A . n 
A 1 53 PHE 53 53 53 PHE PHE A . n 
A 1 54 ILE 54 54 54 ILE ILE A . n 
A 1 55 LYS 55 55 55 LYS LYS A . n 
A 1 56 VAL 56 56 56 VAL VAL A . n 
A 1 57 ARG 57 57 57 ARG ARG A . n 
A 1 58 GLN 58 58 58 GLN GLN A . n 
A 1 59 TYR 59 59 59 TYR TYR A . n 
A 1 60 ASP 60 60 60 ASP ASP A . n 
A 1 61 GLN 61 61 61 GLN GLN A . n 
A 1 62 ILE 62 62 62 ILE ILE A . n 
A 1 63 LEU 63 63 63 LEU LEU A . n 
A 1 64 ILE 64 64 64 ILE ILE A . n 
A 1 65 GLU 65 65 65 GLU GLU A . n 
A 1 66 ILE 66 66 66 ILE ILE A . n 
A 1 67 CYS 67 67 67 CYS CYS A . n 
A 1 68 GLY 68 68 68 GLY GLY A . n 
A 1 69 HIS 69 69 69 HIS HIS A . n 
A 1 70 LYS 70 70 70 LYS LYS A . n 
A 1 71 ALA 71 71 71 ALA ALA A . n 
A 1 72 ILE 72 72 72 ILE ILE A . n 
A 1 73 GLY 73 73 73 GLY GLY A . n 
A 1 74 THR 74 74 74 THR THR A . n 
A 1 75 VAL 75 75 75 VAL VAL A . n 
A 1 76 LEU 76 76 76 LEU LEU A . n 
A 1 77 VAL 77 77 77 VAL VAL A . n 
A 1 78 GLY 78 78 78 GLY GLY A . n 
A 1 79 PRO 79 79 79 PRO PRO A . n 
A 1 80 THR 80 80 80 THR THR A . n 
A 1 81 PRO 81 81 81 PRO PRO A . n 
A 1 82 ILE 82 82 82 ILE ILE A . n 
A 1 83 ASN 83 83 83 ASN ASN A . n 
A 1 84 ILE 84 84 84 ILE ILE A . n 
A 1 85 ILE 85 85 85 ILE ILE A . n 
A 1 86 GLY 86 86 86 GLY GLY A . n 
A 1 87 ARG 87 87 87 ARG ARG A . n 
A 1 88 ASN 88 88 88 ASN ASN A . n 
A 1 89 LEU 89 89 89 LEU LEU A . n 
A 1 90 LEU 90 90 90 LEU LEU A . n 
A 1 91 THR 91 91 91 THR THR A . n 
A 1 92 GLN 92 92 92 GLN GLN A . n 
A 1 93 ILE 93 93 93 ILE ILE A . n 
A 1 94 GLY 94 94 94 GLY GLY A . n 
A 1 95 CYS 95 95 95 CYS CYS A . n 
A 1 96 THR 96 96 96 THR THR A . n 
A 1 97 LEU 97 97 97 LEU LEU A . n 
A 1 98 ASN 98 98 98 ASN ASN A . n 
A 1 99 PHE 99 99 99 PHE PHE A . n 
B 1 1  PRO 1  1  1  PRO PRO B . n 
B 1 2  GLN 2  2  2  GLN GLN B . n 
B 1 3  ILE 3  3  3  ILE ILE B . n 
B 1 4  THR 4  4  4  THR THR B . n 
B 1 5  LEU 5  5  5  LEU LEU B . n 
B 1 6  TRP 6  6  6  TRP TRP B . n 
B 1 7  GLN 7  7  7  GLN GLN B . n 
B 1 8  ARG 8  8  8  ARG ARG B . n 
B 1 9  PRO 9  9  9  PRO PRO B . n 
B 1 10 LEU 10 10 10 LEU LEU B . n 
B 1 11 VAL 11 11 11 VAL VAL B . n 
B 1 12 THR 12 12 12 THR THR B . n 
B 1 13 ILE 13 13 13 ILE ILE B . n 
B 1 14 LYS 14 14 14 LYS LYS B . n 
B 1 15 ILE 15 15 15 ILE ILE B . n 
B 1 16 GLY 16 16 16 GLY GLY B . n 
B 1 17 GLY 17 17 17 GLY GLY B . n 
B 1 18 GLN 18 18 18 GLN GLN B . n 
B 1 19 LEU 19 19 19 LEU LEU B . n 
B 1 20 LYS 20 20 20 LYS LYS B . n 
B 1 21 GLU 21 21 21 GLU GLU B . n 
B 1 22 ALA 22 22 22 ALA ALA B . n 
B 1 23 LEU 23 23 23 LEU LEU B . n 
B 1 24 LEU 24 24 24 LEU LEU B . n 
B 1 25 ASP 25 25 25 ASP ASP B . n 
B 1 26 THR 26 26 26 THR THR B . n 
B 1 27 GLY 27 27 27 GLY GLY B . n 
B 1 28 ALA 28 28 28 ALA ALA B . n 
B 1 29 ASP 29 29 29 ASP ASP B . n 
B 1 30 ASP 30 30 30 ASP ASP B . n 
B 1 31 SER 31 31 31 SER SER B . n 
B 1 32 ILE 32 32 32 ILE ILE B . n 
B 1 33 VAL 33 33 33 VAL VAL B . n 
B 1 34 ALA 34 34 34 ALA ALA B . n 
B 1 35 GLY 35 35 35 GLY GLY B . n 
B 1 36 ILE 36 36 36 ILE ILE B . n 
B 1 37 GLU 37 37 37 GLU GLU B . n 
B 1 38 LEU 38 38 38 LEU LEU B . n 
B 1 39 PRO 39 39 39 PRO PRO B . n 
B 1 40 GLY 40 40 40 GLY GLY B . n 
B 1 41 ARG 41 41 41 ARG ARG B . n 
B 1 42 TRP 42 42 42 TRP TRP B . n 
B 1 43 LYS 43 43 43 LYS LYS B . n 
B 1 44 PRO 44 44 44 PRO PRO B . n 
B 1 45 LYS 45 45 45 LYS LYS B . n 
B 1 46 MET 46 46 46 MET MET B . n 
B 1 47 VAL 47 47 47 VAL VAL B . n 
B 1 48 GLY 48 48 48 GLY GLY B . n 
B 1 49 GLY 49 49 49 GLY GLY B . n 
B 1 50 ILE 50 50 50 ILE ILE B . n 
B 1 51 GLY 51 51 51 GLY GLY B . n 
B 1 52 GLY 52 52 52 GLY GLY B . n 
B 1 53 PHE 53 53 53 PHE PHE B . n 
B 1 54 ILE 54 54 54 ILE ILE B . n 
B 1 55 LYS 55 55 55 LYS LYS B . n 
B 1 56 VAL 56 56 56 VAL VAL B . n 
B 1 57 ARG 57 57 57 ARG ARG B . n 
B 1 58 GLN 58 58 58 GLN GLN B . n 
B 1 59 TYR 59 59 59 TYR TYR B . n 
B 1 60 ASP 60 60 60 ASP ASP B . n 
B 1 61 GLN 61 61 61 GLN GLN B . n 
B 1 62 ILE 62 62 62 ILE ILE B . n 
B 1 63 LEU 63 63 63 LEU LEU B . n 
B 1 64 ILE 64 64 64 ILE ILE B . n 
B 1 65 GLU 65 65 65 GLU GLU B . n 
B 1 66 ILE 66 66 66 ILE ILE B . n 
B 1 67 CYS 67 67 67 CYS CYS B . n 
B 1 68 GLY 68 68 68 GLY GLY B . n 
B 1 69 HIS 69 69 69 HIS HIS B . n 
B 1 70 LYS 70 70 70 LYS LYS B . n 
B 1 71 ALA 71 71 71 ALA ALA B . n 
B 1 72 ILE 72 72 72 ILE ILE B . n 
B 1 73 GLY 73 73 73 GLY GLY B . n 
B 1 74 THR 74 74 74 THR THR B . n 
B 1 75 VAL 75 75 75 VAL VAL B . n 
B 1 76 LEU 76 76 76 LEU LEU B . n 
B 1 77 VAL 77 77 77 VAL VAL B . n 
B 1 78 GLY 78 78 78 GLY GLY B . n 
B 1 79 PRO 79 79 79 PRO PRO B . n 
B 1 80 THR 80 80 80 THR THR B . n 
B 1 81 PRO 81 81 81 PRO PRO B . n 
B 1 82 ILE 82 82 82 ILE ILE B . n 
B 1 83 ASN 83 83 83 ASN ASN B . n 
B 1 84 ILE 84 84 84 ILE ILE B . n 
B 1 85 ILE 85 85 85 ILE ILE B . n 
B 1 86 GLY 86 86 86 GLY GLY B . n 
B 1 87 ARG 87 87 87 ARG ARG B . n 
B 1 88 ASN 88 88 88 ASN ASN B . n 
B 1 89 LEU 89 89 89 LEU LEU B . n 
B 1 90 LEU 90 90 90 LEU LEU B . n 
B 1 91 THR 91 91 91 THR THR B . n 
B 1 92 GLN 92 92 92 GLN GLN B . n 
B 1 93 ILE 93 93 93 ILE ILE B . n 
B 1 94 GLY 94 94 94 GLY GLY B . n 
B 1 95 CYS 95 95 95 CYS CYS B . n 
B 1 96 THR 96 96 96 THR THR B . n 
B 1 97 LEU 97 97 97 LEU LEU B . n 
B 1 98 ASN 98 98 98 ASN ASN B . n 
B 1 99 PHE 99 99 99 PHE PHE B . n 
# 
loop_
_pdbx_nonpoly_scheme.asym_id 
_pdbx_nonpoly_scheme.entity_id 
_pdbx_nonpoly_scheme.mon_id 
_pdbx_nonpoly_scheme.ndb_seq_num 
_pdbx_nonpoly_scheme.pdb_seq_num 
_pdbx_nonpoly_scheme.auth_seq_num 
_pdbx_nonpoly_scheme.pdb_mon_id 
_pdbx_nonpoly_scheme.auth_mon_id 
_pdbx_nonpoly_scheme.pdb_strand_id 
_pdbx_nonpoly_scheme.pdb_ins_code 
C 2 IM1 1  400 400 IM1 IM1 B . 
D 3 HOH 1  501 501 HOH HOH A . 
D 3 HOH 2  503 503 HOH HOH A . 
D 3 HOH 3  505 505 HOH HOH A . 
D 3 HOH 4  507 507 HOH HOH A . 
D 3 HOH 5  510 510 HOH HOH A . 
D 3 HOH 6  511 511 HOH HOH A . 
D 3 HOH 7  513 513 HOH HOH A . 
D 3 HOH 8  518 518 HOH HOH A . 
D 3 HOH 9  520 520 HOH HOH A . 
D 3 HOH 10 521 521 HOH HOH A . 
D 3 HOH 11 524 524 HOH HOH A . 
D 3 HOH 12 526 526 HOH HOH A . 
D 3 HOH 13 529 529 HOH HOH A . 
D 3 HOH 14 539 539 HOH HOH A . 
D 3 HOH 15 542 542 HOH HOH A . 
D 3 HOH 16 544 544 HOH HOH A . 
D 3 HOH 17 557 557 HOH HOH A . 
E 3 HOH 1  500 500 HOH HOH B . 
E 3 HOH 2  502 502 HOH HOH B . 
E 3 HOH 3  504 504 HOH HOH B . 
E 3 HOH 4  506 506 HOH HOH B . 
E 3 HOH 5  508 508 HOH HOH B . 
E 3 HOH 6  512 512 HOH HOH B . 
E 3 HOH 7  514 514 HOH HOH B . 
E 3 HOH 8  517 517 HOH HOH B . 
E 3 HOH 9  519 519 HOH HOH B . 
E 3 HOH 10 523 523 HOH HOH B . 
E 3 HOH 11 527 527 HOH HOH B . 
E 3 HOH 12 531 531 HOH HOH B . 
E 3 HOH 13 533 533 HOH HOH B . 
E 3 HOH 14 534 534 HOH HOH B . 
E 3 HOH 15 536 536 HOH HOH B . 
E 3 HOH 16 537 537 HOH HOH B . 
E 3 HOH 17 538 538 HOH HOH B . 
E 3 HOH 18 540 540 HOH HOH B . 
E 3 HOH 19 543 543 HOH HOH B . 
E 3 HOH 20 546 546 HOH HOH B . 
E 3 HOH 21 548 548 HOH HOH B . 
E 3 HOH 22 549 549 HOH HOH B . 
E 3 HOH 23 551 551 HOH HOH B . 
E 3 HOH 24 554 554 HOH HOH B . 
E 3 HOH 25 555 555 HOH HOH B . 
E 3 HOH 26 556 556 HOH HOH B . 
# 
_pdbx_unobs_or_zero_occ_atoms.id               1 
_pdbx_unobs_or_zero_occ_atoms.PDB_model_num    1 
_pdbx_unobs_or_zero_occ_atoms.polymer_flag     N 
_pdbx_unobs_or_zero_occ_atoms.occupancy_flag   1 
_pdbx_unobs_or_zero_occ_atoms.auth_asym_id     B 
_pdbx_unobs_or_zero_occ_atoms.auth_comp_id     IM1 
_pdbx_unobs_or_zero_occ_atoms.auth_seq_id      400 
_pdbx_unobs_or_zero_occ_atoms.PDB_ins_code     ? 
_pdbx_unobs_or_zero_occ_atoms.auth_atom_id     C33 
_pdbx_unobs_or_zero_occ_atoms.label_alt_id     ? 
_pdbx_unobs_or_zero_occ_atoms.label_asym_id    C 
_pdbx_unobs_or_zero_occ_atoms.label_comp_id    IM1 
_pdbx_unobs_or_zero_occ_atoms.label_seq_id     1 
_pdbx_unobs_or_zero_occ_atoms.label_atom_id    C33 
# 
loop_
_software.name 
_software.classification 
_software.version 
_software.citation_id 
_software.pdbx_ordinal 
X-PLOR    'model building' 3.1 ? 1 
X-PLOR    refinement       3.1 ? 2 
DENZO     'data reduction' .   ? 3 
SCALEPACK 'data scaling'   .   ? 4 
X-PLOR    phasing          3.1 ? 5 
# 
_cell.entry_id           1BDQ 
_cell.length_a           62.910 
_cell.length_b           62.910 
_cell.length_c           83.560 
_cell.angle_alpha        90.00 
_cell.angle_beta         90.00 
_cell.angle_gamma        120.00 
_cell.Z_PDB              12 
_cell.pdbx_unique_axis   ? 
# 
_symmetry.entry_id                         1BDQ 
_symmetry.space_group_name_H-M             'P 61' 
_symmetry.pdbx_full_space_group_name_H-M   ? 
_symmetry.cell_setting                     ? 
_symmetry.Int_Tables_number                169 
# 
_exptl.entry_id          1BDQ 
_exptl.method            'X-RAY DIFFRACTION' 
_exptl.crystals_number   1 
# 
_exptl_crystal.id                    1 
_exptl_crystal.density_meas          ? 
_exptl_crystal.density_Matthews      2.22 
_exptl_crystal.density_percent_sol   45 
_exptl_crystal.description           ? 
# 
_exptl_crystal_grow.crystal_id      1 
_exptl_crystal_grow.method          'VAPOR DIFFUSION, HANGING DROP' 
_exptl_crystal_grow.temp            294 
_exptl_crystal_grow.temp_details    ? 
_exptl_crystal_grow.pH              5.6 
_exptl_crystal_grow.pdbx_pH_range   ? 
_exptl_crystal_grow.pdbx_details    
;HANGING DROP VAPOUR DIFFUSION, BY MIXING EQUAL VOLUMES OF RESERVOIR AND SAMPLE, 21 DEGREES C. RESERVOIR: 35% 3.5 MG/ML PROTEIN/INHIBITOR COMPLEX AT 1:5 MOLAR RATIO., pH 5.6, vapor diffusion - hanging drop, temperature 294K
;
# 
_diffrn.id                     1 
_diffrn.ambient_temp           292 
_diffrn.ambient_temp_details   ? 
_diffrn.crystal_id             1 
# 
_diffrn_detector.diffrn_id              1 
_diffrn_detector.detector               'IMAGE PLATE' 
_diffrn_detector.type                   MARRESEARCH 
_diffrn_detector.pdbx_collection_date   1997-11 
_diffrn_detector.details                MIRRORS 
# 
_diffrn_radiation.diffrn_id                        1 
_diffrn_radiation.wavelength_id                    1 
_diffrn_radiation.pdbx_monochromatic_or_laue_m_l   M 
_diffrn_radiation.monochromator                    'NI FILTER' 
_diffrn_radiation.pdbx_diffrn_protocol             ? 
_diffrn_radiation.pdbx_scattering_type             x-ray 
# 
_diffrn_radiation_wavelength.id           1 
_diffrn_radiation_wavelength.wavelength   1.5418 
_diffrn_radiation_wavelength.wt           1.0 
# 
_diffrn_source.diffrn_id                   1 
_diffrn_source.source                      'ROTATING ANODE' 
_diffrn_source.type                        'RIGAKU RUH2R' 
_diffrn_source.pdbx_synchrotron_site       ? 
_diffrn_source.pdbx_synchrotron_beamline   ? 
_diffrn_source.pdbx_wavelength             1.5418 
_diffrn_source.pdbx_wavelength_list        ? 
# 
_reflns.entry_id                     1BDQ 
_reflns.observed_criterion_sigma_I   1.0 
_reflns.observed_criterion_sigma_F   ? 
_reflns.d_resolution_low             20.0 
_reflns.d_resolution_high            2.5 
_reflns.number_obs                   5858 
_reflns.number_all                   ? 
_reflns.percent_possible_obs         99.0 
_reflns.pdbx_Rmerge_I_obs            0.1400000 
_reflns.pdbx_Rsym_value              0.1400000 
_reflns.pdbx_netI_over_sigmaI        14.1 
_reflns.B_iso_Wilson_estimate        ? 
_reflns.pdbx_redundancy              3.1 
_reflns.pdbx_diffrn_id               1 
_reflns.pdbx_ordinal                 1 
# 
_reflns_shell.d_res_high             2.5 
_reflns_shell.d_res_low              2.59 
_reflns_shell.percent_possible_all   53.7 
_reflns_shell.Rmerge_I_obs           0.7000000 
_reflns_shell.pdbx_Rsym_value        0.0800000 
_reflns_shell.meanI_over_sigI_obs    6.4 
_reflns_shell.pdbx_redundancy        3.0 
_reflns_shell.pdbx_diffrn_id         ? 
_reflns_shell.pdbx_ordinal           1 
# 
_refine.entry_id                                 1BDQ 
_refine.ls_number_reflns_obs                     5858 
_refine.ls_number_reflns_all                     ? 
_refine.pdbx_ls_sigma_I                          ? 
_refine.pdbx_ls_sigma_F                          0.0 
_refine.pdbx_data_cutoff_high_absF               ? 
_refine.pdbx_data_cutoff_low_absF                0.0 
_refine.pdbx_data_cutoff_high_rms_absF           ? 
_refine.ls_d_res_low                             20.0 
_refine.ls_d_res_high                            2.5 
_refine.ls_percent_reflns_obs                    95.6 
_refine.ls_R_factor_obs                          0.1910000 
_refine.ls_R_factor_all                          ? 
_refine.ls_R_factor_R_work                       0.1910000 
_refine.ls_R_factor_R_free                       0.2610000 
_refine.ls_R_factor_R_free_error                 0.02 
_refine.ls_R_factor_R_free_error_details         ? 
_refine.ls_percent_reflns_R_free                 10.0 
_refine.ls_number_reflns_R_free                  585 
_refine.ls_number_parameters                     ? 
_refine.ls_number_restraints                     ? 
_refine.occupancy_min                            ? 
_refine.occupancy_max                            ? 
_refine.B_iso_mean                               19.1 
_refine.aniso_B[1][1]                            19.1 
_refine.aniso_B[2][2]                            19.1 
_refine.aniso_B[3][3]                            19.1 
_refine.aniso_B[1][2]                            19.1 
_refine.aniso_B[1][3]                            19.1 
_refine.aniso_B[2][3]                            19.1 
_refine.solvent_model_details                    ? 
_refine.solvent_model_param_ksol                 ? 
_refine.solvent_model_param_bsol                 ? 
_refine.pdbx_ls_cross_valid_method               THROUGHOUT 
_refine.details                                  ? 
_refine.pdbx_starting_model                      'PDB ENTRY 1SBG' 
_refine.pdbx_method_to_determine_struct          'DIFFERENCE FOURIER' 
_refine.pdbx_isotropic_thermal_model             RESTRAINED 
_refine.pdbx_stereochemistry_target_values       ? 
_refine.pdbx_stereochem_target_val_spec_case     ? 
_refine.pdbx_R_Free_selection_details            RANDOM 
_refine.pdbx_overall_ESU_R                       ? 
_refine.pdbx_overall_ESU_R_Free                  ? 
_refine.overall_SU_ML                            ? 
_refine.overall_SU_B                             ? 
_refine.pdbx_refine_id                           'X-RAY DIFFRACTION' 
_refine.pdbx_diffrn_id                           1 
_refine.pdbx_TLS_residual_ADP_flag               ? 
_refine.correlation_coeff_Fo_to_Fc               ? 
_refine.correlation_coeff_Fo_to_Fc_free          ? 
_refine.pdbx_solvent_vdw_probe_radii             ? 
_refine.pdbx_solvent_ion_probe_radii             ? 
_refine.pdbx_solvent_shrinkage_radii             ? 
_refine.pdbx_overall_phase_error                 ? 
_refine.overall_SU_R_Cruickshank_DPI             ? 
_refine.pdbx_overall_SU_R_free_Cruickshank_DPI   ? 
_refine.pdbx_overall_SU_R_Blow_DPI               ? 
_refine.pdbx_overall_SU_R_free_Blow_DPI          ? 
# 
_refine_analyze.entry_id                        1BDQ 
_refine_analyze.Luzzati_coordinate_error_obs    0.25 
_refine_analyze.Luzzati_sigma_a_obs             ? 
_refine_analyze.Luzzati_d_res_low_obs           ? 
_refine_analyze.Luzzati_coordinate_error_free   ? 
_refine_analyze.Luzzati_sigma_a_free            ? 
_refine_analyze.Luzzati_d_res_low_free          ? 
_refine_analyze.number_disordered_residues      ? 
_refine_analyze.occupancy_sum_hydrogen          ? 
_refine_analyze.occupancy_sum_non_hydrogen      ? 
_refine_analyze.pdbx_refine_id                  'X-RAY DIFFRACTION' 
# 
_refine_hist.pdbx_refine_id                   'X-RAY DIFFRACTION' 
_refine_hist.cycle_id                         LAST 
_refine_hist.pdbx_number_atoms_protein        1502 
_refine_hist.pdbx_number_atoms_nucleic_acid   0 
_refine_hist.pdbx_number_atoms_ligand         39 
_refine_hist.number_atoms_solvent             53 
_refine_hist.number_atoms_total               1594 
_refine_hist.d_res_high                       2.5 
_refine_hist.d_res_low                        20.0 
# 
loop_
_refine_ls_restr.type 
_refine_ls_restr.dev_ideal 
_refine_ls_restr.dev_ideal_target 
_refine_ls_restr.weight 
_refine_ls_restr.number 
_refine_ls_restr.pdbx_refine_id 
_refine_ls_restr.pdbx_restraint_function 
x_bond_d                0.014 ? ? ? 'X-RAY DIFFRACTION' ? 
x_bond_d_na             ?     ? ? ? 'X-RAY DIFFRACTION' ? 
x_bond_d_prot           ?     ? ? ? 'X-RAY DIFFRACTION' ? 
x_angle_d               ?     ? ? ? 'X-RAY DIFFRACTION' ? 
x_angle_d_na            ?     ? ? ? 'X-RAY DIFFRACTION' ? 
x_angle_d_prot          ?     ? ? ? 'X-RAY DIFFRACTION' ? 
x_angle_deg             3.3   ? ? ? 'X-RAY DIFFRACTION' ? 
x_angle_deg_na          ?     ? ? ? 'X-RAY DIFFRACTION' ? 
x_angle_deg_prot        ?     ? ? ? 'X-RAY DIFFRACTION' ? 
x_dihedral_angle_d      28.5  ? ? ? 'X-RAY DIFFRACTION' ? 
x_dihedral_angle_d_na   ?     ? ? ? 'X-RAY DIFFRACTION' ? 
x_dihedral_angle_d_prot ?     ? ? ? 'X-RAY DIFFRACTION' ? 
x_improper_angle_d      1.5   ? ? ? 'X-RAY DIFFRACTION' ? 
x_improper_angle_d_na   ?     ? ? ? 'X-RAY DIFFRACTION' ? 
x_improper_angle_d_prot ?     ? ? ? 'X-RAY DIFFRACTION' ? 
x_mcbond_it             ?     ? ? ? 'X-RAY DIFFRACTION' ? 
x_mcangle_it            ?     ? ? ? 'X-RAY DIFFRACTION' ? 
x_scbond_it             ?     ? ? ? 'X-RAY DIFFRACTION' ? 
x_scangle_it            ?     ? ? ? 'X-RAY DIFFRACTION' ? 
# 
_refine_ls_shell.pdbx_total_number_of_bins_used   8 
_refine_ls_shell.d_res_high                       2.5 
_refine_ls_shell.d_res_low                        2.56 
_refine_ls_shell.number_reflns_R_work             581 
_refine_ls_shell.R_factor_R_work                  ? 
_refine_ls_shell.percent_reflns_obs               53.7 
_refine_ls_shell.R_factor_R_free                  ? 
_refine_ls_shell.R_factor_R_free_error            ? 
_refine_ls_shell.percent_reflns_R_free            ? 
_refine_ls_shell.number_reflns_R_free             ? 
_refine_ls_shell.pdbx_refine_id                   'X-RAY DIFFRACTION' 
_refine_ls_shell.number_reflns_all                ? 
_refine_ls_shell.R_factor_all                     ? 
# 
loop_
_pdbx_xplor_file.serial_no 
_pdbx_xplor_file.param_file 
_pdbx_xplor_file.topol_file 
_pdbx_xplor_file.pdbx_refine_id 
1 PARHCSDX.PRO TOPHCSDX.PRO 'X-RAY DIFFRACTION' 
2 PARAM19.SOL  TOPH19.SOL   'X-RAY DIFFRACTION' 
3 IM1.PARAM    IM1.TOPOL    'X-RAY DIFFRACTION' 
4 PARAM19X.PRO TOPH19X.PRO  'X-RAY DIFFRACTION' 
# 
_struct.entry_id                  1BDQ 
_struct.title                     'HIV-1 (2:31-37, 47, 82) PROTEASE COMPLEXED WITH INHIBITOR SB203386' 
_struct.pdbx_model_details        ? 
_struct.pdbx_CASP_flag            ? 
_struct.pdbx_model_type_details   ? 
# 
_struct_keywords.entry_id        1BDQ 
_struct_keywords.pdbx_keywords   HYDROLASE 
_struct_keywords.text            
'HYDROLASE, AIDS, POLYPROTEIN, ASPARTYL PROTEASE, ACID PROTEASE, HYDROXYETHYLENE ISOSTERE INHIBITOR, SUBSTRATE ANALOGUE INHIBITOR' 
# 
loop_
_struct_asym.id 
_struct_asym.pdbx_blank_PDB_chainid_flag 
_struct_asym.pdbx_modified 
_struct_asym.entity_id 
_struct_asym.details 
A N N 1 ? 
B N N 1 ? 
C N N 2 ? 
D N N 3 ? 
E N N 3 ? 
# 
_struct_ref.id                         1 
_struct_ref.db_name                    UNP 
_struct_ref.db_code                    POL_HV1B5 
_struct_ref.entity_id                  1 
_struct_ref.pdbx_db_accession          P04587 
_struct_ref.pdbx_align_begin           1 
_struct_ref.pdbx_seq_one_letter_code   
;FFREDLAFLQGKAREFSSEQTRANSPTISSEQTRANSPTRRELQVWGRDNNSPSEAGADRQGTVSFNFPQITLWQRPLVT
IKIGGQLKEALLDTGADDTVLEEMSLPGRWKPKMIGGIGGFIKVRQYDQILIEICGHKAIGTVLVGPTPVNIIGRNLLTQ
IGCTLNFPISPIETVPVKLKPGMDGPKVKQWPLTEEKIKALVEICTEMEKEGKISKIGPENPYNTPVFAIKKKDSTKWRK
LVDFRELNRRTQDFWEVQLGIPHPAGLKKKKSVTVLDVGDAYFSVPLDEDFRKYTAFTIPSINNETPGSGYQYNVLPQGW
KGSPAIFQSSMTKILEPFRKQNPDIVIYQYMDDLYVGSDLEIGQHRTKIEELRQHLLRWGFTTPDKKHQKEPPFLWMGYE
LHPDKWTIQPIVLPEKDSWTVNDIQKLVGKLNWASQIYPGIKVRQLCKLLRGTKALTEVIPLTEEAELELAENREILKEP
VHGVYYDPSKDLIAEIQKQGQGQWTYQIYQEPFKNLKTGKYARMRGAHTNDVKQLTEAVQKITTESIVIWGKTPKFKLPI
QKETWETWWTEYWQATWIPEWEFVNTPPLVKLWYQLEKEPIVGAETFYVDGAASRETKLGKAGYVTNRGRQKVVTLTHTT
NQKTELQAIHLALQDSGLEVNIVTDSQYALGIIQAQPDKSESELVNQIIEQLIKKEKVYLAWVPAHKGIGGNEQVDKLVS
AGIRKILFLDGIDKAQEEHEKYHSNWRAMASDFNLPPVVAKEIVASCDKCQLKGEAMHGQVDCSPGIWQLDCTHLEGKVI
LVAVHVASGYIEAEVIPAETGQETAYFLLKLAGRWPVKTIHTDNGSNFTSATVKAACWWAGIKQEFGIPYNPQSQGVVES
MNKELKKIIGQVRDQAEHLKTAVQMAVFIHNFKRKGGIGGYSAGERIVDIIATDIQTKELQKQITKIQNFRVYYRDSRNP
LWKGPAKLLWKGEGAVVIQDNSDIKVVPRRKAKIIRDYGKQMAGDDCVASRQDED
;
_struct_ref.pdbx_db_isoform            ? 
# 
loop_
_struct_ref_seq.align_id 
_struct_ref_seq.ref_id 
_struct_ref_seq.pdbx_PDB_id_code 
_struct_ref_seq.pdbx_strand_id 
_struct_ref_seq.seq_align_beg 
_struct_ref_seq.pdbx_seq_align_beg_ins_code 
_struct_ref_seq.seq_align_end 
_struct_ref_seq.pdbx_seq_align_end_ins_code 
_struct_ref_seq.pdbx_db_accession 
_struct_ref_seq.db_align_beg 
_struct_ref_seq.pdbx_db_align_beg_ins_code 
_struct_ref_seq.db_align_end 
_struct_ref_seq.pdbx_db_align_end_ins_code 
_struct_ref_seq.pdbx_auth_seq_align_beg 
_struct_ref_seq.pdbx_auth_seq_align_end 
1 1 1BDQ A 1 ? 99 ? P04587 69 ? 167 ? 1 99 
2 1 1BDQ B 1 ? 99 ? P04587 69 ? 167 ? 1 99 
# 
loop_
_struct_ref_seq_dif.align_id 
_struct_ref_seq_dif.pdbx_pdb_id_code 
_struct_ref_seq_dif.mon_id 
_struct_ref_seq_dif.pdbx_pdb_strand_id 
_struct_ref_seq_dif.seq_num 
_struct_ref_seq_dif.pdbx_pdb_ins_code 
_struct_ref_seq_dif.pdbx_seq_db_name 
_struct_ref_seq_dif.pdbx_seq_db_accession_code 
_struct_ref_seq_dif.db_mon_id 
_struct_ref_seq_dif.pdbx_seq_db_seq_num 
_struct_ref_seq_dif.details 
_struct_ref_seq_dif.pdbx_auth_seq_num 
_struct_ref_seq_dif.pdbx_ordinal 
1 1BDQ SER A 31 ? UNP P04587 THR 99  'engineered mutation' 31 1  
1 1BDQ ILE A 32 ? UNP P04587 VAL 100 'engineered mutation' 32 2  
1 1BDQ VAL A 33 ? UNP P04587 LEU 101 'engineered mutation' 33 3  
1 1BDQ ALA A 34 ? UNP P04587 GLU 102 'engineered mutation' 34 4  
1 1BDQ GLY A 35 ? UNP P04587 GLU 103 'engineered mutation' 35 5  
1 1BDQ ILE A 36 ? UNP P04587 MET 104 'engineered mutation' 36 6  
1 1BDQ GLU A 37 ? UNP P04587 SER 105 'engineered mutation' 37 7  
1 1BDQ VAL A 47 ? UNP P04587 ILE 115 'engineered mutation' 47 8  
1 1BDQ ILE A 82 ? UNP P04587 VAL 150 'engineered mutation' 82 9  
2 1BDQ SER B 31 ? UNP P04587 THR 99  'engineered mutation' 31 10 
2 1BDQ ILE B 32 ? UNP P04587 VAL 100 'engineered mutation' 32 11 
2 1BDQ VAL B 33 ? UNP P04587 LEU 101 'engineered mutation' 33 12 
2 1BDQ ALA B 34 ? UNP P04587 GLU 102 'engineered mutation' 34 13 
2 1BDQ GLY B 35 ? UNP P04587 GLU 103 'engineered mutation' 35 14 
2 1BDQ ILE B 36 ? UNP P04587 MET 104 'engineered mutation' 36 15 
2 1BDQ GLU B 37 ? UNP P04587 SER 105 'engineered mutation' 37 16 
2 1BDQ VAL B 47 ? UNP P04587 ILE 115 'engineered mutation' 47 17 
2 1BDQ ILE B 82 ? UNP P04587 VAL 150 'engineered mutation' 82 18 
# 
_pdbx_struct_assembly.id                   1 
_pdbx_struct_assembly.details              author_and_software_defined_assembly 
_pdbx_struct_assembly.method_details       PISA 
_pdbx_struct_assembly.oligomeric_details   dimeric 
_pdbx_struct_assembly.oligomeric_count     2 
# 
loop_
_pdbx_struct_assembly_prop.biol_id 
_pdbx_struct_assembly_prop.type 
_pdbx_struct_assembly_prop.value 
_pdbx_struct_assembly_prop.details 
1 'ABSA (A^2)' 4890 ? 
1 MORE         -25  ? 
1 'SSA (A^2)'  9430 ? 
# 
_pdbx_struct_assembly_gen.assembly_id       1 
_pdbx_struct_assembly_gen.oper_expression   1 
_pdbx_struct_assembly_gen.asym_id_list      A,B,C,D,E 
# 
_pdbx_struct_oper_list.id                   1 
_pdbx_struct_oper_list.type                 'identity operation' 
_pdbx_struct_oper_list.name                 1_555 
_pdbx_struct_oper_list.symmetry_operation   x,y,z 
_pdbx_struct_oper_list.matrix[1][1]         1.0000000000 
_pdbx_struct_oper_list.matrix[1][2]         0.0000000000 
_pdbx_struct_oper_list.matrix[1][3]         0.0000000000 
_pdbx_struct_oper_list.vector[1]            0.0000000000 
_pdbx_struct_oper_list.matrix[2][1]         0.0000000000 
_pdbx_struct_oper_list.matrix[2][2]         1.0000000000 
_pdbx_struct_oper_list.matrix[2][3]         0.0000000000 
_pdbx_struct_oper_list.vector[2]            0.0000000000 
_pdbx_struct_oper_list.matrix[3][1]         0.0000000000 
_pdbx_struct_oper_list.matrix[3][2]         0.0000000000 
_pdbx_struct_oper_list.matrix[3][3]         1.0000000000 
_pdbx_struct_oper_list.vector[3]            0.0000000000 
# 
_struct_biol.id   1 
# 
loop_
_struct_conf.conf_type_id 
_struct_conf.id 
_struct_conf.pdbx_PDB_helix_id 
_struct_conf.beg_label_comp_id 
_struct_conf.beg_label_asym_id 
_struct_conf.beg_label_seq_id 
_struct_conf.pdbx_beg_PDB_ins_code 
_struct_conf.end_label_comp_id 
_struct_conf.end_label_asym_id 
_struct_conf.end_label_seq_id 
_struct_conf.pdbx_end_PDB_ins_code 
_struct_conf.beg_auth_comp_id 
_struct_conf.beg_auth_asym_id 
_struct_conf.beg_auth_seq_id 
_struct_conf.end_auth_comp_id 
_struct_conf.end_auth_asym_id 
_struct_conf.end_auth_seq_id 
_struct_conf.pdbx_PDB_helix_class 
_struct_conf.details 
_struct_conf.pdbx_PDB_helix_length 
HELX_P HELX_P1 1 ARG A 87 ? ILE A 93 ? ARG A 87 ILE A 93 1 ? 7 
HELX_P HELX_P2 2 ARG B 87 ? LEU B 90 ? ARG B 87 LEU B 90 1 ? 4 
# 
_struct_conf_type.id          HELX_P 
_struct_conf_type.criteria    ? 
_struct_conf_type.reference   ? 
# 
loop_
_struct_sheet.id 
_struct_sheet.type 
_struct_sheet.number_strands 
_struct_sheet.details 
A ? 3 ? 
B ? 2 ? 
C ? 4 ? 
D ? 2 ? 
E ? 2 ? 
F ? 3 ? 
G ? 2 ? 
# 
loop_
_struct_sheet_order.sheet_id 
_struct_sheet_order.range_id_1 
_struct_sheet_order.range_id_2 
_struct_sheet_order.offset 
_struct_sheet_order.sense 
A 1 2 ? anti-parallel 
A 2 3 ? anti-parallel 
B 1 2 ? anti-parallel 
C 1 2 ? parallel      
C 2 3 ? anti-parallel 
C 3 4 ? anti-parallel 
D 1 2 ? anti-parallel 
E 1 2 ? anti-parallel 
F 1 2 ? anti-parallel 
F 2 3 ? anti-parallel 
G 1 2 ? anti-parallel 
# 
loop_
_struct_sheet_range.sheet_id 
_struct_sheet_range.id 
_struct_sheet_range.beg_label_comp_id 
_struct_sheet_range.beg_label_asym_id 
_struct_sheet_range.beg_label_seq_id 
_struct_sheet_range.pdbx_beg_PDB_ins_code 
_struct_sheet_range.end_label_comp_id 
_struct_sheet_range.end_label_asym_id 
_struct_sheet_range.end_label_seq_id 
_struct_sheet_range.pdbx_end_PDB_ins_code 
_struct_sheet_range.beg_auth_comp_id 
_struct_sheet_range.beg_auth_asym_id 
_struct_sheet_range.beg_auth_seq_id 
_struct_sheet_range.end_auth_comp_id 
_struct_sheet_range.end_auth_asym_id 
_struct_sheet_range.end_auth_seq_id 
A 1 GLN A 2  ? THR A 4  ? GLN A 2  THR A 4  
A 2 THR B 96 ? ASN B 98 ? THR B 96 ASN B 98 
A 3 THR A 96 ? ASN A 98 ? THR A 96 ASN A 98 
B 1 LEU A 10 ? ILE A 15 ? LEU A 10 ILE A 15 
B 2 GLN A 18 ? LEU A 23 ? GLN A 18 LEU A 23 
C 1 SER A 31 ? ALA A 34 ? SER A 31 ALA A 34 
C 2 VAL A 75 ? GLY A 78 ? VAL A 75 GLY A 78 
C 3 GLY A 52 ? TYR A 59 ? GLY A 52 TYR A 59 
C 4 LYS A 43 ? GLY A 49 ? LYS A 43 GLY A 49 
D 1 ILE A 62 ? ILE A 66 ? ILE A 62 ILE A 66 
D 2 HIS A 69 ? GLY A 73 ? HIS A 69 GLY A 73 
E 1 LEU B 10 ? ILE B 15 ? LEU B 10 ILE B 15 
E 2 GLN B 18 ? LEU B 23 ? GLN B 18 LEU B 23 
F 1 LYS B 43 ? GLY B 49 ? LYS B 43 GLY B 49 
F 2 GLY B 52 ? TYR B 59 ? GLY B 52 TYR B 59 
F 3 VAL B 75 ? VAL B 77 ? VAL B 75 VAL B 77 
G 1 ILE B 62 ? ILE B 66 ? ILE B 62 ILE B 66 
G 2 HIS B 69 ? GLY B 73 ? HIS B 69 GLY B 73 
# 
loop_
_pdbx_struct_sheet_hbond.sheet_id 
_pdbx_struct_sheet_hbond.range_id_1 
_pdbx_struct_sheet_hbond.range_id_2 
_pdbx_struct_sheet_hbond.range_1_label_atom_id 
_pdbx_struct_sheet_hbond.range_1_label_comp_id 
_pdbx_struct_sheet_hbond.range_1_label_asym_id 
_pdbx_struct_sheet_hbond.range_1_label_seq_id 
_pdbx_struct_sheet_hbond.range_1_PDB_ins_code 
_pdbx_struct_sheet_hbond.range_1_auth_atom_id 
_pdbx_struct_sheet_hbond.range_1_auth_comp_id 
_pdbx_struct_sheet_hbond.range_1_auth_asym_id 
_pdbx_struct_sheet_hbond.range_1_auth_seq_id 
_pdbx_struct_sheet_hbond.range_2_label_atom_id 
_pdbx_struct_sheet_hbond.range_2_label_comp_id 
_pdbx_struct_sheet_hbond.range_2_label_asym_id 
_pdbx_struct_sheet_hbond.range_2_label_seq_id 
_pdbx_struct_sheet_hbond.range_2_PDB_ins_code 
_pdbx_struct_sheet_hbond.range_2_auth_atom_id 
_pdbx_struct_sheet_hbond.range_2_auth_comp_id 
_pdbx_struct_sheet_hbond.range_2_auth_asym_id 
_pdbx_struct_sheet_hbond.range_2_auth_seq_id 
A 1 2 O ILE A 3  ? O ILE A 3  N LEU B 97 ? N LEU B 97 
A 2 3 O THR B 96 ? O THR B 96 N ASN A 98 ? N ASN A 98 
B 1 2 O VAL A 11 ? O VAL A 11 N ALA A 22 ? N ALA A 22 
C 1 2 O SER A 31 ? O SER A 31 N LEU A 76 ? N LEU A 76 
C 2 3 O VAL A 75 ? O VAL A 75 N TYR A 59 ? N TYR A 59 
C 3 4 O GLY A 52 ? O GLY A 52 N GLY A 49 ? N GLY A 49 
D 1 2 O ILE A 62 ? O ILE A 62 N GLY A 73 ? N GLY A 73 
E 1 2 O VAL B 11 ? O VAL B 11 N ALA B 22 ? N ALA B 22 
F 1 2 O LYS B 43 ? O LYS B 43 N GLN B 58 ? N GLN B 58 
F 2 3 O ARG B 57 ? O ARG B 57 N VAL B 77 ? N VAL B 77 
G 1 2 O ILE B 62 ? O ILE B 62 N GLY B 73 ? N GLY B 73 
# 
loop_
_struct_site.id 
_struct_site.pdbx_evidence_code 
_struct_site.pdbx_auth_asym_id 
_struct_site.pdbx_auth_comp_id 
_struct_site.pdbx_auth_seq_id 
_struct_site.pdbx_auth_ins_code 
_struct_site.pdbx_num_residues 
_struct_site.details 
IM1 Unknown  ? ?   ?   ? 2  ?                                    
AC1 Software B IM1 400 ? 21 'BINDING SITE FOR RESIDUE IM1 B 400' 
# 
loop_
_struct_site_gen.id 
_struct_site_gen.site_id 
_struct_site_gen.pdbx_num_res 
_struct_site_gen.label_comp_id 
_struct_site_gen.label_asym_id 
_struct_site_gen.label_seq_id 
_struct_site_gen.pdbx_auth_ins_code 
_struct_site_gen.auth_comp_id 
_struct_site_gen.auth_asym_id 
_struct_site_gen.auth_seq_id 
_struct_site_gen.label_atom_id 
_struct_site_gen.label_alt_id 
_struct_site_gen.symmetry 
_struct_site_gen.details 
1  IM1 2  ASP A 29 ? ASP A 29  . ? 1_555 ? 
2  IM1 2  ASP B 29 ? ASP B 29  . ? 1_555 ? 
3  AC1 21 ARG A 8  ? ARG A 8   . ? 1_555 ? 
4  AC1 21 ASP A 25 ? ASP A 25  . ? 1_555 ? 
5  AC1 21 GLY A 27 ? GLY A 27  . ? 1_555 ? 
6  AC1 21 ALA A 28 ? ALA A 28  . ? 1_555 ? 
7  AC1 21 ASP A 29 ? ASP A 29  . ? 1_555 ? 
8  AC1 21 ASP A 30 ? ASP A 30  . ? 1_555 ? 
9  AC1 21 GLY A 48 ? GLY A 48  . ? 1_555 ? 
10 AC1 21 GLY A 49 ? GLY A 49  . ? 1_555 ? 
11 AC1 21 ILE A 50 ? ILE A 50  . ? 1_555 ? 
12 AC1 21 PRO A 81 ? PRO A 81  . ? 1_555 ? 
13 AC1 21 ILE A 82 ? ILE A 82  . ? 1_555 ? 
14 AC1 21 HOH D .  ? HOH A 505 . ? 1_555 ? 
15 AC1 21 ARG B 8  ? ARG B 8   . ? 1_555 ? 
16 AC1 21 ASP B 25 ? ASP B 25  . ? 1_555 ? 
17 AC1 21 GLY B 27 ? GLY B 27  . ? 1_555 ? 
18 AC1 21 ALA B 28 ? ALA B 28  . ? 1_555 ? 
19 AC1 21 ASP B 29 ? ASP B 29  . ? 1_555 ? 
20 AC1 21 GLY B 48 ? GLY B 48  . ? 1_555 ? 
21 AC1 21 GLY B 49 ? GLY B 49  . ? 1_555 ? 
22 AC1 21 ILE B 50 ? ILE B 50  . ? 1_555 ? 
23 AC1 21 ILE B 82 ? ILE B 82  . ? 1_555 ? 
# 
loop_
_pdbx_validate_rmsd_angle.id 
_pdbx_validate_rmsd_angle.PDB_model_num 
_pdbx_validate_rmsd_angle.auth_atom_id_1 
_pdbx_validate_rmsd_angle.auth_asym_id_1 
_pdbx_validate_rmsd_angle.auth_comp_id_1 
_pdbx_validate_rmsd_angle.auth_seq_id_1 
_pdbx_validate_rmsd_angle.PDB_ins_code_1 
_pdbx_validate_rmsd_angle.label_alt_id_1 
_pdbx_validate_rmsd_angle.auth_atom_id_2 
_pdbx_validate_rmsd_angle.auth_asym_id_2 
_pdbx_validate_rmsd_angle.auth_comp_id_2 
_pdbx_validate_rmsd_angle.auth_seq_id_2 
_pdbx_validate_rmsd_angle.PDB_ins_code_2 
_pdbx_validate_rmsd_angle.label_alt_id_2 
_pdbx_validate_rmsd_angle.auth_atom_id_3 
_pdbx_validate_rmsd_angle.auth_asym_id_3 
_pdbx_validate_rmsd_angle.auth_comp_id_3 
_pdbx_validate_rmsd_angle.auth_seq_id_3 
_pdbx_validate_rmsd_angle.PDB_ins_code_3 
_pdbx_validate_rmsd_angle.label_alt_id_3 
_pdbx_validate_rmsd_angle.angle_value 
_pdbx_validate_rmsd_angle.angle_target_value 
_pdbx_validate_rmsd_angle.angle_deviation 
_pdbx_validate_rmsd_angle.angle_standard_deviation 
_pdbx_validate_rmsd_angle.linker_flag 
1 1 N  A MET 46 ? ? CA A MET 46 ? ? C  A MET 46 ? ? 92.98  111.00 -18.02 2.70 N 
2 1 N  A ILE 85 ? ? CA A ILE 85 ? ? C  A ILE 85 ? ? 94.02  111.00 -16.98 2.70 N 
3 1 CA B LEU 23 ? ? CB B LEU 23 ? ? CG B LEU 23 ? ? 131.02 115.30 15.72  2.30 N 
4 1 CA B LEU 63 ? ? CB B LEU 63 ? ? CG B LEU 63 ? ? 130.22 115.30 14.92  2.30 N 
5 1 CA B CYS 67 ? ? CB B CYS 67 ? ? SG B CYS 67 ? ? 124.06 114.20 9.86   1.10 N 
# 
loop_
_pdbx_validate_torsion.id 
_pdbx_validate_torsion.PDB_model_num 
_pdbx_validate_torsion.auth_comp_id 
_pdbx_validate_torsion.auth_asym_id 
_pdbx_validate_torsion.auth_seq_id 
_pdbx_validate_torsion.PDB_ins_code 
_pdbx_validate_torsion.label_alt_id 
_pdbx_validate_torsion.phi 
_pdbx_validate_torsion.psi 
1 1 LEU A 5  ? ? -79.85 23.50 
2 1 GLN A 61 ? ? 38.87  48.70 
# 
loop_
_chem_comp_atom.comp_id 
_chem_comp_atom.atom_id 
_chem_comp_atom.type_symbol 
_chem_comp_atom.pdbx_aromatic_flag 
_chem_comp_atom.pdbx_stereo_config 
_chem_comp_atom.pdbx_ordinal 
ALA N    N N N 1   
ALA CA   C N S 2   
ALA C    C N N 3   
ALA O    O N N 4   
ALA CB   C N N 5   
ALA OXT  O N N 6   
ALA H    H N N 7   
ALA H2   H N N 8   
ALA HA   H N N 9   
ALA HB1  H N N 10  
ALA HB2  H N N 11  
ALA HB3  H N N 12  
ALA HXT  H N N 13  
ARG N    N N N 14  
ARG CA   C N S 15  
ARG C    C N N 16  
ARG O    O N N 17  
ARG CB   C N N 18  
ARG CG   C N N 19  
ARG CD   C N N 20  
ARG NE   N N N 21  
ARG CZ   C N N 22  
ARG NH1  N N N 23  
ARG NH2  N N N 24  
ARG OXT  O N N 25  
ARG H    H N N 26  
ARG H2   H N N 27  
ARG HA   H N N 28  
ARG HB2  H N N 29  
ARG HB3  H N N 30  
ARG HG2  H N N 31  
ARG HG3  H N N 32  
ARG HD2  H N N 33  
ARG HD3  H N N 34  
ARG HE   H N N 35  
ARG HH11 H N N 36  
ARG HH12 H N N 37  
ARG HH21 H N N 38  
ARG HH22 H N N 39  
ARG HXT  H N N 40  
ASN N    N N N 41  
ASN CA   C N S 42  
ASN C    C N N 43  
ASN O    O N N 44  
ASN CB   C N N 45  
ASN CG   C N N 46  
ASN OD1  O N N 47  
ASN ND2  N N N 48  
ASN OXT  O N N 49  
ASN H    H N N 50  
ASN H2   H N N 51  
ASN HA   H N N 52  
ASN HB2  H N N 53  
ASN HB3  H N N 54  
ASN HD21 H N N 55  
ASN HD22 H N N 56  
ASN HXT  H N N 57  
ASP N    N N N 58  
ASP CA   C N S 59  
ASP C    C N N 60  
ASP O    O N N 61  
ASP CB   C N N 62  
ASP CG   C N N 63  
ASP OD1  O N N 64  
ASP OD2  O N N 65  
ASP OXT  O N N 66  
ASP H    H N N 67  
ASP H2   H N N 68  
ASP HA   H N N 69  
ASP HB2  H N N 70  
ASP HB3  H N N 71  
ASP HD2  H N N 72  
ASP HXT  H N N 73  
CYS N    N N N 74  
CYS CA   C N R 75  
CYS C    C N N 76  
CYS O    O N N 77  
CYS CB   C N N 78  
CYS SG   S N N 79  
CYS OXT  O N N 80  
CYS H    H N N 81  
CYS H2   H N N 82  
CYS HA   H N N 83  
CYS HB2  H N N 84  
CYS HB3  H N N 85  
CYS HG   H N N 86  
CYS HXT  H N N 87  
GLN N    N N N 88  
GLN CA   C N S 89  
GLN C    C N N 90  
GLN O    O N N 91  
GLN CB   C N N 92  
GLN CG   C N N 93  
GLN CD   C N N 94  
GLN OE1  O N N 95  
GLN NE2  N N N 96  
GLN OXT  O N N 97  
GLN H    H N N 98  
GLN H2   H N N 99  
GLN HA   H N N 100 
GLN HB2  H N N 101 
GLN HB3  H N N 102 
GLN HG2  H N N 103 
GLN HG3  H N N 104 
GLN HE21 H N N 105 
GLN HE22 H N N 106 
GLN HXT  H N N 107 
GLU N    N N N 108 
GLU CA   C N S 109 
GLU C    C N N 110 
GLU O    O N N 111 
GLU CB   C N N 112 
GLU CG   C N N 113 
GLU CD   C N N 114 
GLU OE1  O N N 115 
GLU OE2  O N N 116 
GLU OXT  O N N 117 
GLU H    H N N 118 
GLU H2   H N N 119 
GLU HA   H N N 120 
GLU HB2  H N N 121 
GLU HB3  H N N 122 
GLU HG2  H N N 123 
GLU HG3  H N N 124 
GLU HE2  H N N 125 
GLU HXT  H N N 126 
GLY N    N N N 127 
GLY CA   C N N 128 
GLY C    C N N 129 
GLY O    O N N 130 
GLY OXT  O N N 131 
GLY H    H N N 132 
GLY H2   H N N 133 
GLY HA2  H N N 134 
GLY HA3  H N N 135 
GLY HXT  H N N 136 
HIS N    N N N 137 
HIS CA   C N S 138 
HIS C    C N N 139 
HIS O    O N N 140 
HIS CB   C N N 141 
HIS CG   C Y N 142 
HIS ND1  N Y N 143 
HIS CD2  C Y N 144 
HIS CE1  C Y N 145 
HIS NE2  N Y N 146 
HIS OXT  O N N 147 
HIS H    H N N 148 
HIS H2   H N N 149 
HIS HA   H N N 150 
HIS HB2  H N N 151 
HIS HB3  H N N 152 
HIS HD1  H N N 153 
HIS HD2  H N N 154 
HIS HE1  H N N 155 
HIS HE2  H N N 156 
HIS HXT  H N N 157 
HOH O    O N N 158 
HOH H1   H N N 159 
HOH H2   H N N 160 
ILE N    N N N 161 
ILE CA   C N S 162 
ILE C    C N N 163 
ILE O    O N N 164 
ILE CB   C N S 165 
ILE CG1  C N N 166 
ILE CG2  C N N 167 
ILE CD1  C N N 168 
ILE OXT  O N N 169 
ILE H    H N N 170 
ILE H2   H N N 171 
ILE HA   H N N 172 
ILE HB   H N N 173 
ILE HG12 H N N 174 
ILE HG13 H N N 175 
ILE HG21 H N N 176 
ILE HG22 H N N 177 
ILE HG23 H N N 178 
ILE HD11 H N N 179 
ILE HD12 H N N 180 
ILE HD13 H N N 181 
ILE HXT  H N N 182 
IM1 C1   C N N 183 
IM1 C2   C N N 184 
IM1 C3   C N N 185 
IM1 C4   C N N 186 
IM1 O5   O N N 187 
IM1 C6   C N N 188 
IM1 O7   O N N 189 
IM1 N8   N N N 190 
IM1 C9   C N S 191 
IM1 C10  C N N 192 
IM1 C11  C Y N 193 
IM1 C12  C Y N 194 
IM1 C13  C Y N 195 
IM1 C14  C Y N 196 
IM1 C15  C Y N 197 
IM1 C16  C Y N 198 
IM1 C17  C N S 199 
IM1 O18  O N N 200 
IM1 C19  C N N 201 
IM1 C20  C N R 202 
IM1 C21  C N N 203 
IM1 C22  C Y N 204 
IM1 C23  C Y N 205 
IM1 C24  C Y N 206 
IM1 C25  C Y N 207 
IM1 C26  C Y N 208 
IM1 C27  C Y N 209 
IM1 C28  C N N 210 
IM1 O29  O N N 211 
IM1 N30  N N N 212 
IM1 C31  C N S 213 
IM1 C32  C N N 214 
IM1 C33  C N N 215 
IM1 C34  C N N 216 
IM1 C35  C Y N 217 
IM1 N36  N Y N 218 
IM1 C37  C Y N 219 
IM1 C38  C Y N 220 
IM1 N39  N Y N 221 
IM1 H1   H N N 222 
IM1 H2   H N N 223 
IM1 H3   H N N 224 
IM1 H4   H N N 225 
IM1 H5   H N N 226 
IM1 H6   H N N 227 
IM1 H7   H N N 228 
IM1 H8   H N N 229 
IM1 H9   H N N 230 
IM1 H10  H N N 231 
IM1 H11  H N N 232 
IM1 H12  H N N 233 
IM1 H13  H N N 234 
IM1 H14  H N N 235 
IM1 H15  H N N 236 
IM1 H16  H N N 237 
IM1 H17  H N N 238 
IM1 H18  H N N 239 
IM1 H19  H N N 240 
IM1 H20  H N N 241 
IM1 H21  H N N 242 
IM1 H22  H N N 243 
IM1 H23  H N N 244 
IM1 H24  H N N 245 
IM1 H25  H N N 246 
IM1 H26  H N N 247 
IM1 H27  H N N 248 
IM1 H28  H N N 249 
IM1 H29  H N N 250 
IM1 H30  H N N 251 
IM1 H31  H N N 252 
IM1 H32  H N N 253 
IM1 H33  H N N 254 
IM1 H34  H N N 255 
IM1 H35  H N N 256 
IM1 H36  H N N 257 
IM1 H37  H N N 258 
IM1 H38  H N N 259 
IM1 H39  H N N 260 
IM1 H40  H N N 261 
IM1 H41  H N N 262 
IM1 H42  H N N 263 
LEU N    N N N 264 
LEU CA   C N S 265 
LEU C    C N N 266 
LEU O    O N N 267 
LEU CB   C N N 268 
LEU CG   C N N 269 
LEU CD1  C N N 270 
LEU CD2  C N N 271 
LEU OXT  O N N 272 
LEU H    H N N 273 
LEU H2   H N N 274 
LEU HA   H N N 275 
LEU HB2  H N N 276 
LEU HB3  H N N 277 
LEU HG   H N N 278 
LEU HD11 H N N 279 
LEU HD12 H N N 280 
LEU HD13 H N N 281 
LEU HD21 H N N 282 
LEU HD22 H N N 283 
LEU HD23 H N N 284 
LEU HXT  H N N 285 
LYS N    N N N 286 
LYS CA   C N S 287 
LYS C    C N N 288 
LYS O    O N N 289 
LYS CB   C N N 290 
LYS CG   C N N 291 
LYS CD   C N N 292 
LYS CE   C N N 293 
LYS NZ   N N N 294 
LYS OXT  O N N 295 
LYS H    H N N 296 
LYS H2   H N N 297 
LYS HA   H N N 298 
LYS HB2  H N N 299 
LYS HB3  H N N 300 
LYS HG2  H N N 301 
LYS HG3  H N N 302 
LYS HD2  H N N 303 
LYS HD3  H N N 304 
LYS HE2  H N N 305 
LYS HE3  H N N 306 
LYS HZ1  H N N 307 
LYS HZ2  H N N 308 
LYS HZ3  H N N 309 
LYS HXT  H N N 310 
MET N    N N N 311 
MET CA   C N S 312 
MET C    C N N 313 
MET O    O N N 314 
MET CB   C N N 315 
MET CG   C N N 316 
MET SD   S N N 317 
MET CE   C N N 318 
MET OXT  O N N 319 
MET H    H N N 320 
MET H2   H N N 321 
MET HA   H N N 322 
MET HB2  H N N 323 
MET HB3  H N N 324 
MET HG2  H N N 325 
MET HG3  H N N 326 
MET HE1  H N N 327 
MET HE2  H N N 328 
MET HE3  H N N 329 
MET HXT  H N N 330 
PHE N    N N N 331 
PHE CA   C N S 332 
PHE C    C N N 333 
PHE O    O N N 334 
PHE CB   C N N 335 
PHE CG   C Y N 336 
PHE CD1  C Y N 337 
PHE CD2  C Y N 338 
PHE CE1  C Y N 339 
PHE CE2  C Y N 340 
PHE CZ   C Y N 341 
PHE OXT  O N N 342 
PHE H    H N N 343 
PHE H2   H N N 344 
PHE HA   H N N 345 
PHE HB2  H N N 346 
PHE HB3  H N N 347 
PHE HD1  H N N 348 
PHE HD2  H N N 349 
PHE HE1  H N N 350 
PHE HE2  H N N 351 
PHE HZ   H N N 352 
PHE HXT  H N N 353 
PRO N    N N N 354 
PRO CA   C N S 355 
PRO C    C N N 356 
PRO O    O N N 357 
PRO CB   C N N 358 
PRO CG   C N N 359 
PRO CD   C N N 360 
PRO OXT  O N N 361 
PRO H    H N N 362 
PRO HA   H N N 363 
PRO HB2  H N N 364 
PRO HB3  H N N 365 
PRO HG2  H N N 366 
PRO HG3  H N N 367 
PRO HD2  H N N 368 
PRO HD3  H N N 369 
PRO HXT  H N N 370 
SER N    N N N 371 
SER CA   C N S 372 
SER C    C N N 373 
SER O    O N N 374 
SER CB   C N N 375 
SER OG   O N N 376 
SER OXT  O N N 377 
SER H    H N N 378 
SER H2   H N N 379 
SER HA   H N N 380 
SER HB2  H N N 381 
SER HB3  H N N 382 
SER HG   H N N 383 
SER HXT  H N N 384 
THR N    N N N 385 
THR CA   C N S 386 
THR C    C N N 387 
THR O    O N N 388 
THR CB   C N R 389 
THR OG1  O N N 390 
THR CG2  C N N 391 
THR OXT  O N N 392 
THR H    H N N 393 
THR H2   H N N 394 
THR HA   H N N 395 
THR HB   H N N 396 
THR HG1  H N N 397 
THR HG21 H N N 398 
THR HG22 H N N 399 
THR HG23 H N N 400 
THR HXT  H N N 401 
TRP N    N N N 402 
TRP CA   C N S 403 
TRP C    C N N 404 
TRP O    O N N 405 
TRP CB   C N N 406 
TRP CG   C Y N 407 
TRP CD1  C Y N 408 
TRP CD2  C Y N 409 
TRP NE1  N Y N 410 
TRP CE2  C Y N 411 
TRP CE3  C Y N 412 
TRP CZ2  C Y N 413 
TRP CZ3  C Y N 414 
TRP CH2  C Y N 415 
TRP OXT  O N N 416 
TRP H    H N N 417 
TRP H2   H N N 418 
TRP HA   H N N 419 
TRP HB2  H N N 420 
TRP HB3  H N N 421 
TRP HD1  H N N 422 
TRP HE1  H N N 423 
TRP HE3  H N N 424 
TRP HZ2  H N N 425 
TRP HZ3  H N N 426 
TRP HH2  H N N 427 
TRP HXT  H N N 428 
TYR N    N N N 429 
TYR CA   C N S 430 
TYR C    C N N 431 
TYR O    O N N 432 
TYR CB   C N N 433 
TYR CG   C Y N 434 
TYR CD1  C Y N 435 
TYR CD2  C Y N 436 
TYR CE1  C Y N 437 
TYR CE2  C Y N 438 
TYR CZ   C Y N 439 
TYR OH   O N N 440 
TYR OXT  O N N 441 
TYR H    H N N 442 
TYR H2   H N N 443 
TYR HA   H N N 444 
TYR HB2  H N N 445 
TYR HB3  H N N 446 
TYR HD1  H N N 447 
TYR HD2  H N N 448 
TYR HE1  H N N 449 
TYR HE2  H N N 450 
TYR HH   H N N 451 
TYR HXT  H N N 452 
VAL N    N N N 453 
VAL CA   C N S 454 
VAL C    C N N 455 
VAL O    O N N 456 
VAL CB   C N N 457 
VAL CG1  C N N 458 
VAL CG2  C N N 459 
VAL OXT  O N N 460 
VAL H    H N N 461 
VAL H2   H N N 462 
VAL HA   H N N 463 
VAL HB   H N N 464 
VAL HG11 H N N 465 
VAL HG12 H N N 466 
VAL HG13 H N N 467 
VAL HG21 H N N 468 
VAL HG22 H N N 469 
VAL HG23 H N N 470 
VAL HXT  H N N 471 
# 
loop_
_chem_comp_bond.comp_id 
_chem_comp_bond.atom_id_1 
_chem_comp_bond.atom_id_2 
_chem_comp_bond.value_order 
_chem_comp_bond.pdbx_aromatic_flag 
_chem_comp_bond.pdbx_stereo_config 
_chem_comp_bond.pdbx_ordinal 
ALA N   CA   sing N N 1   
ALA N   H    sing N N 2   
ALA N   H2   sing N N 3   
ALA CA  C    sing N N 4   
ALA CA  CB   sing N N 5   
ALA CA  HA   sing N N 6   
ALA C   O    doub N N 7   
ALA C   OXT  sing N N 8   
ALA CB  HB1  sing N N 9   
ALA CB  HB2  sing N N 10  
ALA CB  HB3  sing N N 11  
ALA OXT HXT  sing N N 12  
ARG N   CA   sing N N 13  
ARG N   H    sing N N 14  
ARG N   H2   sing N N 15  
ARG CA  C    sing N N 16  
ARG CA  CB   sing N N 17  
ARG CA  HA   sing N N 18  
ARG C   O    doub N N 19  
ARG C   OXT  sing N N 20  
ARG CB  CG   sing N N 21  
ARG CB  HB2  sing N N 22  
ARG CB  HB3  sing N N 23  
ARG CG  CD   sing N N 24  
ARG CG  HG2  sing N N 25  
ARG CG  HG3  sing N N 26  
ARG CD  NE   sing N N 27  
ARG CD  HD2  sing N N 28  
ARG CD  HD3  sing N N 29  
ARG NE  CZ   sing N N 30  
ARG NE  HE   sing N N 31  
ARG CZ  NH1  sing N N 32  
ARG CZ  NH2  doub N N 33  
ARG NH1 HH11 sing N N 34  
ARG NH1 HH12 sing N N 35  
ARG NH2 HH21 sing N N 36  
ARG NH2 HH22 sing N N 37  
ARG OXT HXT  sing N N 38  
ASN N   CA   sing N N 39  
ASN N   H    sing N N 40  
ASN N   H2   sing N N 41  
ASN CA  C    sing N N 42  
ASN CA  CB   sing N N 43  
ASN CA  HA   sing N N 44  
ASN C   O    doub N N 45  
ASN C   OXT  sing N N 46  
ASN CB  CG   sing N N 47  
ASN CB  HB2  sing N N 48  
ASN CB  HB3  sing N N 49  
ASN CG  OD1  doub N N 50  
ASN CG  ND2  sing N N 51  
ASN ND2 HD21 sing N N 52  
ASN ND2 HD22 sing N N 53  
ASN OXT HXT  sing N N 54  
ASP N   CA   sing N N 55  
ASP N   H    sing N N 56  
ASP N   H2   sing N N 57  
ASP CA  C    sing N N 58  
ASP CA  CB   sing N N 59  
ASP CA  HA   sing N N 60  
ASP C   O    doub N N 61  
ASP C   OXT  sing N N 62  
ASP CB  CG   sing N N 63  
ASP CB  HB2  sing N N 64  
ASP CB  HB3  sing N N 65  
ASP CG  OD1  doub N N 66  
ASP CG  OD2  sing N N 67  
ASP OD2 HD2  sing N N 68  
ASP OXT HXT  sing N N 69  
CYS N   CA   sing N N 70  
CYS N   H    sing N N 71  
CYS N   H2   sing N N 72  
CYS CA  C    sing N N 73  
CYS CA  CB   sing N N 74  
CYS CA  HA   sing N N 75  
CYS C   O    doub N N 76  
CYS C   OXT  sing N N 77  
CYS CB  SG   sing N N 78  
CYS CB  HB2  sing N N 79  
CYS CB  HB3  sing N N 80  
CYS SG  HG   sing N N 81  
CYS OXT HXT  sing N N 82  
GLN N   CA   sing N N 83  
GLN N   H    sing N N 84  
GLN N   H2   sing N N 85  
GLN CA  C    sing N N 86  
GLN CA  CB   sing N N 87  
GLN CA  HA   sing N N 88  
GLN C   O    doub N N 89  
GLN C   OXT  sing N N 90  
GLN CB  CG   sing N N 91  
GLN CB  HB2  sing N N 92  
GLN CB  HB3  sing N N 93  
GLN CG  CD   sing N N 94  
GLN CG  HG2  sing N N 95  
GLN CG  HG3  sing N N 96  
GLN CD  OE1  doub N N 97  
GLN CD  NE2  sing N N 98  
GLN NE2 HE21 sing N N 99  
GLN NE2 HE22 sing N N 100 
GLN OXT HXT  sing N N 101 
GLU N   CA   sing N N 102 
GLU N   H    sing N N 103 
GLU N   H2   sing N N 104 
GLU CA  C    sing N N 105 
GLU CA  CB   sing N N 106 
GLU CA  HA   sing N N 107 
GLU C   O    doub N N 108 
GLU C   OXT  sing N N 109 
GLU CB  CG   sing N N 110 
GLU CB  HB2  sing N N 111 
GLU CB  HB3  sing N N 112 
GLU CG  CD   sing N N 113 
GLU CG  HG2  sing N N 114 
GLU CG  HG3  sing N N 115 
GLU CD  OE1  doub N N 116 
GLU CD  OE2  sing N N 117 
GLU OE2 HE2  sing N N 118 
GLU OXT HXT  sing N N 119 
GLY N   CA   sing N N 120 
GLY N   H    sing N N 121 
GLY N   H2   sing N N 122 
GLY CA  C    sing N N 123 
GLY CA  HA2  sing N N 124 
GLY CA  HA3  sing N N 125 
GLY C   O    doub N N 126 
GLY C   OXT  sing N N 127 
GLY OXT HXT  sing N N 128 
HIS N   CA   sing N N 129 
HIS N   H    sing N N 130 
HIS N   H2   sing N N 131 
HIS CA  C    sing N N 132 
HIS CA  CB   sing N N 133 
HIS CA  HA   sing N N 134 
HIS C   O    doub N N 135 
HIS C   OXT  sing N N 136 
HIS CB  CG   sing N N 137 
HIS CB  HB2  sing N N 138 
HIS CB  HB3  sing N N 139 
HIS CG  ND1  sing Y N 140 
HIS CG  CD2  doub Y N 141 
HIS ND1 CE1  doub Y N 142 
HIS ND1 HD1  sing N N 143 
HIS CD2 NE2  sing Y N 144 
HIS CD2 HD2  sing N N 145 
HIS CE1 NE2  sing Y N 146 
HIS CE1 HE1  sing N N 147 
HIS NE2 HE2  sing N N 148 
HIS OXT HXT  sing N N 149 
HOH O   H1   sing N N 150 
HOH O   H2   sing N N 151 
ILE N   CA   sing N N 152 
ILE N   H    sing N N 153 
ILE N   H2   sing N N 154 
ILE CA  C    sing N N 155 
ILE CA  CB   sing N N 156 
ILE CA  HA   sing N N 157 
ILE C   O    doub N N 158 
ILE C   OXT  sing N N 159 
ILE CB  CG1  sing N N 160 
ILE CB  CG2  sing N N 161 
ILE CB  HB   sing N N 162 
ILE CG1 CD1  sing N N 163 
ILE CG1 HG12 sing N N 164 
ILE CG1 HG13 sing N N 165 
ILE CG2 HG21 sing N N 166 
ILE CG2 HG22 sing N N 167 
ILE CG2 HG23 sing N N 168 
ILE CD1 HD11 sing N N 169 
ILE CD1 HD12 sing N N 170 
ILE CD1 HD13 sing N N 171 
ILE OXT HXT  sing N N 172 
IM1 C1  C2   sing N N 173 
IM1 C1  C3   sing N N 174 
IM1 C1  C4   sing N N 175 
IM1 C1  O5   sing N N 176 
IM1 C2  H1   sing N N 177 
IM1 C2  H2   sing N N 178 
IM1 C2  H3   sing N N 179 
IM1 C3  H4   sing N N 180 
IM1 C3  H5   sing N N 181 
IM1 C3  H6   sing N N 182 
IM1 C4  H7   sing N N 183 
IM1 C4  H8   sing N N 184 
IM1 C4  H9   sing N N 185 
IM1 O5  C6   sing N N 186 
IM1 C6  O7   doub N N 187 
IM1 C6  N8   sing N N 188 
IM1 N8  C9   sing N N 189 
IM1 N8  H10  sing N N 190 
IM1 C9  C10  sing N N 191 
IM1 C9  C17  sing N N 192 
IM1 C9  H11  sing N N 193 
IM1 C10 C11  sing N N 194 
IM1 C10 H12  sing N N 195 
IM1 C10 H13  sing N N 196 
IM1 C11 C12  doub Y N 197 
IM1 C11 C16  sing Y N 198 
IM1 C12 C13  sing Y N 199 
IM1 C12 H14  sing N N 200 
IM1 C13 C14  doub Y N 201 
IM1 C13 H15  sing N N 202 
IM1 C14 C15  sing Y N 203 
IM1 C14 H16  sing N N 204 
IM1 C15 C16  doub Y N 205 
IM1 C15 H17  sing N N 206 
IM1 C16 H18  sing N N 207 
IM1 C17 O18  sing N N 208 
IM1 C17 C19  sing N N 209 
IM1 C17 H19  sing N N 210 
IM1 O18 H20  sing N N 211 
IM1 C19 C20  sing N N 212 
IM1 C19 H21  sing N N 213 
IM1 C19 H22  sing N N 214 
IM1 C20 C21  sing N N 215 
IM1 C20 C28  sing N N 216 
IM1 C20 H23  sing N N 217 
IM1 C21 C22  sing N N 218 
IM1 C21 H24  sing N N 219 
IM1 C21 H25  sing N N 220 
IM1 C22 C23  doub Y N 221 
IM1 C22 C27  sing Y N 222 
IM1 C23 C24  sing Y N 223 
IM1 C23 H26  sing N N 224 
IM1 C24 C25  doub Y N 225 
IM1 C24 H27  sing N N 226 
IM1 C25 C26  sing Y N 227 
IM1 C25 H28  sing N N 228 
IM1 C26 C27  doub Y N 229 
IM1 C26 H29  sing N N 230 
IM1 C27 H30  sing N N 231 
IM1 C28 O29  doub N N 232 
IM1 C28 N30  sing N N 233 
IM1 N30 C31  sing N N 234 
IM1 N30 H31  sing N N 235 
IM1 C31 C32  sing N N 236 
IM1 C31 C35  sing N N 237 
IM1 C31 H32  sing N N 238 
IM1 C32 C33  sing N N 239 
IM1 C32 C34  sing N N 240 
IM1 C32 H33  sing N N 241 
IM1 C33 H34  sing N N 242 
IM1 C33 H35  sing N N 243 
IM1 C33 H36  sing N N 244 
IM1 C34 H37  sing N N 245 
IM1 C34 H38  sing N N 246 
IM1 C34 H39  sing N N 247 
IM1 C35 N36  sing Y N 248 
IM1 C35 N39  doub Y N 249 
IM1 N36 C37  sing Y N 250 
IM1 N36 H40  sing N N 251 
IM1 C37 C38  doub Y N 252 
IM1 C37 H41  sing N N 253 
IM1 C38 N39  sing Y N 254 
IM1 C38 H42  sing N N 255 
LEU N   CA   sing N N 256 
LEU N   H    sing N N 257 
LEU N   H2   sing N N 258 
LEU CA  C    sing N N 259 
LEU CA  CB   sing N N 260 
LEU CA  HA   sing N N 261 
LEU C   O    doub N N 262 
LEU C   OXT  sing N N 263 
LEU CB  CG   sing N N 264 
LEU CB  HB2  sing N N 265 
LEU CB  HB3  sing N N 266 
LEU CG  CD1  sing N N 267 
LEU CG  CD2  sing N N 268 
LEU CG  HG   sing N N 269 
LEU CD1 HD11 sing N N 270 
LEU CD1 HD12 sing N N 271 
LEU CD1 HD13 sing N N 272 
LEU CD2 HD21 sing N N 273 
LEU CD2 HD22 sing N N 274 
LEU CD2 HD23 sing N N 275 
LEU OXT HXT  sing N N 276 
LYS N   CA   sing N N 277 
LYS N   H    sing N N 278 
LYS N   H2   sing N N 279 
LYS CA  C    sing N N 280 
LYS CA  CB   sing N N 281 
LYS CA  HA   sing N N 282 
LYS C   O    doub N N 283 
LYS C   OXT  sing N N 284 
LYS CB  CG   sing N N 285 
LYS CB  HB2  sing N N 286 
LYS CB  HB3  sing N N 287 
LYS CG  CD   sing N N 288 
LYS CG  HG2  sing N N 289 
LYS CG  HG3  sing N N 290 
LYS CD  CE   sing N N 291 
LYS CD  HD2  sing N N 292 
LYS CD  HD3  sing N N 293 
LYS CE  NZ   sing N N 294 
LYS CE  HE2  sing N N 295 
LYS CE  HE3  sing N N 296 
LYS NZ  HZ1  sing N N 297 
LYS NZ  HZ2  sing N N 298 
LYS NZ  HZ3  sing N N 299 
LYS OXT HXT  sing N N 300 
MET N   CA   sing N N 301 
MET N   H    sing N N 302 
MET N   H2   sing N N 303 
MET CA  C    sing N N 304 
MET CA  CB   sing N N 305 
MET CA  HA   sing N N 306 
MET C   O    doub N N 307 
MET C   OXT  sing N N 308 
MET CB  CG   sing N N 309 
MET CB  HB2  sing N N 310 
MET CB  HB3  sing N N 311 
MET CG  SD   sing N N 312 
MET CG  HG2  sing N N 313 
MET CG  HG3  sing N N 314 
MET SD  CE   sing N N 315 
MET CE  HE1  sing N N 316 
MET CE  HE2  sing N N 317 
MET CE  HE3  sing N N 318 
MET OXT HXT  sing N N 319 
PHE N   CA   sing N N 320 
PHE N   H    sing N N 321 
PHE N   H2   sing N N 322 
PHE CA  C    sing N N 323 
PHE CA  CB   sing N N 324 
PHE CA  HA   sing N N 325 
PHE C   O    doub N N 326 
PHE C   OXT  sing N N 327 
PHE CB  CG   sing N N 328 
PHE CB  HB2  sing N N 329 
PHE CB  HB3  sing N N 330 
PHE CG  CD1  doub Y N 331 
PHE CG  CD2  sing Y N 332 
PHE CD1 CE1  sing Y N 333 
PHE CD1 HD1  sing N N 334 
PHE CD2 CE2  doub Y N 335 
PHE CD2 HD2  sing N N 336 
PHE CE1 CZ   doub Y N 337 
PHE CE1 HE1  sing N N 338 
PHE CE2 CZ   sing Y N 339 
PHE CE2 HE2  sing N N 340 
PHE CZ  HZ   sing N N 341 
PHE OXT HXT  sing N N 342 
PRO N   CA   sing N N 343 
PRO N   CD   sing N N 344 
PRO N   H    sing N N 345 
PRO CA  C    sing N N 346 
PRO CA  CB   sing N N 347 
PRO CA  HA   sing N N 348 
PRO C   O    doub N N 349 
PRO C   OXT  sing N N 350 
PRO CB  CG   sing N N 351 
PRO CB  HB2  sing N N 352 
PRO CB  HB3  sing N N 353 
PRO CG  CD   sing N N 354 
PRO CG  HG2  sing N N 355 
PRO CG  HG3  sing N N 356 
PRO CD  HD2  sing N N 357 
PRO CD  HD3  sing N N 358 
PRO OXT HXT  sing N N 359 
SER N   CA   sing N N 360 
SER N   H    sing N N 361 
SER N   H2   sing N N 362 
SER CA  C    sing N N 363 
SER CA  CB   sing N N 364 
SER CA  HA   sing N N 365 
SER C   O    doub N N 366 
SER C   OXT  sing N N 367 
SER CB  OG   sing N N 368 
SER CB  HB2  sing N N 369 
SER CB  HB3  sing N N 370 
SER OG  HG   sing N N 371 
SER OXT HXT  sing N N 372 
THR N   CA   sing N N 373 
THR N   H    sing N N 374 
THR N   H2   sing N N 375 
THR CA  C    sing N N 376 
THR CA  CB   sing N N 377 
THR CA  HA   sing N N 378 
THR C   O    doub N N 379 
THR C   OXT  sing N N 380 
THR CB  OG1  sing N N 381 
THR CB  CG2  sing N N 382 
THR CB  HB   sing N N 383 
THR OG1 HG1  sing N N 384 
THR CG2 HG21 sing N N 385 
THR CG2 HG22 sing N N 386 
THR CG2 HG23 sing N N 387 
THR OXT HXT  sing N N 388 
TRP N   CA   sing N N 389 
TRP N   H    sing N N 390 
TRP N   H2   sing N N 391 
TRP CA  C    sing N N 392 
TRP CA  CB   sing N N 393 
TRP CA  HA   sing N N 394 
TRP C   O    doub N N 395 
TRP C   OXT  sing N N 396 
TRP CB  CG   sing N N 397 
TRP CB  HB2  sing N N 398 
TRP CB  HB3  sing N N 399 
TRP CG  CD1  doub Y N 400 
TRP CG  CD2  sing Y N 401 
TRP CD1 NE1  sing Y N 402 
TRP CD1 HD1  sing N N 403 
TRP CD2 CE2  doub Y N 404 
TRP CD2 CE3  sing Y N 405 
TRP NE1 CE2  sing Y N 406 
TRP NE1 HE1  sing N N 407 
TRP CE2 CZ2  sing Y N 408 
TRP CE3 CZ3  doub Y N 409 
TRP CE3 HE3  sing N N 410 
TRP CZ2 CH2  doub Y N 411 
TRP CZ2 HZ2  sing N N 412 
TRP CZ3 CH2  sing Y N 413 
TRP CZ3 HZ3  sing N N 414 
TRP CH2 HH2  sing N N 415 
TRP OXT HXT  sing N N 416 
TYR N   CA   sing N N 417 
TYR N   H    sing N N 418 
TYR N   H2   sing N N 419 
TYR CA  C    sing N N 420 
TYR CA  CB   sing N N 421 
TYR CA  HA   sing N N 422 
TYR C   O    doub N N 423 
TYR C   OXT  sing N N 424 
TYR CB  CG   sing N N 425 
TYR CB  HB2  sing N N 426 
TYR CB  HB3  sing N N 427 
TYR CG  CD1  doub Y N 428 
TYR CG  CD2  sing Y N 429 
TYR CD1 CE1  sing Y N 430 
TYR CD1 HD1  sing N N 431 
TYR CD2 CE2  doub Y N 432 
TYR CD2 HD2  sing N N 433 
TYR CE1 CZ   doub Y N 434 
TYR CE1 HE1  sing N N 435 
TYR CE2 CZ   sing Y N 436 
TYR CE2 HE2  sing N N 437 
TYR CZ  OH   sing N N 438 
TYR OH  HH   sing N N 439 
TYR OXT HXT  sing N N 440 
VAL N   CA   sing N N 441 
VAL N   H    sing N N 442 
VAL N   H2   sing N N 443 
VAL CA  C    sing N N 444 
VAL CA  CB   sing N N 445 
VAL CA  HA   sing N N 446 
VAL C   O    doub N N 447 
VAL C   OXT  sing N N 448 
VAL CB  CG1  sing N N 449 
VAL CB  CG2  sing N N 450 
VAL CB  HB   sing N N 451 
VAL CG1 HG11 sing N N 452 
VAL CG1 HG12 sing N N 453 
VAL CG1 HG13 sing N N 454 
VAL CG2 HG21 sing N N 455 
VAL CG2 HG22 sing N N 456 
VAL CG2 HG23 sing N N 457 
VAL OXT HXT  sing N N 458 
# 
_pdbx_initial_refinement_model.id               1 
_pdbx_initial_refinement_model.entity_id_list   ? 
_pdbx_initial_refinement_model.type             'experimental model' 
_pdbx_initial_refinement_model.source_name      PDB 
_pdbx_initial_refinement_model.accession_code   1SBG 
_pdbx_initial_refinement_model.details          'PDB ENTRY 1SBG' 
# 
_atom_sites.entry_id                    1BDQ 
_atom_sites.fract_transf_matrix[1][1]   -0.01124069 
_atom_sites.fract_transf_matrix[1][2]   -0.00131137 
_atom_sites.fract_transf_matrix[1][3]   -0.01445086 
_atom_sites.fract_transf_matrix[2][1]   -0.00622086 
_atom_sites.fract_transf_matrix[2][2]   0.01519939 
_atom_sites.fract_transf_matrix[2][3]   -0.00819668 
_atom_sites.fract_transf_matrix[3][1]   0.00944958 
_atom_sites.fract_transf_matrix[3][2]   -0.00009186 
_atom_sites.fract_transf_matrix[3][3]   -0.00734208 
_atom_sites.fract_transf_vector[1]      0.000524 
_atom_sites.fract_transf_vector[2]      0.375076 
_atom_sites.fract_transf_vector[3]      0.331624 
# 
loop_
_atom_type.symbol 
C 
N 
O 
S 
# 
loop_
_atom_site.group_PDB 
_atom_site.id 
_atom_site.type_symbol 
_atom_site.label_atom_id 
_atom_site.label_alt_id 
_atom_site.label_comp_id 
_atom_site.label_asym_id 
_atom_site.label_entity_id 
_atom_site.label_seq_id 
_atom_site.pdbx_PDB_ins_code 
_atom_site.Cartn_x 
_atom_site.Cartn_y 
_atom_site.Cartn_z 
_atom_site.occupancy 
_atom_site.B_iso_or_equiv 
_atom_site.pdbx_formal_charge 
_atom_site.auth_seq_id 
_atom_site.auth_comp_id 
_atom_site.auth_asym_id 
_atom_site.auth_atom_id 
_atom_site.pdbx_PDB_model_num 
ATOM   1    N N   . PRO A 1 1  ? -2.957  16.078  -9.367  1.00 22.20 ? 1   PRO A N   1 
ATOM   2    C CA  . PRO A 1 1  ? -4.271  16.211  -8.711  1.00 22.20 ? 1   PRO A CA  1 
ATOM   3    C C   . PRO A 1 1  ? -4.109  15.889  -7.227  1.00 22.20 ? 1   PRO A C   1 
ATOM   4    O O   . PRO A 1 1  ? -3.003  15.572  -6.796  1.00 34.30 ? 1   PRO A O   1 
ATOM   5    C CB  . PRO A 1 1  ? -5.200  15.238  -9.457  1.00 34.30 ? 1   PRO A CB  1 
ATOM   6    C CG  . PRO A 1 1  ? -4.207  14.309  -10.092 1.00 34.30 ? 1   PRO A CG  1 
ATOM   7    C CD  . PRO A 1 1  ? -3.127  15.252  -10.565 1.00 34.30 ? 1   PRO A CD  1 
ATOM   8    N N   . GLN A 1 2  ? -5.206  15.953  -6.492  1.00 28.49 ? 2   GLN A N   1 
ATOM   9    C CA  . GLN A 1 2  ? -5.254  15.669  -5.061  1.00 28.49 ? 2   GLN A CA  1 
ATOM   10   C C   . GLN A 1 2  ? -6.291  14.538  -4.973  1.00 28.49 ? 2   GLN A C   1 
ATOM   11   O O   . GLN A 1 2  ? -7.400  14.743  -5.465  1.00 12.00 ? 2   GLN A O   1 
ATOM   12   C CB  . GLN A 1 2  ? -5.713  16.938  -4.348  1.00 12.00 ? 2   GLN A CB  1 
ATOM   13   C CG  . GLN A 1 2  ? -5.788  16.885  -2.834  1.00 12.00 ? 2   GLN A CG  1 
ATOM   14   C CD  . GLN A 1 2  ? -6.690  17.958  -2.260  1.00 12.00 ? 2   GLN A CD  1 
ATOM   15   O OE1 . GLN A 1 2  ? -7.643  17.669  -1.538  1.00 12.00 ? 2   GLN A OE1 1 
ATOM   16   N NE2 . GLN A 1 2  ? -6.473  19.223  -2.586  1.00 12.00 ? 2   GLN A NE2 1 
ATOM   17   N N   . ILE A 1 3  ? -5.984  13.351  -4.464  1.00 12.00 ? 3   ILE A N   1 
ATOM   18   C CA  . ILE A 1 3  ? -6.939  12.234  -4.359  1.00 12.00 ? 3   ILE A CA  1 
ATOM   19   C C   . ILE A 1 3  ? -7.330  12.114  -2.886  1.00 12.00 ? 3   ILE A C   1 
ATOM   20   O O   . ILE A 1 3  ? -6.429  12.152  -2.031  1.00 14.42 ? 3   ILE A O   1 
ATOM   21   C CB  . ILE A 1 3  ? -6.327  10.833  -4.780  1.00 14.42 ? 3   ILE A CB  1 
ATOM   22   C CG1 . ILE A 1 3  ? -5.885  10.876  -6.223  1.00 14.42 ? 3   ILE A CG1 1 
ATOM   23   C CG2 . ILE A 1 3  ? -7.335  9.709   -4.635  1.00 14.42 ? 3   ILE A CG2 1 
ATOM   24   C CD1 . ILE A 1 3  ? -4.374  10.883  -6.284  1.00 14.42 ? 3   ILE A CD1 1 
ATOM   25   N N   . THR A 1 4  ? -8.616  11.997  -2.568  1.00 19.70 ? 4   THR A N   1 
ATOM   26   C CA  . THR A 1 4  ? -9.060  11.845  -1.190  1.00 19.70 ? 4   THR A CA  1 
ATOM   27   C C   . THR A 1 4  ? -9.135  10.319  -1.114  1.00 19.70 ? 4   THR A C   1 
ATOM   28   O O   . THR A 1 4  ? -9.689  9.647   -1.994  1.00 30.54 ? 4   THR A O   1 
ATOM   29   C CB  . THR A 1 4  ? -10.460 12.481  -0.925  1.00 30.54 ? 4   THR A CB  1 
ATOM   30   O OG1 . THR A 1 4  ? -11.162 12.721  -2.157  1.00 30.54 ? 4   THR A OG1 1 
ATOM   31   C CG2 . THR A 1 4  ? -10.267 13.760  -0.129  1.00 30.54 ? 4   THR A CG2 1 
ATOM   32   N N   . LEU A 1 5  ? -8.618  9.763   -0.045  1.00 8.72  ? 5   LEU A N   1 
ATOM   33   C CA  . LEU A 1 5  ? -8.606  8.318   0.116   1.00 8.72  ? 5   LEU A CA  1 
ATOM   34   C C   . LEU A 1 5  ? -9.879  7.606   0.588   1.00 8.72  ? 5   LEU A C   1 
ATOM   35   O O   . LEU A 1 5  ? -9.804  6.493   1.089   1.00 7.00  ? 5   LEU A O   1 
ATOM   36   C CB  . LEU A 1 5  ? -7.390  8.014   1.036   1.00 7.00  ? 5   LEU A CB  1 
ATOM   37   C CG  . LEU A 1 5  ? -6.001  8.361   0.458   1.00 7.00  ? 5   LEU A CG  1 
ATOM   38   C CD1 . LEU A 1 5  ? -4.930  8.157   1.517   1.00 7.00  ? 5   LEU A CD1 1 
ATOM   39   C CD2 . LEU A 1 5  ? -5.710  7.469   -0.736  1.00 7.00  ? 5   LEU A CD2 1 
ATOM   40   N N   . TRP A 1 6  ? -11.075 8.169   0.407   1.00 7.00  ? 6   TRP A N   1 
ATOM   41   C CA  . TRP A 1 6  ? -12.328 7.510   0.838   1.00 7.00  ? 6   TRP A CA  1 
ATOM   42   C C   . TRP A 1 6  ? -12.720 6.443   -0.202  1.00 7.00  ? 6   TRP A C   1 
ATOM   43   O O   . TRP A 1 6  ? -13.491 5.508   0.020   1.00 21.34 ? 6   TRP A O   1 
ATOM   44   C CB  . TRP A 1 6  ? -13.486 8.531   0.966   1.00 21.34 ? 6   TRP A CB  1 
ATOM   45   C CG  . TRP A 1 6  ? -13.229 9.695   1.876   1.00 21.34 ? 6   TRP A CG  1 
ATOM   46   C CD1 . TRP A 1 6  ? -12.590 10.849  1.546   1.00 21.34 ? 6   TRP A CD1 1 
ATOM   47   C CD2 . TRP A 1 6  ? -13.586 9.829   3.255   1.00 21.34 ? 6   TRP A CD2 1 
ATOM   48   N NE1 . TRP A 1 6  ? -12.525 11.688  2.622   1.00 21.34 ? 6   TRP A NE1 1 
ATOM   49   C CE2 . TRP A 1 6  ? -13.120 11.101  3.687   1.00 21.34 ? 6   TRP A CE2 1 
ATOM   50   C CE3 . TRP A 1 6  ? -14.253 9.012   4.185   1.00 21.34 ? 6   TRP A CE3 1 
ATOM   51   C CZ2 . TRP A 1 6  ? -13.295 11.570  4.998   1.00 21.34 ? 6   TRP A CZ2 1 
ATOM   52   C CZ3 . TRP A 1 6  ? -14.428 9.477   5.493   1.00 21.34 ? 6   TRP A CZ3 1 
ATOM   53   C CH2 . TRP A 1 6  ? -13.948 10.748  5.892   1.00 21.34 ? 6   TRP A CH2 1 
ATOM   54   N N   . GLN A 1 7  ? -12.089 6.591   -1.357  1.00 29.18 ? 7   GLN A N   1 
ATOM   55   C CA  . GLN A 1 7  ? -12.226 5.781   -2.552  1.00 29.18 ? 7   GLN A CA  1 
ATOM   56   C C   . GLN A 1 7  ? -10.830 5.214   -2.827  1.00 29.18 ? 7   GLN A C   1 
ATOM   57   O O   . GLN A 1 7  ? -9.842  5.915   -2.586  1.00 13.35 ? 7   GLN A O   1 
ATOM   58   C CB  . GLN A 1 7  ? -12.687 6.684   -3.716  1.00 13.35 ? 7   GLN A CB  1 
ATOM   59   C CG  . GLN A 1 7  ? -12.107 8.124   -3.645  1.00 13.35 ? 7   GLN A CG  1 
ATOM   60   C CD  . GLN A 1 7  ? -11.726 8.794   -4.954  1.00 13.35 ? 7   GLN A CD  1 
ATOM   61   O OE1 . GLN A 1 7  ? -12.584 9.198   -5.747  1.00 13.35 ? 7   GLN A OE1 1 
ATOM   62   N NE2 . GLN A 1 7  ? -10.431 8.960   -5.175  1.00 13.35 ? 7   GLN A NE2 1 
ATOM   63   N N   . ARG A 1 8  ? -10.715 3.972   -3.301  1.00 11.54 ? 8   ARG A N   1 
ATOM   64   C CA  . ARG A 1 8  ? -9.419  3.342   -3.611  1.00 11.54 ? 8   ARG A CA  1 
ATOM   65   C C   . ARG A 1 8  ? -8.744  4.180   -4.697  1.00 11.54 ? 8   ARG A C   1 
ATOM   66   O O   . ARG A 1 8  ? -9.439  4.538   -5.658  1.00 21.75 ? 8   ARG A O   1 
ATOM   67   C CB  . ARG A 1 8  ? -9.554  1.946   -4.179  1.00 21.75 ? 8   ARG A CB  1 
ATOM   68   C CG  . ARG A 1 8  ? -9.310  0.824   -3.206  1.00 21.75 ? 8   ARG A CG  1 
ATOM   69   C CD  . ARG A 1 8  ? -9.279  -0.482  -3.968  1.00 21.75 ? 8   ARG A CD  1 
ATOM   70   N NE  . ARG A 1 8  ? -9.122  -1.619  -3.069  1.00 21.75 ? 8   ARG A NE  1 
ATOM   71   C CZ  . ARG A 1 8  ? -9.178  -2.900  -3.442  1.00 21.75 ? 8   ARG A CZ  1 
ATOM   72   N NH1 . ARG A 1 8  ? -9.379  -3.258  -4.707  1.00 21.75 ? 8   ARG A NH1 1 
ATOM   73   N NH2 . ARG A 1 8  ? -9.073  -3.845  -2.520  1.00 21.75 ? 8   ARG A NH2 1 
ATOM   74   N N   . PRO A 1 9  ? -7.455  4.546   -4.607  1.00 7.00  ? 9   PRO A N   1 
ATOM   75   C CA  . PRO A 1 9  ? -6.831  5.474   -5.552  1.00 2.00  ? 9   PRO A CA  1 
ATOM   76   C C   . PRO A 1 9  ? -6.306  4.801   -6.825  1.00 7.00  ? 9   PRO A C   1 
ATOM   77   O O   . PRO A 1 9  ? -5.105  4.664   -7.067  1.00 10.81 ? 9   PRO A O   1 
ATOM   78   C CB  . PRO A 1 9  ? -5.808  6.156   -4.618  1.00 10.81 ? 9   PRO A CB  1 
ATOM   79   C CG  . PRO A 1 9  ? -5.301  5.016   -3.799  1.00 10.81 ? 9   PRO A CG  1 
ATOM   80   C CD  . PRO A 1 9  ? -6.593  4.389   -3.414  1.00 10.81 ? 9   PRO A CD  1 
ATOM   81   N N   . LEU A 1 10 ? -7.261  4.331   -7.609  1.00 7.00  ? 10  LEU A N   1 
ATOM   82   C CA  . LEU A 1 10 ? -7.043  3.638   -8.872  1.00 7.00  ? 10  LEU A CA  1 
ATOM   83   C C   . LEU A 1 10 ? -6.924  4.692   -9.935  1.00 7.00  ? 10  LEU A C   1 
ATOM   84   O O   . LEU A 1 10 ? -7.775  5.574   -10.032 1.00 11.54 ? 10  LEU A O   1 
ATOM   85   C CB  . LEU A 1 10 ? -8.215  2.738   -9.193  1.00 11.54 ? 10  LEU A CB  1 
ATOM   86   C CG  . LEU A 1 10 ? -8.460  1.554   -8.280  1.00 11.54 ? 10  LEU A CG  1 
ATOM   87   C CD1 . LEU A 1 10 ? -9.923  1.185   -8.350  1.00 11.54 ? 10  LEU A CD1 1 
ATOM   88   C CD2 . LEU A 1 10 ? -7.565  0.406   -8.679  1.00 11.54 ? 10  LEU A CD2 1 
ATOM   89   N N   . VAL A 1 11 ? -5.887  4.587   -10.732 1.00 8.00  ? 11  VAL A N   1 
ATOM   90   C CA  . VAL A 1 11 ? -5.600  5.520   -11.810 1.00 8.00  ? 11  VAL A CA  1 
ATOM   91   C C   . VAL A 1 11 ? -5.462  4.722   -13.124 1.00 8.00  ? 11  VAL A C   1 
ATOM   92   O O   . VAL A 1 11 ? -5.451  3.491   -13.070 1.00 8.00  ? 11  VAL A O   1 
ATOM   93   C CB  . VAL A 1 11 ? -4.325  6.262   -11.267 1.00 8.00  ? 11  VAL A CB  1 
ATOM   94   C CG1 . VAL A 1 11 ? -3.051  5.779   -11.936 1.00 8.00  ? 11  VAL A CG1 1 
ATOM   95   C CG2 . VAL A 1 11 ? -4.602  7.751   -11.365 1.00 8.00  ? 11  VAL A CG2 1 
ATOM   96   N N   . THR A 1 12 ? -5.422  5.331   -14.297 1.00 20.83 ? 12  THR A N   1 
ATOM   97   C CA  . THR A 1 12 ? -5.282  4.621   -15.563 1.00 20.83 ? 12  THR A CA  1 
ATOM   98   C C   . THR A 1 12 ? -3.809  4.652   -16.001 1.00 20.83 ? 12  THR A C   1 
ATOM   99   O O   . THR A 1 12 ? -3.147  5.694   -15.848 1.00 28.35 ? 12  THR A O   1 
ATOM   100  C CB  . THR A 1 12 ? -6.179  5.295   -16.631 1.00 28.35 ? 12  THR A CB  1 
ATOM   101  O OG1 . THR A 1 12 ? -7.525  5.399   -16.120 1.00 28.35 ? 12  THR A OG1 1 
ATOM   102  C CG2 . THR A 1 12 ? -6.173  4.496   -17.931 1.00 28.35 ? 12  THR A CG2 1 
ATOM   103  N N   . ILE A 1 13 ? -3.292  3.528   -16.505 1.00 5.43  ? 13  ILE A N   1 
ATOM   104  C CA  . ILE A 1 13 ? -1.910  3.427   -16.964 1.00 5.43  ? 13  ILE A CA  1 
ATOM   105  C C   . ILE A 1 13 ? -1.902  2.875   -18.391 1.00 5.43  ? 13  ILE A C   1 
ATOM   106  O O   . ILE A 1 13 ? -2.855  2.200   -18.809 1.00 9.00  ? 13  ILE A O   1 
ATOM   107  C CB  . ILE A 1 13 ? -0.996  2.477   -16.065 1.00 9.00  ? 13  ILE A CB  1 
ATOM   108  C CG1 . ILE A 1 13 ? -1.404  0.999   -16.150 1.00 9.00  ? 13  ILE A CG1 1 
ATOM   109  C CG2 . ILE A 1 13 ? -1.076  2.987   -14.617 1.00 9.00  ? 13  ILE A CG2 1 
ATOM   110  C CD1 . ILE A 1 13 ? -0.615  0.015   -15.301 1.00 9.00  ? 13  ILE A CD1 1 
ATOM   111  N N   . LYS A 1 14 ? -0.853  3.244   -19.120 1.00 9.00  ? 14  LYS A N   1 
ATOM   112  C CA  . LYS A 1 14 ? -0.619  2.837   -20.492 1.00 7.40  ? 14  LYS A CA  1 
ATOM   113  C C   . LYS A 1 14 ? 0.803   2.281   -20.367 1.00 7.40  ? 14  LYS A C   1 
ATOM   114  O O   . LYS A 1 14 ? 1.754   3.003   -20.034 1.00 14.49 ? 14  LYS A O   1 
ATOM   115  C CB  . LYS A 1 14 ? -0.675  4.048   -21.429 1.00 14.49 ? 14  LYS A CB  1 
ATOM   116  C CG  . LYS A 1 14 ? -0.450  3.694   -22.897 1.00 14.49 ? 14  LYS A CG  1 
ATOM   117  C CD  . LYS A 1 14 ? -0.604  4.870   -23.856 1.00 14.49 ? 14  LYS A CD  1 
ATOM   118  C CE  . LYS A 1 14 ? -0.222  4.456   -25.285 1.00 14.49 ? 14  LYS A CE  1 
ATOM   119  N NZ  . LYS A 1 14 ? -0.252  5.591   -26.255 1.00 14.49 ? 14  LYS A NZ  1 
ATOM   120  N N   . ILE A 1 15 ? 0.927   0.982   -20.585 1.00 11.28 ? 15  ILE A N   1 
ATOM   121  C CA  . ILE A 1 15 ? 2.195   0.264   -20.505 1.00 11.28 ? 15  ILE A CA  1 
ATOM   122  C C   . ILE A 1 15 ? 2.340   -0.691  -21.700 1.00 11.28 ? 15  ILE A C   1 
ATOM   123  O O   . ILE A 1 15 ? 1.476   -1.541  -21.957 1.00 16.51 ? 15  ILE A O   1 
ATOM   124  C CB  . ILE A 1 15 ? 2.283   -0.506  -19.122 1.00 16.51 ? 15  ILE A CB  1 
ATOM   125  C CG1 . ILE A 1 15 ? 3.491   -1.441  -19.146 1.00 16.51 ? 15  ILE A CG1 1 
ATOM   126  C CG2 . ILE A 1 15 ? 0.986   -1.253  -18.822 1.00 16.51 ? 15  ILE A CG2 1 
ATOM   127  C CD1 . ILE A 1 15 ? 3.701   -2.176  -17.848 1.00 16.51 ? 15  ILE A CD1 1 
ATOM   128  N N   . GLY A 1 16 ? 3.401   -0.472  -22.483 1.00 34.80 ? 16  GLY A N   1 
ATOM   129  C CA  . GLY A 1 16 ? 3.727   -1.295  -23.647 1.00 34.80 ? 16  GLY A CA  1 
ATOM   130  C C   . GLY A 1 16 ? 2.616   -1.518  -24.666 1.00 34.80 ? 16  GLY A C   1 
ATOM   131  O O   . GLY A 1 16 ? 2.549   -2.577  -25.292 1.00 36.05 ? 16  GLY A O   1 
ATOM   132  N N   . GLY A 1 17 ? 1.767   -0.500  -24.804 1.00 17.26 ? 17  GLY A N   1 
ATOM   133  C CA  . GLY A 1 17 ? 0.647   -0.518  -25.731 1.00 17.26 ? 17  GLY A CA  1 
ATOM   134  C C   . GLY A 1 17 ? -0.655  -0.973  -25.099 1.00 17.26 ? 17  GLY A C   1 
ATOM   135  O O   . GLY A 1 17 ? -1.688  -0.899  -25.760 1.00 31.32 ? 17  GLY A O   1 
ATOM   136  N N   . GLN A 1 18 ? -0.638  -1.478  -23.866 1.00 19.98 ? 18  GLN A N   1 
ATOM   137  C CA  . GLN A 1 18 ? -1.842  -1.948  -23.181 1.00 19.98 ? 18  GLN A CA  1 
ATOM   138  C C   . GLN A 1 18 ? -2.257  -0.859  -22.193 1.00 19.98 ? 18  GLN A C   1 
ATOM   139  O O   . GLN A 1 18 ? -1.379  -0.117  -21.751 1.00 7.00  ? 18  GLN A O   1 
ATOM   140  C CB  . GLN A 1 18 ? -1.541  -3.265  -22.466 1.00 7.00  ? 18  GLN A CB  1 
ATOM   141  C CG  . GLN A 1 18 ? -1.400  -4.476  -23.369 1.00 7.00  ? 18  GLN A CG  1 
ATOM   142  C CD  . GLN A 1 18 ? -0.183  -5.329  -23.059 1.00 7.00  ? 18  GLN A CD  1 
ATOM   143  O OE1 . GLN A 1 18 ? -0.263  -6.547  -22.847 1.00 7.00  ? 18  GLN A OE1 1 
ATOM   144  N NE2 . GLN A 1 18 ? 0.982   -4.699  -23.011 1.00 7.00  ? 18  GLN A NE2 1 
ATOM   145  N N   . LEU A 1 19 ? -3.544  -0.755  -21.881 1.00 7.00  ? 19  LEU A N   1 
ATOM   146  C CA  . LEU A 1 19 ? -4.113  0.230   -20.972 1.00 8.10  ? 19  LEU A CA  1 
ATOM   147  C C   . LEU A 1 19 ? -4.775  -0.623  -19.896 1.00 8.10  ? 19  LEU A C   1 
ATOM   148  O O   . LEU A 1 19 ? -5.518  -1.522  -20.276 1.00 8.10  ? 19  LEU A O   1 
ATOM   149  C CB  . LEU A 1 19 ? -5.188  1.074   -21.667 1.00 8.10  ? 19  LEU A CB  1 
ATOM   150  C CG  . LEU A 1 19 ? -4.950  1.748   -23.023 1.00 8.10  ? 19  LEU A CG  1 
ATOM   151  C CD1 . LEU A 1 19 ? -6.281  2.108   -23.659 1.00 8.10  ? 19  LEU A CD1 1 
ATOM   152  C CD2 . LEU A 1 19 ? -4.123  2.988   -22.832 1.00 8.10  ? 19  LEU A CD2 1 
ATOM   153  N N   . LYS A 1 20 ? -4.547  -0.408  -18.607 1.00 8.10  ? 20  LYS A N   1 
ATOM   154  C CA  . LYS A 1 20 ? -5.137  -1.168  -17.501 1.00 10.00 ? 20  LYS A CA  1 
ATOM   155  C C   . LYS A 1 20 ? -5.232  -0.279  -16.257 1.00 10.00 ? 20  LYS A C   1 
ATOM   156  O O   . LYS A 1 20 ? -4.617  0.789   -16.228 1.00 11.54 ? 20  LYS A O   1 
ATOM   157  C CB  . LYS A 1 20 ? -4.283  -2.401  -17.150 1.00 11.54 ? 20  LYS A CB  1 
ATOM   158  C CG  . LYS A 1 20 ? -4.518  -3.696  -17.938 1.00 11.54 ? 20  LYS A CG  1 
ATOM   159  C CD  . LYS A 1 20 ? -4.667  -4.872  -16.957 1.00 11.54 ? 20  LYS A CD  1 
ATOM   160  C CE  . LYS A 1 20 ? -4.731  -6.276  -17.566 1.00 11.54 ? 20  LYS A CE  1 
ATOM   161  N NZ  . LYS A 1 20 ? -4.785  -7.337  -16.514 1.00 11.54 ? 20  LYS A NZ  1 
ATOM   162  N N   . GLU A 1 21 ? -5.997  -0.628  -15.228 1.00 11.00 ? 21  GLU A N   1 
ATOM   163  C CA  . GLU A 1 21 ? -6.089  0.219   -14.028 1.00 11.00 ? 21  GLU A CA  1 
ATOM   164  C C   . GLU A 1 21 ? -5.118  -0.217  -12.925 1.00 11.00 ? 21  GLU A C   1 
ATOM   165  O O   . GLU A 1 21 ? -4.964  -1.414  -12.658 1.00 12.31 ? 21  GLU A O   1 
ATOM   166  C CB  . GLU A 1 21 ? -7.520  0.211   -13.476 1.00 12.31 ? 21  GLU A CB  1 
ATOM   167  C CG  . GLU A 1 21 ? -8.486  1.093   -14.277 1.00 12.31 ? 21  GLU A CG  1 
ATOM   168  C CD  . GLU A 1 21 ? -9.692  1.625   -13.506 1.00 12.31 ? 21  GLU A CD  1 
ATOM   169  O OE1 . GLU A 1 21 ? -9.704  1.595   -12.248 1.00 12.31 ? 21  GLU A OE1 1 
ATOM   170  O OE2 . GLU A 1 21 ? -10.642 2.103   -14.167 1.00 12.31 ? 21  GLU A OE2 1 
ATOM   171  N N   . ALA A 1 22 ? -4.443  0.747   -12.323 1.00 10.00 ? 22  ALA A N   1 
ATOM   172  C CA  . ALA A 1 22 ? -3.481  0.485   -11.268 1.00 10.00 ? 22  ALA A CA  1 
ATOM   173  C C   . ALA A 1 22 ? -3.723  1.426   -10.108 1.00 10.00 ? 22  ALA A C   1 
ATOM   174  O O   . ALA A 1 22 ? -4.058  2.583   -10.320 1.00 11.86 ? 22  ALA A O   1 
ATOM   175  C CB  . ALA A 1 22 ? -2.067  0.677   -11.793 1.00 11.86 ? 22  ALA A CB  1 
ATOM   176  N N   . LEU A 1 23 ? -3.541  0.900   -8.918  1.00 6.45  ? 23  LEU A N   1 
ATOM   177  C CA  . LEU A 1 23 ? -3.705  1.568   -7.636  1.00 6.45  ? 23  LEU A CA  1 
ATOM   178  C C   . LEU A 1 23 ? -2.374  2.204   -7.240  1.00 6.45  ? 23  LEU A C   1 
ATOM   179  O O   . LEU A 1 23 ? -1.345  1.521   -7.371  1.00 17.81 ? 23  LEU A O   1 
ATOM   180  C CB  . LEU A 1 23 ? -4.140  0.479   -6.632  1.00 17.81 ? 23  LEU A CB  1 
ATOM   181  C CG  . LEU A 1 23 ? -4.110  0.628   -5.111  1.00 17.81 ? 23  LEU A CG  1 
ATOM   182  C CD1 . LEU A 1 23 ? -5.362  1.293   -4.612  1.00 17.81 ? 23  LEU A CD1 1 
ATOM   183  C CD2 . LEU A 1 23 ? -4.067  -0.752  -4.486  1.00 17.81 ? 23  LEU A CD2 1 
ATOM   184  N N   . LEU A 1 24 ? -2.351  3.468   -6.800  1.00 16.76 ? 24  LEU A N   1 
ATOM   185  C CA  . LEU A 1 24 ? -1.107  4.128   -6.378  1.00 16.76 ? 24  LEU A CA  1 
ATOM   186  C C   . LEU A 1 24 ? -0.934  3.536   -4.974  1.00 16.76 ? 24  LEU A C   1 
ATOM   187  O O   . LEU A 1 24 ? -1.771  3.808   -4.111  1.00 10.48 ? 24  LEU A O   1 
ATOM   188  C CB  . LEU A 1 24 ? -1.195  5.666   -6.203  1.00 10.48 ? 24  LEU A CB  1 
ATOM   189  C CG  . LEU A 1 24 ? -1.546  6.718   -7.282  1.00 10.48 ? 24  LEU A CG  1 
ATOM   190  C CD1 . LEU A 1 24 ? -1.114  6.202   -8.639  1.00 10.48 ? 24  LEU A CD1 1 
ATOM   191  C CD2 . LEU A 1 24 ? -3.032  7.021   -7.262  1.00 10.48 ? 24  LEU A CD2 1 
ATOM   192  N N   . ASP A 1 25 ? 0.123   2.765   -4.713  1.00 11.75 ? 25  ASP A N   1 
ATOM   193  C CA  . ASP A 1 25 ? 0.378   2.128   -3.427  1.00 11.75 ? 25  ASP A CA  1 
ATOM   194  C C   . ASP A 1 25 ? 1.609   2.673   -2.695  1.00 11.75 ? 25  ASP A C   1 
ATOM   195  O O   . ASP A 1 25 ? 2.742   2.294   -2.993  1.00 9.00  ? 25  ASP A O   1 
ATOM   196  C CB  . ASP A 1 25 ? 0.528   0.640   -3.691  1.00 9.00  ? 25  ASP A CB  1 
ATOM   197  C CG  . ASP A 1 25 ? 0.266   -0.322  -2.555  1.00 9.00  ? 25  ASP A CG  1 
ATOM   198  O OD1 . ASP A 1 25 ? 0.465   0.003   -1.366  1.00 9.00  ? 25  ASP A OD1 1 
ATOM   199  O OD2 . ASP A 1 25 ? -0.154  -1.446  -2.880  1.00 9.00  ? 25  ASP A OD2 1 
ATOM   200  N N   . THR A 1 26 ? 1.406   3.519   -1.691  1.00 9.05  ? 26  THR A N   1 
ATOM   201  C CA  . THR A 1 26 ? 2.506   4.094   -0.917  1.00 9.05  ? 26  THR A CA  1 
ATOM   202  C C   . THR A 1 26 ? 3.177   3.063   -0.012  1.00 9.05  ? 26  THR A C   1 
ATOM   203  O O   . THR A 1 26 ? 4.268   3.337   0.475   1.00 13.01 ? 26  THR A O   1 
ATOM   204  C CB  . THR A 1 26 ? 2.032   5.291   -0.036  1.00 13.01 ? 26  THR A CB  1 
ATOM   205  O OG1 . THR A 1 26 ? 0.834   4.986   0.704   1.00 13.01 ? 26  THR A OG1 1 
ATOM   206  C CG2 . THR A 1 26 ? 1.703   6.464   -0.928  1.00 13.01 ? 26  THR A CG2 1 
ATOM   207  N N   . GLY A 1 27 ? 2.568   1.883   0.163   1.00 8.75  ? 27  GLY A N   1 
ATOM   208  C CA  . GLY A 1 27 ? 3.112   0.820   0.996   1.00 8.75  ? 27  GLY A CA  1 
ATOM   209  C C   . GLY A 1 27 ? 3.757   -0.274  0.185   1.00 8.75  ? 27  GLY A C   1 
ATOM   210  O O   . GLY A 1 27 ? 3.852   -1.421  0.622   1.00 2.00  ? 27  GLY A O   1 
ATOM   211  N N   . ALA A 1 28 ? 4.183   0.083   -1.017  1.00 23.87 ? 28  ALA A N   1 
ATOM   212  C CA  . ALA A 1 28 ? 4.786   -0.825  -1.965  1.00 23.87 ? 28  ALA A CA  1 
ATOM   213  C C   . ALA A 1 28 ? 6.037   -0.156  -2.490  1.00 23.87 ? 28  ALA A C   1 
ATOM   214  O O   . ALA A 1 28 ? 5.974   0.964   -2.965  1.00 20.71 ? 28  ALA A O   1 
ATOM   215  C CB  . ALA A 1 28 ? 3.816   -1.095  -3.098  1.00 20.71 ? 28  ALA A CB  1 
ATOM   216  N N   . ASP A 1 29 ? 7.181   -0.796  -2.331  1.00 2.00  ? 29  ASP A N   1 
ATOM   217  C CA  . ASP A 1 29 ? 8.469   -0.284  -2.796  1.00 14.06 ? 29  ASP A CA  1 
ATOM   218  C C   . ASP A 1 29 ? 8.599   -0.449  -4.292  1.00 14.06 ? 29  ASP A C   1 
ATOM   219  O O   . ASP A 1 29 ? 9.217   0.378   -4.947  1.00 14.06 ? 29  ASP A O   1 
ATOM   220  C CB  . ASP A 1 29 ? 9.650   -1.042  -2.224  1.00 14.06 ? 29  ASP A CB  1 
ATOM   221  C CG  . ASP A 1 29 ? 9.555   -1.403  -0.766  1.00 14.06 ? 29  ASP A CG  1 
ATOM   222  O OD1 . ASP A 1 29 ? 9.283   -0.518  0.060   1.00 14.06 ? 29  ASP A OD1 1 
ATOM   223  O OD2 . ASP A 1 29 ? 9.760   -2.584  -0.444  1.00 14.06 ? 29  ASP A OD2 1 
ATOM   224  N N   . ASP A 1 30 ? 8.080   -1.571  -4.771  1.00 16.05 ? 30  ASP A N   1 
ATOM   225  C CA  . ASP A 1 30 ? 8.090   -1.948  -6.173  1.00 16.05 ? 30  ASP A CA  1 
ATOM   226  C C   . ASP A 1 30 ? 6.687   -1.925  -6.775  1.00 16.05 ? 30  ASP A C   1 
ATOM   227  O O   . ASP A 1 30 ? 5.694   -1.984  -6.034  1.00 22.04 ? 30  ASP A O   1 
ATOM   228  C CB  . ASP A 1 30 ? 8.707   -3.340  -6.296  1.00 22.04 ? 30  ASP A CB  1 
ATOM   229  C CG  . ASP A 1 30 ? 10.216  -3.375  -6.104  1.00 22.04 ? 30  ASP A CG  1 
ATOM   230  O OD1 . ASP A 1 30 ? 10.950  -2.735  -6.891  1.00 22.04 ? 30  ASP A OD1 1 
ATOM   231  O OD2 . ASP A 1 30 ? 10.676  -4.065  -5.172  1.00 22.04 ? 30  ASP A OD2 1 
ATOM   232  N N   . SER A 1 31 ? 6.657   -1.836  -8.104  1.00 8.53  ? 31  SER A N   1 
ATOM   233  C CA  . SER A 1 31 ? 5.443   -1.801  -8.900  1.00 8.53  ? 31  SER A CA  1 
ATOM   234  C C   . SER A 1 31 ? 5.216   -3.223  -9.407  1.00 8.53  ? 31  SER A C   1 
ATOM   235  O O   . SER A 1 31 ? 6.182   -3.827  -9.875  1.00 9.00  ? 31  SER A O   1 
ATOM   236  C CB  . SER A 1 31 ? 5.690   -0.815  -10.002 1.00 9.00  ? 31  SER A CB  1 
ATOM   237  O OG  . SER A 1 31 ? 5.975   0.427   -9.389  1.00 9.00  ? 31  SER A OG  1 
ATOM   238  N N   . ILE A 1 32 ? 3.998   -3.762  -9.378  1.00 6.58  ? 32  ILE A N   1 
ATOM   239  C CA  . ILE A 1 32 ? 3.678   -5.128  -9.811  1.00 6.58  ? 32  ILE A CA  1 
ATOM   240  C C   . ILE A 1 32 ? 2.457   -4.998  -10.724 1.00 6.58  ? 32  ILE A C   1 
ATOM   241  O O   . ILE A 1 32 ? 1.506   -4.329  -10.313 1.00 25.86 ? 32  ILE A O   1 
ATOM   242  C CB  . ILE A 1 32 ? 3.284   -6.044  -8.621  1.00 25.86 ? 32  ILE A CB  1 
ATOM   243  C CG1 . ILE A 1 32 ? 4.154   -5.754  -7.397  1.00 25.86 ? 32  ILE A CG1 1 
ATOM   244  C CG2 . ILE A 1 32 ? 3.447   -7.497  -9.048  1.00 25.86 ? 32  ILE A CG2 1 
ATOM   245  C CD1 . ILE A 1 32 ? 3.564   -6.171  -6.070  1.00 25.86 ? 32  ILE A CD1 1 
ATOM   246  N N   . VAL A 1 33 ? 2.424   -5.612  -11.906 1.00 9.00  ? 33  VAL A N   1 
ATOM   247  C CA  . VAL A 1 33 ? 1.308   -5.525  -12.841 1.00 9.00  ? 33  VAL A CA  1 
ATOM   248  C C   . VAL A 1 33 ? 1.012   -6.967  -13.248 1.00 9.00  ? 33  VAL A C   1 
ATOM   249  O O   . VAL A 1 33 ? 1.935   -7.786  -13.194 1.00 9.10  ? 33  VAL A O   1 
ATOM   250  C CB  . VAL A 1 33 ? 1.682   -4.699  -14.143 1.00 9.10  ? 33  VAL A CB  1 
ATOM   251  C CG1 . VAL A 1 33 ? 0.409   -4.362  -14.916 1.00 9.10  ? 33  VAL A CG1 1 
ATOM   252  C CG2 . VAL A 1 33 ? 2.375   -3.387  -13.804 1.00 9.10  ? 33  VAL A CG2 1 
ATOM   253  N N   . ALA A 1 34 ? -0.206  -7.331  -13.658 1.00 7.65  ? 34  ALA A N   1 
ATOM   254  C CA  . ALA A 1 34 ? -0.543  -8.700  -14.075 1.00 7.65  ? 34  ALA A CA  1 
ATOM   255  C C   . ALA A 1 34 ? -1.244  -8.620  -15.426 1.00 7.65  ? 34  ALA A C   1 
ATOM   256  O O   . ALA A 1 34 ? -1.917  -7.628  -15.699 1.00 9.83  ? 34  ALA A O   1 
ATOM   257  C CB  . ALA A 1 34 ? -1.481  -9.356  -13.088 1.00 9.83  ? 34  ALA A CB  1 
ATOM   258  N N   . GLY A 1 35 ? -1.045  -9.634  -16.271 1.00 2.00  ? 35  GLY A N   1 
ATOM   259  C CA  . GLY A 1 35 ? -1.677  -9.752  -17.588 1.00 12.00 ? 35  GLY A CA  1 
ATOM   260  C C   . GLY A 1 35 ? -1.109  -8.882  -18.688 1.00 12.00 ? 35  GLY A C   1 
ATOM   261  O O   . GLY A 1 35 ? -1.696  -8.743  -19.762 1.00 26.78 ? 35  GLY A O   1 
ATOM   262  N N   . ILE A 1 36 ? 0.060   -8.323  -18.430 1.00 13.84 ? 36  ILE A N   1 
ATOM   263  C CA  . ILE A 1 36 ? 0.729   -7.408  -19.350 1.00 13.84 ? 36  ILE A CA  1 
ATOM   264  C C   . ILE A 1 36 ? 1.822   -8.269  -19.987 1.00 13.84 ? 36  ILE A C   1 
ATOM   265  O O   . ILE A 1 36 ? 2.705   -8.808  -19.309 1.00 27.36 ? 36  ILE A O   1 
ATOM   266  C CB  . ILE A 1 36 ? 1.183   -6.198  -18.447 1.00 27.36 ? 36  ILE A CB  1 
ATOM   267  C CG1 . ILE A 1 36 ? 0.499   -4.970  -19.041 1.00 27.36 ? 36  ILE A CG1 1 
ATOM   268  C CG2 . ILE A 1 36 ? 2.674   -5.968  -18.364 1.00 27.36 ? 36  ILE A CG2 1 
ATOM   269  C CD1 . ILE A 1 36 ? -0.999  -4.901  -18.821 1.00 27.36 ? 36  ILE A CD1 1 
ATOM   270  N N   . GLU A 1 37 ? 1.669   -8.521  -21.280 1.00 21.82 ? 37  GLU A N   1 
ATOM   271  C CA  . GLU A 1 37 ? 2.650   -9.339  -21.990 1.00 21.82 ? 37  GLU A CA  1 
ATOM   272  C C   . GLU A 1 37 ? 3.708   -8.318  -22.382 1.00 21.82 ? 37  GLU A C   1 
ATOM   273  O O   . GLU A 1 37 ? 3.513   -7.536  -23.309 1.00 39.70 ? 37  GLU A O   1 
ATOM   274  C CB  . GLU A 1 37 ? 1.978   -10.017 -23.213 1.00 39.70 ? 37  GLU A CB  1 
ATOM   275  C CG  . GLU A 1 37 ? 0.865   -11.001 -22.808 1.00 39.70 ? 37  GLU A CG  1 
ATOM   276  C CD  . GLU A 1 37 ? 0.267   -11.887 -23.900 1.00 39.70 ? 37  GLU A CD  1 
ATOM   277  O OE1 . GLU A 1 37 ? -0.491  -11.393 -24.763 1.00 39.70 ? 37  GLU A OE1 1 
ATOM   278  O OE2 . GLU A 1 37 ? 0.527   -13.108 -23.873 1.00 39.70 ? 37  GLU A OE2 1 
ATOM   279  N N   . LEU A 1 38 ? 4.773   -8.255  -21.598 1.00 12.72 ? 38  LEU A N   1 
ATOM   280  C CA  . LEU A 1 38 ? 5.854   -7.314  -21.847 1.00 12.72 ? 38  LEU A CA  1 
ATOM   281  C C   . LEU A 1 38 ? 7.042   -7.863  -22.637 1.00 2.72  ? 38  LEU A C   1 
ATOM   282  O O   . LEU A 1 38 ? 7.422   -9.018  -22.441 1.00 11.19 ? 38  LEU A O   1 
ATOM   283  C CB  . LEU A 1 38 ? 6.283   -6.787  -20.494 1.00 11.19 ? 38  LEU A CB  1 
ATOM   284  C CG  . LEU A 1 38 ? 6.358   -5.267  -20.312 1.00 11.19 ? 38  LEU A CG  1 
ATOM   285  C CD1 . LEU A 1 38 ? 5.266   -4.503  -21.055 1.00 11.19 ? 38  LEU A CD1 1 
ATOM   286  C CD2 . LEU A 1 38 ? 6.269   -5.043  -18.813 1.00 11.19 ? 38  LEU A CD2 1 
ATOM   287  N N   . PRO A 1 39 ? 7.608   -7.091  -23.575 1.00 22.00 ? 39  PRO A N   1 
ATOM   288  C CA  . PRO A 1 39 ? 8.798   -7.446  -24.333 1.00 22.00 ? 39  PRO A CA  1 
ATOM   289  C C   . PRO A 1 39 ? 10.104  -7.281  -23.578 1.00 22.00 ? 39  PRO A C   1 
ATOM   290  O O   . PRO A 1 39 ? 10.211  -6.458  -22.663 1.00 22.00 ? 39  PRO A O   1 
ATOM   291  C CB  . PRO A 1 39 ? 8.775   -6.552  -25.555 1.00 22.00 ? 39  PRO A CB  1 
ATOM   292  C CG  . PRO A 1 39 ? 7.343   -6.238  -25.650 1.00 22.00 ? 39  PRO A CG  1 
ATOM   293  C CD  . PRO A 1 39 ? 7.028   -5.909  -24.232 1.00 22.00 ? 39  PRO A CD  1 
ATOM   294  N N   . GLY A 1 40 ? 11.081  -8.021  -24.083 1.00 33.30 ? 40  GLY A N   1 
ATOM   295  C CA  . GLY A 1 40 ? 12.438  -7.852  -23.614 1.00 33.30 ? 40  GLY A CA  1 
ATOM   296  C C   . GLY A 1 40 ? 13.022  -9.013  -22.839 1.00 33.30 ? 40  GLY A C   1 
ATOM   297  O O   . GLY A 1 40 ? 12.582  -10.168 -22.928 1.00 15.00 ? 40  GLY A O   1 
ATOM   298  N N   . ARG A 1 41 ? 14.089  -8.630  -22.155 1.00 26.65 ? 41  ARG A N   1 
ATOM   299  C CA  . ARG A 1 41 ? 14.835  -9.545  -21.319 1.00 26.65 ? 41  ARG A CA  1 
ATOM   300  C C   . ARG A 1 41 ? 14.345  -9.308  -19.905 1.00 26.65 ? 41  ARG A C   1 
ATOM   301  O O   . ARG A 1 41 ? 14.105  -8.166  -19.517 1.00 20.15 ? 41  ARG A O   1 
ATOM   302  C CB  . ARG A 1 41 ? 16.343  -9.288  -21.322 1.00 20.15 ? 41  ARG A CB  1 
ATOM   303  C CG  . ARG A 1 41 ? 17.118  -9.862  -22.486 1.00 20.15 ? 41  ARG A CG  1 
ATOM   304  C CD  . ARG A 1 41 ? 17.498  -8.780  -23.469 1.00 20.15 ? 41  ARG A CD  1 
ATOM   305  N NE  . ARG A 1 41 ? 18.952  -8.667  -23.595 1.00 20.15 ? 41  ARG A NE  1 
ATOM   306  C CZ  . ARG A 1 41 ? 19.584  -8.164  -24.657 1.00 20.15 ? 41  ARG A CZ  1 
ATOM   307  N NH1 . ARG A 1 41 ? 18.916  -7.710  -25.718 1.00 20.15 ? 41  ARG A NH1 1 
ATOM   308  N NH2 . ARG A 1 41 ? 20.911  -8.138  -24.672 1.00 20.15 ? 41  ARG A NH2 1 
ATOM   309  N N   . TRP A 1 42 ? 14.221  -10.372 -19.137 1.00 7.75  ? 42  TRP A N   1 
ATOM   310  C CA  . TRP A 1 42 ? 13.770  -10.255 -17.759 1.00 7.75  ? 42  TRP A CA  1 
ATOM   311  C C   . TRP A 1 42 ? 14.701  -11.045 -16.833 1.00 7.75  ? 42  TRP A C   1 
ATOM   312  O O   . TRP A 1 42 ? 15.311  -12.023 -17.281 1.00 69.63 ? 42  TRP A O   1 
ATOM   313  C CB  . TRP A 1 42 ? 12.305  -10.764 -17.613 1.00 69.63 ? 42  TRP A CB  1 
ATOM   314  C CG  . TRP A 1 42 ? 11.954  -11.998 -18.384 1.00 69.63 ? 42  TRP A CG  1 
ATOM   315  C CD1 . TRP A 1 42 ? 11.681  -12.052 -19.714 1.00 69.63 ? 42  TRP A CD1 1 
ATOM   316  C CD2 . TRP A 1 42 ? 11.859  -13.339 -17.905 1.00 69.63 ? 42  TRP A CD2 1 
ATOM   317  N NE1 . TRP A 1 42 ? 11.427  -13.336 -20.097 1.00 69.63 ? 42  TRP A NE1 1 
ATOM   318  C CE2 . TRP A 1 42 ? 11.525  -14.161 -19.018 1.00 69.63 ? 42  TRP A CE2 1 
ATOM   319  C CE3 . TRP A 1 42 ? 12.025  -13.936 -16.640 1.00 69.63 ? 42  TRP A CE3 1 
ATOM   320  C CZ2 . TRP A 1 42 ? 11.355  -15.549 -18.892 1.00 69.63 ? 42  TRP A CZ2 1 
ATOM   321  C CZ3 . TRP A 1 42 ? 11.852  -15.316 -16.515 1.00 69.63 ? 42  TRP A CZ3 1 
ATOM   322  C CH2 . TRP A 1 42 ? 11.523  -16.112 -17.642 1.00 69.63 ? 42  TRP A CH2 1 
ATOM   323  N N   . LYS A 1 43 ? 14.840  -10.574 -15.585 1.00 22.85 ? 43  LYS A N   1 
ATOM   324  C CA  . LYS A 1 43 ? 15.676  -11.189 -14.537 1.00 22.85 ? 43  LYS A CA  1 
ATOM   325  C C   . LYS A 1 43 ? 14.655  -11.751 -13.527 1.00 22.85 ? 43  LYS A C   1 
ATOM   326  O O   . LYS A 1 43 ? 13.464  -11.443 -13.663 1.00 19.15 ? 43  LYS A O   1 
ATOM   327  C CB  . LYS A 1 43 ? 16.588  -10.165 -13.797 1.00 19.15 ? 43  LYS A CB  1 
ATOM   328  C CG  . LYS A 1 43 ? 17.700  -10.818 -12.936 1.00 19.15 ? 43  LYS A CG  1 
ATOM   329  C CD  . LYS A 1 43 ? 18.672  -9.945  -12.126 1.00 19.15 ? 43  LYS A CD  1 
ATOM   330  C CE  . LYS A 1 43 ? 18.027  -9.169  -10.972 1.00 19.15 ? 43  LYS A CE  1 
ATOM   331  N NZ  . LYS A 1 43 ? 18.973  -8.240  -10.271 1.00 19.15 ? 43  LYS A NZ  1 
ATOM   332  N N   . PRO A 1 44 ? 14.945  -12.640 -12.555 1.00 41.63 ? 44  PRO A N   1 
ATOM   333  C CA  . PRO A 1 44 ? 14.143  -12.785 -11.319 1.00 41.63 ? 44  PRO A CA  1 
ATOM   334  C C   . PRO A 1 44 ? 14.236  -11.838 -10.132 1.00 41.63 ? 44  PRO A C   1 
ATOM   335  O O   . PRO A 1 44 ? 15.158  -11.034 -9.935  1.00 21.75 ? 44  PRO A O   1 
ATOM   336  C CB  . PRO A 1 44 ? 14.391  -14.255 -10.868 1.00 21.75 ? 44  PRO A CB  1 
ATOM   337  C CG  . PRO A 1 44 ? 14.593  -14.927 -12.182 1.00 21.75 ? 44  PRO A CG  1 
ATOM   338  C CD  . PRO A 1 44 ? 15.589  -13.951 -12.780 1.00 21.75 ? 44  PRO A CD  1 
ATOM   339  N N   . LYS A 1 45 ? 13.165  -12.010 -9.375  1.00 8.44  ? 45  LYS A N   1 
ATOM   340  C CA  . LYS A 1 45 ? 12.911  -11.280 -8.149  1.00 8.44  ? 45  LYS A CA  1 
ATOM   341  C C   . LYS A 1 45 ? 11.818  -12.078 -7.409  1.00 8.44  ? 45  LYS A C   1 
ATOM   342  O O   . LYS A 1 45 ? 10.872  -12.596 -8.020  1.00 34.71 ? 45  LYS A O   1 
ATOM   343  C CB  . LYS A 1 45 ? 12.413  -9.866  -8.451  1.00 34.71 ? 45  LYS A CB  1 
ATOM   344  C CG  . LYS A 1 45 ? 12.851  -8.978  -7.319  1.00 34.71 ? 45  LYS A CG  1 
ATOM   345  C CD  . LYS A 1 45 ? 12.530  -7.523  -7.536  1.00 34.71 ? 45  LYS A CD  1 
ATOM   346  C CE  . LYS A 1 45 ? 13.204  -6.699  -6.460  1.00 34.71 ? 45  LYS A CE  1 
ATOM   347  N NZ  . LYS A 1 45 ? 12.757  -7.084  -5.088  1.00 34.71 ? 45  LYS A NZ  1 
ATOM   348  N N   . MET A 1 46 ? 12.014  -12.258 -6.106  1.00 39.41 ? 46  MET A N   1 
ATOM   349  C CA  . MET A 1 46 ? 11.076  -12.969 -5.245  1.00 39.41 ? 46  MET A CA  1 
ATOM   350  C C   . MET A 1 46 ? 10.853  -11.766 -4.363  1.00 39.41 ? 46  MET A C   1 
ATOM   351  O O   . MET A 1 46 ? 11.759  -11.228 -3.714  1.00 41.53 ? 46  MET A O   1 
ATOM   352  C CB  . MET A 1 46 ? 11.766  -14.095 -4.508  1.00 41.53 ? 46  MET A CB  1 
ATOM   353  C CG  . MET A 1 46 ? 10.989  -15.382 -4.657  1.00 41.53 ? 46  MET A CG  1 
ATOM   354  S SD  . MET A 1 46 ? 11.949  -16.791 -4.091  1.00 41.53 ? 46  MET A SD  1 
ATOM   355  C CE  . MET A 1 46 ? 13.300  -16.872 -5.266  1.00 41.53 ? 46  MET A CE  1 
ATOM   356  N N   . VAL A 1 47 ? 9.629   -11.305 -4.496  1.00 36.86 ? 47  VAL A N   1 
ATOM   357  C CA  . VAL A 1 47 ? 9.226   -10.133 -3.749  1.00 36.86 ? 47  VAL A CA  1 
ATOM   358  C C   . VAL A 1 47 ? 8.260   -10.619 -2.681  1.00 36.86 ? 47  VAL A C   1 
ATOM   359  O O   . VAL A 1 47 ? 7.694   -11.715 -2.786  1.00 32.00 ? 47  VAL A O   1 
ATOM   360  C CB  . VAL A 1 47 ? 8.603   -9.143  -4.811  1.00 32.00 ? 47  VAL A CB  1 
ATOM   361  C CG1 . VAL A 1 47 ? 7.088   -9.025  -4.733  1.00 32.00 ? 47  VAL A CG1 1 
ATOM   362  C CG2 . VAL A 1 47 ? 9.246   -7.797  -4.581  1.00 32.00 ? 47  VAL A CG2 1 
ATOM   363  N N   . GLY A 1 48 ? 8.095   -9.801  -1.660  1.00 54.09 ? 48  GLY A N   1 
ATOM   364  C CA  . GLY A 1 48 ? 7.196   -10.218 -0.617  1.00 54.09 ? 48  GLY A CA  1 
ATOM   365  C C   . GLY A 1 48 ? 6.486   -9.167  0.152   1.00 54.09 ? 48  GLY A C   1 
ATOM   366  O O   . GLY A 1 48 ? 6.951   -8.039  0.359   1.00 35.79 ? 48  GLY A O   1 
ATOM   367  N N   . GLY A 1 49 ? 5.366   -9.730  0.550   1.00 22.55 ? 49  GLY A N   1 
ATOM   368  C CA  . GLY A 1 49 ? 4.400   -9.023  1.332   1.00 22.55 ? 49  GLY A CA  1 
ATOM   369  C C   . GLY A 1 49 ? 3.835   -9.865  2.465   1.00 22.55 ? 49  GLY A C   1 
ATOM   370  O O   . GLY A 1 49 ? 4.451   -10.827 2.947   1.00 44.12 ? 49  GLY A O   1 
ATOM   371  N N   . ILE A 1 50 ? 2.646   -9.461  2.902   1.00 25.06 ? 50  ILE A N   1 
ATOM   372  C CA  . ILE A 1 50 ? 1.950   -10.097 4.032   1.00 25.06 ? 50  ILE A CA  1 
ATOM   373  C C   . ILE A 1 50 ? 1.221   -11.245 3.338   1.00 25.06 ? 50  ILE A C   1 
ATOM   374  O O   . ILE A 1 50 ? 0.612   -11.058 2.280   1.00 63.82 ? 50  ILE A O   1 
ATOM   375  C CB  . ILE A 1 50 ? 0.778   -9.291  4.668   1.00 63.82 ? 50  ILE A CB  1 
ATOM   376  C CG1 . ILE A 1 50 ? 1.146   -7.828  4.871   1.00 63.82 ? 50  ILE A CG1 1 
ATOM   377  C CG2 . ILE A 1 50 ? 0.369   -9.984  5.957   1.00 63.82 ? 50  ILE A CG2 1 
ATOM   378  C CD1 . ILE A 1 50 ? 0.396   -6.960  3.887   1.00 63.82 ? 50  ILE A CD1 1 
ATOM   379  N N   . GLY A 1 51 ? 1.176   -12.376 4.009   1.00 40.09 ? 51  GLY A N   1 
ATOM   380  C CA  . GLY A 1 51 ? 0.652   -13.563 3.383   1.00 40.09 ? 51  GLY A CA  1 
ATOM   381  C C   . GLY A 1 51 ? 1.878   -14.379 3.034   1.00 40.09 ? 51  GLY A C   1 
ATOM   382  O O   . GLY A 1 51 ? 1.993   -15.550 3.401   1.00 27.89 ? 51  GLY A O   1 
ATOM   383  N N   . GLY A 1 52 ? 2.810   -13.691 2.388   1.00 48.05 ? 52  GLY A N   1 
ATOM   384  C CA  . GLY A 1 52 ? 4.130   -14.201 2.133   1.00 48.05 ? 52  GLY A CA  1 
ATOM   385  C C   . GLY A 1 52 ? 4.671   -13.700 0.837   1.00 48.05 ? 52  GLY A C   1 
ATOM   386  O O   . GLY A 1 52 ? 4.800   -12.521 0.511   1.00 49.02 ? 52  GLY A O   1 
ATOM   387  N N   . PHE A 1 53 ? 4.772   -14.756 0.097   1.00 6.74  ? 53  PHE A N   1 
ATOM   388  C CA  . PHE A 1 53 ? 5.621   -14.772 -1.064  1.00 6.74  ? 53  PHE A CA  1 
ATOM   389  C C   . PHE A 1 53 ? 4.882   -14.810 -2.405  1.00 6.74  ? 53  PHE A C   1 
ATOM   390  O O   . PHE A 1 53 ? 3.723   -15.228 -2.472  1.00 65.71 ? 53  PHE A O   1 
ATOM   391  C CB  . PHE A 1 53 ? 6.523   -16.015 -0.971  1.00 65.71 ? 53  PHE A CB  1 
ATOM   392  C CG  . PHE A 1 53 ? 5.766   -17.331 -1.117  1.00 65.71 ? 53  PHE A CG  1 
ATOM   393  C CD1 . PHE A 1 53 ? 4.730   -17.686 -0.231  1.00 65.71 ? 53  PHE A CD1 1 
ATOM   394  C CD2 . PHE A 1 53 ? 6.053   -18.220 -2.166  1.00 65.71 ? 53  PHE A CD2 1 
ATOM   395  C CE1 . PHE A 1 53 ? 4.001   -18.858 -0.388  1.00 65.71 ? 53  PHE A CE1 1 
ATOM   396  C CE2 . PHE A 1 53 ? 5.324   -19.399 -2.324  1.00 65.71 ? 53  PHE A CE2 1 
ATOM   397  C CZ  . PHE A 1 53 ? 4.302   -19.712 -1.437  1.00 65.71 ? 53  PHE A CZ  1 
ATOM   398  N N   . ILE A 1 54 ? 5.624   -14.411 -3.431  1.00 48.21 ? 54  ILE A N   1 
ATOM   399  C CA  . ILE A 1 54 ? 5.184   -14.378 -4.818  1.00 48.21 ? 54  ILE A CA  1 
ATOM   400  C C   . ILE A 1 54 ? 6.422   -14.334 -5.683  1.00 48.21 ? 54  ILE A C   1 
ATOM   401  O O   . ILE A 1 54 ? 7.440   -13.705 -5.367  1.00 24.05 ? 54  ILE A O   1 
ATOM   402  C CB  . ILE A 1 54 ? 4.311   -13.148 -5.292  1.00 24.05 ? 54  ILE A CB  1 
ATOM   403  C CG1 . ILE A 1 54 ? 4.683   -11.837 -4.574  1.00 24.05 ? 54  ILE A CG1 1 
ATOM   404  C CG2 . ILE A 1 54 ? 2.855   -13.565 -5.148  1.00 24.05 ? 54  ILE A CG2 1 
ATOM   405  C CD1 . ILE A 1 54 ? 3.969   -10.629 -5.164  1.00 24.05 ? 54  ILE A CD1 1 
ATOM   406  N N   . LYS A 1 55 ? 6.281   -15.088 -6.759  1.00 35.70 ? 55  LYS A N   1 
ATOM   407  C CA  . LYS A 1 55 ? 7.342   -15.208 -7.749  1.00 35.70 ? 55  LYS A CA  1 
ATOM   408  C C   . LYS A 1 55 ? 6.991   -14.262 -8.903  1.00 35.70 ? 55  LYS A C   1 
ATOM   409  O O   . LYS A 1 55 ? 5.931   -14.433 -9.516  1.00 11.90 ? 55  LYS A O   1 
ATOM   410  C CB  . LYS A 1 55 ? 7.413   -16.658 -8.209  1.00 11.90 ? 55  LYS A CB  1 
ATOM   411  C CG  . LYS A 1 55 ? 8.341   -17.534 -7.372  1.00 11.90 ? 55  LYS A CG  1 
ATOM   412  C CD  . LYS A 1 55 ? 9.778   -17.450 -7.899  1.00 11.90 ? 55  LYS A CD  1 
ATOM   413  C CE  . LYS A 1 55 ? 10.577  -18.690 -7.496  1.00 11.90 ? 55  LYS A CE  1 
ATOM   414  N NZ  . LYS A 1 55 ? 11.858  -18.821 -8.255  1.00 11.90 ? 55  LYS A NZ  1 
ATOM   415  N N   . VAL A 1 56 ? 7.831   -13.267 -9.180  1.00 43.94 ? 56  VAL A N   1 
ATOM   416  C CA  . VAL A 1 56 ? 7.575   -12.301 -10.250 1.00 43.94 ? 56  VAL A CA  1 
ATOM   417  C C   . VAL A 1 56 ? 8.793   -12.232 -11.166 1.00 43.94 ? 56  VAL A C   1 
ATOM   418  O O   . VAL A 1 56 ? 9.877   -12.709 -10.806 1.00 21.67 ? 56  VAL A O   1 
ATOM   419  C CB  . VAL A 1 56 ? 7.282   -10.877 -9.662  1.00 21.67 ? 56  VAL A CB  1 
ATOM   420  C CG1 . VAL A 1 56 ? 6.026   -10.949 -8.808  1.00 21.67 ? 56  VAL A CG1 1 
ATOM   421  C CG2 . VAL A 1 56 ? 8.439   -10.385 -8.801  1.00 21.67 ? 56  VAL A CG2 1 
ATOM   422  N N   . ARG A 1 57 ? 8.588   -11.696 -12.366 1.00 9.78  ? 57  ARG A N   1 
ATOM   423  C CA  . ARG A 1 57 ? 9.659   -11.531 -13.361 1.00 9.78  ? 57  ARG A CA  1 
ATOM   424  C C   . ARG A 1 57 ? 9.923   -10.030 -13.251 1.00 9.78  ? 57  ARG A C   1 
ATOM   425  O O   . ARG A 1 57 ? 8.986   -9.218  -13.204 1.00 24.84 ? 57  ARG A O   1 
ATOM   426  C CB  . ARG A 1 57 ? 9.168   -11.863 -14.772 1.00 24.84 ? 57  ARG A CB  1 
ATOM   427  C CG  . ARG A 1 57 ? 8.490   -13.211 -14.884 1.00 24.84 ? 57  ARG A CG  1 
ATOM   428  C CD  . ARG A 1 57 ? 7.609   -13.262 -16.101 1.00 24.84 ? 57  ARG A CD  1 
ATOM   429  N NE  . ARG A 1 57 ? 8.198   -14.005 -17.207 1.00 24.84 ? 57  ARG A NE  1 
ATOM   430  C CZ  . ARG A 1 57 ? 7.516   -14.354 -18.308 1.00 24.84 ? 57  ARG A CZ  1 
ATOM   431  N NH1 . ARG A 1 57 ? 6.230   -14.029 -18.469 1.00 24.84 ? 57  ARG A NH1 1 
ATOM   432  N NH2 . ARG A 1 57 ? 8.115   -15.056 -19.261 1.00 24.84 ? 57  ARG A NH2 1 
ATOM   433  N N   . GLN A 1 58 ? 11.202  -9.712  -13.186 1.00 23.26 ? 58  GLN A N   1 
ATOM   434  C CA  . GLN A 1 58 ? 11.679  -8.357  -13.082 1.00 23.26 ? 58  GLN A CA  1 
ATOM   435  C C   . GLN A 1 58 ? 12.076  -7.815  -14.444 1.00 23.26 ? 58  GLN A C   1 
ATOM   436  O O   . GLN A 1 58 ? 13.006  -8.356  -15.045 1.00 17.93 ? 58  GLN A O   1 
ATOM   437  C CB  . GLN A 1 58 ? 12.882  -8.323  -12.143 1.00 17.93 ? 58  GLN A CB  1 
ATOM   438  C CG  . GLN A 1 58 ? 13.519  -6.946  -12.088 1.00 17.93 ? 58  GLN A CG  1 
ATOM   439  C CD  . GLN A 1 58 ? 14.636  -6.721  -11.093 1.00 17.93 ? 58  GLN A CD  1 
ATOM   440  O OE1 . GLN A 1 58 ? 15.351  -5.721  -11.202 1.00 17.93 ? 58  GLN A OE1 1 
ATOM   441  N NE2 . GLN A 1 58 ? 14.832  -7.575  -10.100 1.00 17.93 ? 58  GLN A NE2 1 
ATOM   442  N N   . TYR A 1 59 ? 11.386  -6.802  -14.947 1.00 22.00 ? 59  TYR A N   1 
ATOM   443  C CA  . TYR A 1 59 ? 11.703  -6.189  -16.233 1.00 22.00 ? 59  TYR A CA  1 
ATOM   444  C C   . TYR A 1 59 ? 12.120  -4.753  -15.873 1.00 22.00 ? 59  TYR A C   1 
ATOM   445  O O   . TYR A 1 59 ? 11.431  -4.058  -15.121 1.00 19.82 ? 59  TYR A O   1 
ATOM   446  C CB  . TYR A 1 59 ? 10.501  -6.106  -17.175 1.00 19.82 ? 59  TYR A CB  1 
ATOM   447  C CG  . TYR A 1 59 ? 9.975   -7.361  -17.828 1.00 19.82 ? 59  TYR A CG  1 
ATOM   448  C CD1 . TYR A 1 59 ? 9.053   -8.173  -17.163 1.00 19.82 ? 59  TYR A CD1 1 
ATOM   449  C CD2 . TYR A 1 59 ? 10.331  -7.698  -19.144 1.00 19.82 ? 59  TYR A CD2 1 
ATOM   450  C CE1 . TYR A 1 59 ? 8.488   -9.282  -17.789 1.00 19.82 ? 59  TYR A CE1 1 
ATOM   451  C CE2 . TYR A 1 59 ? 9.762   -8.815  -19.782 1.00 19.82 ? 59  TYR A CE2 1 
ATOM   452  C CZ  . TYR A 1 59 ? 8.838   -9.601  -19.093 1.00 19.82 ? 59  TYR A CZ  1 
ATOM   453  O OH  . TYR A 1 59 ? 8.243   -10.673 -19.709 1.00 19.82 ? 59  TYR A OH  1 
ATOM   454  N N   . ASP A 1 60 ? 13.249  -4.281  -16.372 1.00 15.39 ? 60  ASP A N   1 
ATOM   455  C CA  . ASP A 1 60 ? 13.765  -2.935  -16.108 1.00 15.39 ? 60  ASP A CA  1 
ATOM   456  C C   . ASP A 1 60 ? 13.484  -2.075  -17.340 1.00 15.39 ? 60  ASP A C   1 
ATOM   457  O O   . ASP A 1 60 ? 13.147  -2.624  -18.392 1.00 23.36 ? 60  ASP A O   1 
ATOM   458  C CB  . ASP A 1 60 ? 15.300  -2.931  -15.890 1.00 23.36 ? 60  ASP A CB  1 
ATOM   459  C CG  . ASP A 1 60 ? 15.901  -3.544  -14.632 1.00 23.36 ? 60  ASP A CG  1 
ATOM   460  O OD1 . ASP A 1 60 ? 15.263  -4.403  -13.975 1.00 23.36 ? 60  ASP A OD1 1 
ATOM   461  O OD2 . ASP A 1 60 ? 17.045  -3.146  -14.314 1.00 23.36 ? 60  ASP A OD2 1 
ATOM   462  N N   . GLN A 1 61 ? 13.693  -0.760  -17.215 1.00 16.11 ? 61  GLN A N   1 
ATOM   463  C CA  . GLN A 1 61 ? 13.502  0.238   -18.280 1.00 16.11 ? 61  GLN A CA  1 
ATOM   464  C C   . GLN A 1 61 ? 12.287  0.065   -19.231 1.00 16.11 ? 61  GLN A C   1 
ATOM   465  O O   . GLN A 1 61 ? 12.358  0.168   -20.464 1.00 30.89 ? 61  GLN A O   1 
ATOM   466  C CB  . GLN A 1 61 ? 14.830  0.303   -19.085 1.00 30.89 ? 61  GLN A CB  1 
ATOM   467  C CG  . GLN A 1 61 ? 16.013  1.114   -18.526 1.00 30.89 ? 61  GLN A CG  1 
ATOM   468  C CD  . GLN A 1 61 ? 16.333  2.385   -19.332 1.00 30.89 ? 61  GLN A CD  1 
ATOM   469  O OE1 . GLN A 1 61 ? 16.321  3.500   -18.799 1.00 30.89 ? 61  GLN A OE1 1 
ATOM   470  N NE2 . GLN A 1 61 ? 16.623  2.270   -20.621 1.00 30.89 ? 61  GLN A NE2 1 
ATOM   471  N N   . ILE A 1 62 ? 11.139  -0.155  -18.588 1.00 2.00  ? 62  ILE A N   1 
ATOM   472  C CA  . ILE A 1 62 ? 9.847   -0.350  -19.234 1.00 12.00 ? 62  ILE A CA  1 
ATOM   473  C C   . ILE A 1 62 ? 9.235   1.043   -19.190 1.00 12.00 ? 62  ILE A C   1 
ATOM   474  O O   . ILE A 1 62 ? 9.366   1.716   -18.163 1.00 7.74  ? 62  ILE A O   1 
ATOM   475  C CB  . ILE A 1 62 ? 8.927   -1.315  -18.438 1.00 7.74  ? 62  ILE A CB  1 
ATOM   476  C CG1 . ILE A 1 62 ? 9.605   -2.667  -18.241 1.00 7.74  ? 62  ILE A CG1 1 
ATOM   477  C CG2 . ILE A 1 62 ? 7.611   -1.482  -19.190 1.00 7.74  ? 62  ILE A CG2 1 
ATOM   478  C CD1 . ILE A 1 62 ? 10.019  -3.364  -19.527 1.00 7.74  ? 62  ILE A CD1 1 
ATOM   479  N N   . LEU A 1 63 ? 8.607   1.468   -20.272 1.00 14.54 ? 63  LEU A N   1 
ATOM   480  C CA  . LEU A 1 63 ? 7.981   2.771   -20.333 1.00 14.54 ? 63  LEU A CA  1 
ATOM   481  C C   . LEU A 1 63 ? 6.566   2.496   -19.815 1.00 14.54 ? 63  LEU A C   1 
ATOM   482  O O   . LEU A 1 63 ? 5.870   1.571   -20.262 1.00 23.72 ? 63  LEU A O   1 
ATOM   483  C CB  . LEU A 1 63 ? 7.937   3.277   -21.780 1.00 23.72 ? 63  LEU A CB  1 
ATOM   484  C CG  . LEU A 1 63 ? 8.076   4.778   -22.107 1.00 23.72 ? 63  LEU A CG  1 
ATOM   485  C CD1 . LEU A 1 63 ? 7.625   4.941   -23.549 1.00 23.72 ? 63  LEU A CD1 1 
ATOM   486  C CD2 . LEU A 1 63 ? 7.225   5.677   -21.220 1.00 23.72 ? 63  LEU A CD2 1 
ATOM   487  N N   . ILE A 1 64 ? 6.178   3.316   -18.858 1.00 20.65 ? 64  ILE A N   1 
ATOM   488  C CA  . ILE A 1 64 ? 4.874   3.229   -18.235 1.00 20.65 ? 64  ILE A CA  1 
ATOM   489  C C   . ILE A 1 64 ? 4.437   4.686   -18.069 1.00 20.65 ? 64  ILE A C   1 
ATOM   490  O O   . ILE A 1 64 ? 5.222   5.586   -17.763 1.00 17.15 ? 64  ILE A O   1 
ATOM   491  C CB  . ILE A 1 64 ? 5.024   2.405   -16.880 1.00 17.15 ? 64  ILE A CB  1 
ATOM   492  C CG1 . ILE A 1 64 ? 3.615   2.004   -16.431 1.00 17.15 ? 64  ILE A CG1 1 
ATOM   493  C CG2 . ILE A 1 64 ? 5.765   3.182   -15.790 1.00 17.15 ? 64  ILE A CG2 1 
ATOM   494  C CD1 . ILE A 1 64 ? 3.557   1.097   -15.225 1.00 17.15 ? 64  ILE A CD1 1 
ATOM   495  N N   . GLU A 1 65 ? 3.196   4.895   -18.464 1.00 12.00 ? 65  GLU A N   1 
ATOM   496  C CA  . GLU A 1 65 ? 2.499   6.179   -18.424 1.00 12.00 ? 65  GLU A CA  1 
ATOM   497  C C   . GLU A 1 65 ? 1.417   6.020   -17.358 1.00 12.00 ? 65  GLU A C   1 
ATOM   498  O O   . GLU A 1 65 ? 0.559   5.148   -17.503 1.00 19.07 ? 65  GLU A O   1 
ATOM   499  C CB  . GLU A 1 65 ? 1.931   6.444   -19.838 1.00 19.07 ? 65  GLU A CB  1 
ATOM   500  C CG  . GLU A 1 65 ? 1.120   7.719   -20.016 1.00 19.07 ? 65  GLU A CG  1 
ATOM   501  C CD  . GLU A 1 65 ? 1.113   8.307   -21.423 1.00 19.07 ? 65  GLU A CD  1 
ATOM   502  O OE1 . GLU A 1 65 ? 1.284   7.572   -22.421 1.00 19.07 ? 65  GLU A OE1 1 
ATOM   503  O OE2 . GLU A 1 65 ? 0.933   9.537   -21.535 1.00 19.07 ? 65  GLU A OE2 1 
ATOM   504  N N   . ILE A 1 66 ? 1.480   6.829   -16.298 1.00 12.00 ? 66  ILE A N   1 
ATOM   505  C CA  . ILE A 1 66 ? 0.562   6.846   -15.143 1.00 12.00 ? 66  ILE A CA  1 
ATOM   506  C C   . ILE A 1 66 ? -0.225  8.161   -15.179 1.00 12.00 ? 66  ILE A C   1 
ATOM   507  O O   . ILE A 1 66 ? 0.367   9.224   -14.993 1.00 11.68 ? 66  ILE A O   1 
ATOM   508  C CB  . ILE A 1 66 ? 1.373   6.759   -13.803 1.00 11.68 ? 66  ILE A CB  1 
ATOM   509  C CG1 . ILE A 1 66 ? 2.477   5.686   -13.880 1.00 11.68 ? 66  ILE A CG1 1 
ATOM   510  C CG2 . ILE A 1 66 ? 0.425   6.398   -12.675 1.00 11.68 ? 66  ILE A CG2 1 
ATOM   511  C CD1 . ILE A 1 66 ? 3.445   5.676   -12.713 1.00 11.68 ? 66  ILE A CD1 1 
ATOM   512  N N   . CYS A 1 67 ? -1.524  8.112   -15.451 1.00 23.23 ? 67  CYS A N   1 
ATOM   513  C CA  . CYS A 1 67 ? -2.425  9.280   -15.537 1.00 23.23 ? 67  CYS A CA  1 
ATOM   514  C C   . CYS A 1 67 ? -1.812  10.505  -16.247 1.00 23.23 ? 67  CYS A C   1 
ATOM   515  O O   . CYS A 1 67 ? -1.690  11.611  -15.710 1.00 25.78 ? 67  CYS A O   1 
ATOM   516  C CB  . CYS A 1 67 ? -2.899  9.702   -14.126 1.00 25.78 ? 67  CYS A CB  1 
ATOM   517  S SG  . CYS A 1 67 ? -4.327  10.823  -14.123 1.00 25.78 ? 67  CYS A SG  1 
ATOM   518  N N   . GLY A 1 68 ? -1.336  10.243  -17.463 1.00 8.32  ? 68  GLY A N   1 
ATOM   519  C CA  . GLY A 1 68 ? -0.737  11.271  -18.299 1.00 8.32  ? 68  GLY A CA  1 
ATOM   520  C C   . GLY A 1 68 ? 0.724   11.605  -18.040 1.00 8.32  ? 68  GLY A C   1 
ATOM   521  O O   . GLY A 1 68 ? 1.301   12.378  -18.802 1.00 31.06 ? 68  GLY A O   1 
ATOM   522  N N   . HIS A 1 69 ? 1.374   11.069  -17.014 1.00 13.45 ? 69  HIS A N   1 
ATOM   523  C CA  . HIS A 1 69 ? 2.778   11.369  -16.743 1.00 13.45 ? 69  HIS A CA  1 
ATOM   524  C C   . HIS A 1 69 ? 3.580   10.131  -17.167 1.00 13.45 ? 69  HIS A C   1 
ATOM   525  O O   . HIS A 1 69 ? 3.050   9.038   -16.993 1.00 26.72 ? 69  HIS A O   1 
ATOM   526  C CB  . HIS A 1 69 ? 2.988   11.625  -15.244 1.00 26.72 ? 69  HIS A CB  1 
ATOM   527  C CG  . HIS A 1 69 ? 2.049   12.566  -14.544 1.00 26.72 ? 69  HIS A CG  1 
ATOM   528  N ND1 . HIS A 1 69 ? 2.227   13.930  -14.472 1.00 26.72 ? 69  HIS A ND1 1 
ATOM   529  C CD2 . HIS A 1 69 ? 0.918   12.325  -13.835 1.00 26.72 ? 69  HIS A CD2 1 
ATOM   530  C CE1 . HIS A 1 69 ? 1.274   14.503  -13.761 1.00 26.72 ? 69  HIS A CE1 1 
ATOM   531  N NE2 . HIS A 1 69 ? 0.477   13.538  -13.368 1.00 26.72 ? 69  HIS A NE2 1 
ATOM   532  N N   . LYS A 1 70 ? 4.778   10.234  -17.733 1.00 20.73 ? 70  LYS A N   1 
ATOM   533  C CA  . LYS A 1 70 ? 5.594   9.090   -18.150 1.00 20.73 ? 70  LYS A CA  1 
ATOM   534  C C   . LYS A 1 70 ? 6.749   8.948   -17.147 1.00 20.73 ? 70  LYS A C   1 
ATOM   535  O O   . LYS A 1 70 ? 7.327   9.947   -16.702 1.00 28.29 ? 70  LYS A O   1 
ATOM   536  C CB  . LYS A 1 70 ? 6.165   9.292   -19.563 1.00 28.29 ? 70  LYS A CB  1 
ATOM   537  C CG  . LYS A 1 70 ? 5.111   9.371   -20.642 1.00 28.29 ? 70  LYS A CG  1 
ATOM   538  C CD  . LYS A 1 70 ? 4.979   10.774  -21.220 1.00 28.29 ? 70  LYS A CD  1 
ATOM   539  C CE  . LYS A 1 70 ? 5.694   10.883  -22.556 1.00 28.29 ? 70  LYS A CE  1 
ATOM   540  N NZ  . LYS A 1 70 ? 5.180   9.886   -23.541 1.00 28.29 ? 70  LYS A NZ  1 
ATOM   541  N N   . ALA A 1 71 ? 7.068   7.716   -16.802 1.00 14.61 ? 71  ALA A N   1 
ATOM   542  C CA  . ALA A 1 71 ? 8.123   7.399   -15.864 1.00 14.61 ? 71  ALA A CA  1 
ATOM   543  C C   . ALA A 1 71 ? 8.766   6.102   -16.354 1.00 14.61 ? 71  ALA A C   1 
ATOM   544  O O   . ALA A 1 71 ? 8.109   5.343   -17.094 1.00 12.00 ? 71  ALA A O   1 
ATOM   545  C CB  . ALA A 1 71 ? 7.474   7.248   -14.496 1.00 12.00 ? 71  ALA A CB  1 
ATOM   546  N N   . ILE A 1 72 ? 10.033  5.832   -16.036 1.00 16.06 ? 72  ILE A N   1 
ATOM   547  C CA  . ILE A 1 72 ? 10.710  4.608   -16.463 1.00 16.06 ? 72  ILE A CA  1 
ATOM   548  C C   . ILE A 1 72 ? 11.369  3.982   -15.231 1.00 16.06 ? 72  ILE A C   1 
ATOM   549  O O   . ILE A 1 72 ? 12.221  4.578   -14.553 1.00 17.71 ? 72  ILE A O   1 
ATOM   550  C CB  . ILE A 1 72 ? 11.779  4.873   -17.570 1.00 17.71 ? 72  ILE A CB  1 
ATOM   551  C CG1 . ILE A 1 72 ? 11.016  4.862   -18.904 1.00 17.71 ? 72  ILE A CG1 1 
ATOM   552  C CG2 . ILE A 1 72 ? 12.880  3.819   -17.619 1.00 17.71 ? 72  ILE A CG2 1 
ATOM   553  C CD1 . ILE A 1 72 ? 11.803  4.683   -20.188 1.00 17.71 ? 72  ILE A CD1 1 
ATOM   554  N N   . GLY A 1 73 ? 10.906  2.759   -14.977 1.00 5.16  ? 73  GLY A N   1 
ATOM   555  C CA  . GLY A 1 73 ? 11.359  1.984   -13.846 1.00 15.16 ? 73  GLY A CA  1 
ATOM   556  C C   . GLY A 1 73 ? 11.168  0.494   -14.033 1.00 15.16 ? 73  GLY A C   1 
ATOM   557  O O   . GLY A 1 73 ? 10.967  -0.011  -15.134 1.00 12.00 ? 73  GLY A O   1 
ATOM   558  N N   . THR A 1 74 ? 11.202  -0.141  -12.876 1.00 24.86 ? 74  THR A N   1 
ATOM   559  C CA  . THR A 1 74 ? 11.167  -1.580  -12.693 1.00 24.86 ? 74  THR A CA  1 
ATOM   560  C C   . THR A 1 74 ? 9.728   -1.988  -12.387 1.00 24.86 ? 74  THR A C   1 
ATOM   561  O O   . THR A 1 74 ? 9.155   -1.568  -11.369 1.00 25.33 ? 74  THR A O   1 
ATOM   562  C CB  . THR A 1 74 ? 12.119  -1.929  -11.529 1.00 25.33 ? 74  THR A CB  1 
ATOM   563  O OG1 . THR A 1 74 ? 13.183  -0.953  -11.440 1.00 25.33 ? 74  THR A OG1 1 
ATOM   564  C CG2 . THR A 1 74 ? 12.707  -3.302  -11.746 1.00 25.33 ? 74  THR A CG2 1 
ATOM   565  N N   . VAL A 1 75 ? 9.218   -2.749  -13.343 1.00 12.00 ? 75  VAL A N   1 
ATOM   566  C CA  . VAL A 1 75 ? 7.876   -3.300  -13.362 1.00 12.00 ? 75  VAL A CA  1 
ATOM   567  C C   . VAL A 1 75 ? 8.012   -4.810  -13.195 1.00 12.00 ? 75  VAL A C   1 
ATOM   568  O O   . VAL A 1 75 ? 8.792   -5.454  -13.905 1.00 12.00 ? 75  VAL A O   1 
ATOM   569  C CB  . VAL A 1 75 ? 7.183   -2.903  -14.727 1.00 12.00 ? 75  VAL A CB  1 
ATOM   570  C CG1 . VAL A 1 75 ? 5.929   -3.717  -15.043 1.00 12.00 ? 75  VAL A CG1 1 
ATOM   571  C CG2 . VAL A 1 75 ? 6.729   -1.451  -14.606 1.00 12.00 ? 75  VAL A CG2 1 
ATOM   572  N N   . LEU A 1 76 ? 7.315   -5.344  -12.210 1.00 15.45 ? 76  LEU A N   1 
ATOM   573  C CA  . LEU A 1 76 ? 7.323   -6.771  -11.918 1.00 15.45 ? 76  LEU A CA  1 
ATOM   574  C C   . LEU A 1 76 ? 6.014   -7.318  -12.452 1.00 15.45 ? 76  LEU A C   1 
ATOM   575  O O   . LEU A 1 76 ? 4.950   -6.861  -12.033 1.00 23.56 ? 76  LEU A O   1 
ATOM   576  C CB  . LEU A 1 76 ? 7.394   -7.049  -10.402 1.00 23.56 ? 76  LEU A CB  1 
ATOM   577  C CG  . LEU A 1 76 ? 8.545   -6.444  -9.594  1.00 23.56 ? 76  LEU A CG  1 
ATOM   578  C CD1 . LEU A 1 76 ? 8.355   -6.710  -8.116  1.00 23.56 ? 76  LEU A CD1 1 
ATOM   579  C CD2 . LEU A 1 76 ? 9.847   -7.047  -10.067 1.00 23.56 ? 76  LEU A CD2 1 
ATOM   580  N N   . VAL A 1 77 ? 6.046   -8.218  -13.428 1.00 10.06 ? 77  VAL A N   1 
ATOM   581  C CA  . VAL A 1 77 ? 4.828   -8.802  -13.978 1.00 10.06 ? 77  VAL A CA  1 
ATOM   582  C C   . VAL A 1 77 ? 4.699   -10.023 -13.080 1.00 10.06 ? 77  VAL A C   1 
ATOM   583  O O   . VAL A 1 77 ? 5.609   -10.865 -12.976 1.00 21.12 ? 77  VAL A O   1 
ATOM   584  C CB  . VAL A 1 77 ? 4.963   -9.230  -15.459 1.00 21.12 ? 77  VAL A CB  1 
ATOM   585  C CG1 . VAL A 1 77 ? 3.767   -10.070 -15.913 1.00 21.12 ? 77  VAL A CG1 1 
ATOM   586  C CG2 . VAL A 1 77 ? 5.009   -7.963  -16.314 1.00 21.12 ? 77  VAL A CG2 1 
ATOM   587  N N   . GLY A 1 78 ? 3.581   -10.005 -12.388 1.00 12.00 ? 78  GLY A N   1 
ATOM   588  C CA  . GLY A 1 78 ? 3.352   -10.988 -11.376 1.00 12.00 ? 78  GLY A CA  1 
ATOM   589  C C   . GLY A 1 78 ? 1.953   -11.534 -11.311 1.00 12.00 ? 78  GLY A C   1 
ATOM   590  O O   . GLY A 1 78 ? 1.040   -11.007 -11.943 1.00 15.10 ? 78  GLY A O   1 
ATOM   591  N N   . PRO A 1 79 ? 1.782   -12.632 -10.551 1.00 20.43 ? 79  PRO A N   1 
ATOM   592  C CA  . PRO A 1 79 ? 0.498   -13.104 -10.012 1.00 20.43 ? 79  PRO A CA  1 
ATOM   593  C C   . PRO A 1 79 ? 0.009   -12.249 -8.830  1.00 20.43 ? 79  PRO A C   1 
ATOM   594  O O   . PRO A 1 79 ? -0.013  -12.720 -7.691  1.00 28.96 ? 79  PRO A O   1 
ATOM   595  C CB  . PRO A 1 79 ? 0.824   -14.575 -9.685  1.00 28.96 ? 79  PRO A CB  1 
ATOM   596  C CG  . PRO A 1 79 ? 2.229   -14.498 -9.183  1.00 28.96 ? 79  PRO A CG  1 
ATOM   597  C CD  . PRO A 1 79 ? 2.821   -13.654 -10.270 1.00 28.96 ? 79  PRO A CD  1 
ATOM   598  N N   . THR A 1 80 ? -0.347  -10.990 -9.043  1.00 24.53 ? 80  THR A N   1 
ATOM   599  C CA  . THR A 1 80 ? -0.816  -10.131 -7.952  1.00 24.53 ? 80  THR A CA  1 
ATOM   600  C C   . THR A 1 80 ? -2.365  -10.082 -8.007  1.00 24.53 ? 80  THR A C   1 
ATOM   601  O O   . THR A 1 80 ? -2.931  -10.477 -9.032  1.00 17.96 ? 80  THR A O   1 
ATOM   602  C CB  . THR A 1 80 ? -0.088  -8.746  -8.133  1.00 17.96 ? 80  THR A CB  1 
ATOM   603  O OG1 . THR A 1 80 ? -0.465  -7.863  -7.063  1.00 17.96 ? 80  THR A OG1 1 
ATOM   604  C CG2 . THR A 1 80 ? -0.385  -8.146  -9.491  1.00 17.96 ? 80  THR A CG2 1 
ATOM   605  N N   . PRO A 1 81 ? -3.118  -9.743  -6.926  1.00 18.70 ? 81  PRO A N   1 
ATOM   606  C CA  . PRO A 1 81 ? -4.584  -9.469  -6.928  1.00 18.70 ? 81  PRO A CA  1 
ATOM   607  C C   . PRO A 1 81 ? -5.000  -8.196  -7.694  1.00 18.70 ? 81  PRO A C   1 
ATOM   608  O O   . PRO A 1 81 ? -6.065  -8.245  -8.325  1.00 10.06 ? 81  PRO A O   1 
ATOM   609  C CB  . PRO A 1 81 ? -4.976  -9.403  -5.448  1.00 10.06 ? 81  PRO A CB  1 
ATOM   610  C CG  . PRO A 1 81 ? -3.986  -10.350 -4.866  1.00 10.06 ? 81  PRO A CG  1 
ATOM   611  C CD  . PRO A 1 81 ? -2.719  -9.860  -5.513  1.00 10.06 ? 81  PRO A CD  1 
ATOM   612  N N   . ILE A 1 82 ? -4.235  -7.080  -7.595  1.00 26.06 ? 82  ILE A N   1 
ATOM   613  C CA  . ILE A 1 82 ? -4.517  -5.799  -8.280  1.00 26.06 ? 82  ILE A CA  1 
ATOM   614  C C   . ILE A 1 82 ? -3.196  -5.242  -8.819  1.00 26.06 ? 82  ILE A C   1 
ATOM   615  O O   . ILE A 1 82 ? -2.143  -5.713  -8.412  1.00 23.89 ? 82  ILE A O   1 
ATOM   616  C CB  . ILE A 1 82 ? -5.057  -4.609  -7.438  1.00 23.89 ? 82  ILE A CB  1 
ATOM   617  C CG1 . ILE A 1 82 ? -5.552  -4.941  -6.052  1.00 23.89 ? 82  ILE A CG1 1 
ATOM   618  C CG2 . ILE A 1 82 ? -6.231  -4.081  -8.265  1.00 23.89 ? 82  ILE A CG2 1 
ATOM   619  C CD1 . ILE A 1 82 ? -6.078  -3.685  -5.412  1.00 23.89 ? 82  ILE A CD1 1 
ATOM   620  N N   . ASN A 1 83 ? -3.228  -4.282  -9.735  1.00 12.46 ? 83  ASN A N   1 
ATOM   621  C CA  . ASN A 1 83 ? -2.025  -3.667  -10.312 1.00 12.46 ? 83  ASN A CA  1 
ATOM   622  C C   . ASN A 1 83 ? -1.603  -2.624  -9.273  1.00 12.46 ? 83  ASN A C   1 
ATOM   623  O O   . ASN A 1 83 ? -2.447  -1.882  -8.762  1.00 13.00 ? 83  ASN A O   1 
ATOM   624  C CB  . ASN A 1 83 ? -2.356  -3.019  -11.681 1.00 13.00 ? 83  ASN A CB  1 
ATOM   625  C CG  . ASN A 1 83 ? -2.694  -3.991  -12.804 1.00 13.00 ? 83  ASN A CG  1 
ATOM   626  O OD1 . ASN A 1 83 ? -2.246  -5.140  -12.829 1.00 13.00 ? 83  ASN A OD1 1 
ATOM   627  N ND2 . ASN A 1 83 ? -3.499  -3.577  -13.767 1.00 13.00 ? 83  ASN A ND2 1 
ATOM   628  N N   . ILE A 1 84 ? -0.304  -2.527  -9.030  1.00 6.77  ? 84  ILE A N   1 
ATOM   629  C CA  . ILE A 1 84 ? 0.379   -1.657  -8.062  1.00 6.77  ? 84  ILE A CA  1 
ATOM   630  C C   . ILE A 1 84 ? 1.462   -0.867  -8.757  1.00 6.77  ? 84  ILE A C   1 
ATOM   631  O O   . ILE A 1 84 ? 2.195   -1.373  -9.612  1.00 13.78 ? 84  ILE A O   1 
ATOM   632  C CB  . ILE A 1 84 ? 0.944   -2.625  -6.982  1.00 13.78 ? 84  ILE A CB  1 
ATOM   633  C CG1 . ILE A 1 84 ? -0.231  -3.231  -6.212  1.00 13.78 ? 84  ILE A CG1 1 
ATOM   634  C CG2 . ILE A 1 84 ? 1.899   -1.922  -6.042  1.00 13.78 ? 84  ILE A CG2 1 
ATOM   635  C CD1 . ILE A 1 84 ? 0.106   -4.499  -5.474  1.00 13.78 ? 84  ILE A CD1 1 
ATOM   636  N N   . ILE A 1 85 ? 1.463   0.399   -8.388  1.00 12.86 ? 85  ILE A N   1 
ATOM   637  C CA  . ILE A 1 85 ? 2.389   1.411   -8.861  1.00 12.86 ? 85  ILE A CA  1 
ATOM   638  C C   . ILE A 1 85 ? 2.970   1.671   -7.490  1.00 12.86 ? 85  ILE A C   1 
ATOM   639  O O   . ILE A 1 85 ? 2.261   2.160   -6.606  1.00 11.08 ? 85  ILE A O   1 
ATOM   640  C CB  . ILE A 1 85 ? 1.685   2.698   -9.372  1.00 11.08 ? 85  ILE A CB  1 
ATOM   641  C CG1 . ILE A 1 85 ? 0.793   2.369   -10.595 1.00 11.08 ? 85  ILE A CG1 1 
ATOM   642  C CG2 . ILE A 1 85 ? 2.736   3.755   -9.688  1.00 11.08 ? 85  ILE A CG2 1 
ATOM   643  C CD1 . ILE A 1 85 ? 1.462   1.751   -11.812 1.00 11.08 ? 85  ILE A CD1 1 
ATOM   644  N N   . GLY A 1 86 ? 4.183   1.214   -7.326  1.00 11.00 ? 86  GLY A N   1 
ATOM   645  C CA  . GLY A 1 86 ? 4.871   1.370   -6.082  1.00 11.00 ? 86  GLY A CA  1 
ATOM   646  C C   . GLY A 1 86 ? 5.614   2.676   -6.087  1.00 11.00 ? 86  GLY A C   1 
ATOM   647  O O   . GLY A 1 86 ? 5.654   3.416   -7.083  1.00 15.71 ? 86  GLY A O   1 
ATOM   648  N N   . ARG A 1 87 ? 6.288   2.881   -4.964  1.00 7.38  ? 87  ARG A N   1 
ATOM   649  C CA  . ARG A 1 87 ? 7.066   4.084   -4.698  1.00 7.38  ? 87  ARG A CA  1 
ATOM   650  C C   . ARG A 1 87 ? 8.133   4.321   -5.744  1.00 7.38  ? 87  ARG A C   1 
ATOM   651  O O   . ARG A 1 87 ? 8.260   5.483   -6.139  1.00 13.87 ? 87  ARG A O   1 
ATOM   652  C CB  . ARG A 1 87 ? 7.741   4.037   -3.313  1.00 13.87 ? 87  ARG A CB  1 
ATOM   653  C CG  . ARG A 1 87 ? 6.807   4.302   -2.130  1.00 13.87 ? 87  ARG A CG  1 
ATOM   654  C CD  . ARG A 1 87 ? 7.560   4.542   -0.832  1.00 13.87 ? 87  ARG A CD  1 
ATOM   655  N NE  . ARG A 1 87 ? 8.468   3.457   -0.465  1.00 13.87 ? 87  ARG A NE  1 
ATOM   656  C CZ  . ARG A 1 87 ? 9.786   3.417   -0.674  1.00 13.87 ? 87  ARG A CZ  1 
ATOM   657  N NH1 . ARG A 1 87 ? 10.443  4.407   -1.270  1.00 13.87 ? 87  ARG A NH1 1 
ATOM   658  N NH2 . ARG A 1 87 ? 10.454  2.357   -0.260  1.00 13.87 ? 87  ARG A NH2 1 
ATOM   659  N N   . ASN A 1 88 ? 8.795   3.282   -6.254  1.00 30.90 ? 88  ASN A N   1 
ATOM   660  C CA  . ASN A 1 88 ? 9.826   3.457   -7.281  1.00 30.90 ? 88  ASN A CA  1 
ATOM   661  C C   . ASN A 1 88 ? 9.337   4.190   -8.546  1.00 30.90 ? 88  ASN A C   1 
ATOM   662  O O   . ASN A 1 88 ? 10.171  4.652   -9.326  1.00 12.00 ? 88  ASN A O   1 
ATOM   663  C CB  . ASN A 1 88 ? 10.407  2.105   -7.675  1.00 12.00 ? 88  ASN A CB  1 
ATOM   664  C CG  . ASN A 1 88 ? 9.558   1.261   -8.583  1.00 12.00 ? 88  ASN A CG  1 
ATOM   665  O OD1 . ASN A 1 88 ? 8.379   1.062   -8.331  1.00 12.00 ? 88  ASN A OD1 1 
ATOM   666  N ND2 . ASN A 1 88 ? 10.142  0.736   -9.639  1.00 12.00 ? 88  ASN A ND2 1 
ATOM   667  N N   . LEU A 1 89 ? 8.032   4.270   -8.813  1.00 6.39  ? 89  LEU A N   1 
ATOM   668  C CA  . LEU A 1 89 ? 7.497   4.973   -9.970  1.00 6.39  ? 89  LEU A CA  1 
ATOM   669  C C   . LEU A 1 89 ? 6.803   6.199   -9.396  1.00 6.39  ? 89  LEU A C   1 
ATOM   670  O O   . LEU A 1 89 ? 6.798   7.240   -10.067 1.00 12.00 ? 89  LEU A O   1 
ATOM   671  C CB  . LEU A 1 89 ? 6.474   4.147   -10.732 1.00 12.00 ? 89  LEU A CB  1 
ATOM   672  C CG  . LEU A 1 89 ? 7.010   2.981   -11.536 1.00 12.00 ? 89  LEU A CG  1 
ATOM   673  C CD1 . LEU A 1 89 ? 5.849   2.248   -12.144 1.00 12.00 ? 89  LEU A CD1 1 
ATOM   674  C CD2 . LEU A 1 89 ? 7.941   3.477   -12.633 1.00 12.00 ? 89  LEU A CD2 1 
ATOM   675  N N   . LEU A 1 90 ? 6.233   6.130   -8.183  1.00 14.66 ? 90  LEU A N   1 
ATOM   676  C CA  . LEU A 1 90 ? 5.558   7.283   -7.580  1.00 14.66 ? 90  LEU A CA  1 
ATOM   677  C C   . LEU A 1 90 ? 6.523   8.428   -7.304  1.00 14.66 ? 90  LEU A C   1 
ATOM   678  O O   . LEU A 1 90 ? 6.111   9.593   -7.414  1.00 22.41 ? 90  LEU A O   1 
ATOM   679  C CB  . LEU A 1 90 ? 4.843   6.888   -6.274  1.00 22.41 ? 90  LEU A CB  1 
ATOM   680  C CG  . LEU A 1 90 ? 3.553   6.080   -6.473  1.00 22.41 ? 90  LEU A CG  1 
ATOM   681  C CD1 . LEU A 1 90 ? 2.999   5.736   -5.113  1.00 22.41 ? 90  LEU A CD1 1 
ATOM   682  C CD2 . LEU A 1 90 ? 2.546   6.860   -7.305  1.00 22.41 ? 90  LEU A CD2 1 
ATOM   683  N N   . THR A 1 91 ? 7.785   8.152   -7.008  1.00 11.36 ? 91  THR A N   1 
ATOM   684  C CA  . THR A 1 91 ? 8.746   9.213   -6.758  1.00 11.36 ? 91  THR A CA  1 
ATOM   685  C C   . THR A 1 91 ? 9.005   9.903   -8.102  1.00 11.36 ? 91  THR A C   1 
ATOM   686  O O   . THR A 1 91 ? 9.080   11.131  -8.147  1.00 9.00  ? 91  THR A O   1 
ATOM   687  C CB  . THR A 1 91 ? 10.014  8.601   -6.203  1.00 9.00  ? 91  THR A CB  1 
ATOM   688  O OG1 . THR A 1 91 ? 10.382  7.477   -7.006  1.00 9.00  ? 91  THR A OG1 1 
ATOM   689  C CG2 . THR A 1 91 ? 9.803   8.155   -4.790  1.00 9.00  ? 91  THR A CG2 1 
ATOM   690  N N   . GLN A 1 92 ? 9.083   9.132   -9.187  1.00 12.12 ? 92  GLN A N   1 
ATOM   691  C CA  . GLN A 1 92 ? 9.316   9.641   -10.541 1.00 12.12 ? 92  GLN A CA  1 
ATOM   692  C C   . GLN A 1 92 ? 8.233   10.668  -10.914 1.00 12.12 ? 92  GLN A C   1 
ATOM   693  O O   . GLN A 1 92 ? 8.560   11.780  -11.329 1.00 29.40 ? 92  GLN A O   1 
ATOM   694  C CB  . GLN A 1 92 ? 9.289   8.483   -11.572 1.00 29.40 ? 92  GLN A CB  1 
ATOM   695  C CG  . GLN A 1 92 ? 10.494  7.554   -11.752 1.00 29.40 ? 92  GLN A CG  1 
ATOM   696  C CD  . GLN A 1 92 ? 11.381  8.012   -12.895 1.00 29.40 ? 92  GLN A CD  1 
ATOM   697  O OE1 . GLN A 1 92 ? 11.277  7.553   -14.037 1.00 29.40 ? 92  GLN A OE1 1 
ATOM   698  N NE2 . GLN A 1 92 ? 12.250  8.962   -12.625 1.00 29.40 ? 92  GLN A NE2 1 
ATOM   699  N N   . ILE A 1 93 ? 6.953   10.343  -10.733 1.00 14.25 ? 93  ILE A N   1 
ATOM   700  C CA  . ILE A 1 93 ? 5.883   11.273  -11.077 1.00 14.25 ? 93  ILE A CA  1 
ATOM   701  C C   . ILE A 1 93 ? 5.722   12.421  -10.073 1.00 14.25 ? 93  ILE A C   1 
ATOM   702  O O   . ILE A 1 93 ? 4.931   13.328  -10.355 1.00 14.83 ? 93  ILE A O   1 
ATOM   703  C CB  . ILE A 1 93 ? 4.495   10.534  -11.252 1.00 14.83 ? 93  ILE A CB  1 
ATOM   704  C CG1 . ILE A 1 93 ? 3.949   9.947   -9.958  1.00 14.83 ? 93  ILE A CG1 1 
ATOM   705  C CG2 . ILE A 1 93 ? 4.705   9.461   -12.310 1.00 14.83 ? 93  ILE A CG2 1 
ATOM   706  C CD1 . ILE A 1 93 ? 2.582   9.342   -10.118 1.00 14.83 ? 93  ILE A CD1 1 
ATOM   707  N N   . GLY A 1 94 ? 6.459   12.422  -8.955  1.00 12.00 ? 94  GLY A N   1 
ATOM   708  C CA  . GLY A 1 94 ? 6.389   13.464  -7.942  1.00 12.00 ? 94  GLY A CA  1 
ATOM   709  C C   . GLY A 1 94 ? 5.264   13.326  -6.934  1.00 12.00 ? 94  GLY A C   1 
ATOM   710  O O   . GLY A 1 94 ? 4.784   14.320  -6.383  1.00 11.54 ? 94  GLY A O   1 
ATOM   711  N N   . CYS A 1 95 ? 4.890   12.096  -6.627  1.00 18.78 ? 95  CYS A N   1 
ATOM   712  C CA  . CYS A 1 95 ? 3.792   11.826  -5.704  1.00 18.78 ? 95  CYS A CA  1 
ATOM   713  C C   . CYS A 1 95 ? 4.233   11.996  -4.234  1.00 18.78 ? 95  CYS A C   1 
ATOM   714  O O   . CYS A 1 95 ? 5.283   11.471  -3.815  1.00 19.13 ? 95  CYS A O   1 
ATOM   715  C CB  . CYS A 1 95 ? 3.316   10.414  -6.025  1.00 19.13 ? 95  CYS A CB  1 
ATOM   716  S SG  . CYS A 1 95 ? 1.708   9.959   -5.367  1.00 19.13 ? 95  CYS A SG  1 
ATOM   717  N N   . THR A 1 96 ? 3.446   12.800  -3.514  1.00 13.63 ? 96  THR A N   1 
ATOM   718  C CA  . THR A 1 96 ? 3.604   13.162  -2.103  1.00 13.63 ? 96  THR A CA  1 
ATOM   719  C C   . THR A 1 96 ? 2.343   12.804  -1.302  1.00 13.63 ? 96  THR A C   1 
ATOM   720  O O   . THR A 1 96 ? 1.239   12.760  -1.860  1.00 26.88 ? 96  THR A O   1 
ATOM   721  C CB  . THR A 1 96 ? 3.890   14.681  -1.991  1.00 26.88 ? 96  THR A CB  1 
ATOM   722  O OG1 . THR A 1 96 ? 3.406   15.426  -3.131  1.00 26.88 ? 96  THR A OG1 1 
ATOM   723  C CG2 . THR A 1 96 ? 5.386   14.875  -1.903  1.00 26.88 ? 96  THR A CG2 1 
ATOM   724  N N   . LEU A 1 97 ? 2.460   12.509  -0.018  1.00 12.00 ? 97  LEU A N   1 
ATOM   725  C CA  . LEU A 1 97 ? 1.337   12.147  0.841   1.00 12.00 ? 97  LEU A CA  1 
ATOM   726  C C   . LEU A 1 97 ? 1.096   13.406  1.679   1.00 12.00 ? 97  LEU A C   1 
ATOM   727  O O   . LEU A 1 97 ? 2.076   13.916  2.218   1.00 12.59 ? 97  LEU A O   1 
ATOM   728  C CB  . LEU A 1 97 ? 1.809   10.917  1.631   1.00 12.59 ? 97  LEU A CB  1 
ATOM   729  C CG  . LEU A 1 97 ? 0.850   9.948   2.313   1.00 12.59 ? 97  LEU A CG  1 
ATOM   730  C CD1 . LEU A 1 97 ? -0.322  9.615   1.426   1.00 12.59 ? 97  LEU A CD1 1 
ATOM   731  C CD2 . LEU A 1 97 ? 1.605   8.655   2.594   1.00 12.59 ? 97  LEU A CD2 1 
ATOM   732  N N   . ASN A 1 98 ? -0.120  13.925  1.846   1.00 12.00 ? 98  ASN A N   1 
ATOM   733  C CA  . ASN A 1 98 ? -0.343  15.144  2.617   1.00 12.00 ? 98  ASN A CA  1 
ATOM   734  C C   . ASN A 1 98 ? -1.432  15.002  3.651   1.00 12.00 ? 98  ASN A C   1 
ATOM   735  O O   . ASN A 1 98 ? -2.433  14.335  3.368   1.00 30.00 ? 98  ASN A O   1 
ATOM   736  C CB  . ASN A 1 98 ? -0.771  16.336  1.739   1.00 30.00 ? 98  ASN A CB  1 
ATOM   737  C CG  . ASN A 1 98 ? 0.111   16.760  0.571   1.00 30.00 ? 98  ASN A CG  1 
ATOM   738  O OD1 . ASN A 1 98 ? 1.158   16.193  0.254   1.00 30.00 ? 98  ASN A OD1 1 
ATOM   739  N ND2 . ASN A 1 98 ? -0.330  17.782  -0.141  1.00 30.00 ? 98  ASN A ND2 1 
ATOM   740  N N   . PHE A 1 99 ? -1.202  15.660  4.777   1.00 25.53 ? 99  PHE A N   1 
ATOM   741  C CA  . PHE A 1 99 ? -2.081  15.732  5.954   1.00 25.53 ? 99  PHE A CA  1 
ATOM   742  C C   . PHE A 1 99 ? -1.525  16.781  6.963   1.00 25.53 ? 99  PHE A C   1 
ATOM   743  O O   . PHE A 1 99 ? -0.648  17.586  6.580   1.00 19.83 ? 99  PHE A O   1 
ATOM   744  C CB  . PHE A 1 99 ? -2.237  14.310  6.631   1.00 19.83 ? 99  PHE A CB  1 
ATOM   745  C CG  . PHE A 1 99 ? -1.054  13.538  7.166   1.00 19.83 ? 99  PHE A CG  1 
ATOM   746  C CD1 . PHE A 1 99 ? -0.183  12.861  6.301   1.00 19.83 ? 99  PHE A CD1 1 
ATOM   747  C CD2 . PHE A 1 99 ? -0.847  13.434  8.550   1.00 19.83 ? 99  PHE A CD2 1 
ATOM   748  C CE1 . PHE A 1 99 ? 0.859   12.097  6.813   1.00 19.83 ? 99  PHE A CE1 1 
ATOM   749  C CE2 . PHE A 1 99 ? 0.195   12.670  9.060   1.00 19.83 ? 99  PHE A CE2 1 
ATOM   750  C CZ  . PHE A 1 99 ? 1.048   12.000  8.192   1.00 19.83 ? 99  PHE A CZ  1 
ATOM   751  O OXT . PHE A 1 99 ? -1.935  16.848  8.139   1.00 19.83 ? 99  PHE A OXT 1 
ATOM   752  N N   . PRO B 1 1  ? 1.575   17.082  7.651   1.00 41.06 ? 1   PRO B N   1 
ATOM   753  C CA  . PRO B 1 1  ? 2.918   17.343  7.084   1.00 41.06 ? 1   PRO B CA  1 
ATOM   754  C C   . PRO B 1 1  ? 2.865   16.806  5.659   1.00 41.06 ? 1   PRO B C   1 
ATOM   755  O O   . PRO B 1 1  ? 1.821   16.271  5.290   1.00 40.35 ? 1   PRO B O   1 
ATOM   756  C CB  . PRO B 1 1  ? 3.883   16.592  7.986   1.00 40.35 ? 1   PRO B CB  1 
ATOM   757  C CG  . PRO B 1 1  ? 2.973   15.510  8.517   1.00 40.35 ? 1   PRO B CG  1 
ATOM   758  C CD  . PRO B 1 1  ? 1.710   16.260  8.855   1.00 40.35 ? 1   PRO B CD  1 
ATOM   759  N N   . GLN B 1 2  ? 3.906   16.931  4.854   1.00 12.67 ? 2   GLN B N   1 
ATOM   760  C CA  . GLN B 1 2  ? 3.880   16.418  3.484   1.00 12.67 ? 2   GLN B CA  1 
ATOM   761  C C   . GLN B 1 2  ? 4.965   15.349  3.535   1.00 12.67 ? 2   GLN B C   1 
ATOM   762  O O   . GLN B 1 2  ? 6.007   15.620  4.145   1.00 9.34  ? 2   GLN B O   1 
ATOM   763  C CB  . GLN B 1 2  ? 4.223   17.538  2.507   1.00 9.34  ? 2   GLN B CB  1 
ATOM   764  C CG  . GLN B 1 2  ? 4.009   17.131  1.065   1.00 9.34  ? 2   GLN B CG  1 
ATOM   765  C CD  . GLN B 1 2  ? 4.450   18.160  0.038   1.00 9.34  ? 2   GLN B CD  1 
ATOM   766  O OE1 . GLN B 1 2  ? 5.162   19.120  0.339   1.00 9.34  ? 2   GLN B OE1 1 
ATOM   767  N NE2 . GLN B 1 2  ? 4.072   17.986  -1.216  1.00 9.34  ? 2   GLN B NE2 1 
ATOM   768  N N   . ILE B 1 3  ? 4.753   14.163  2.976   1.00 15.99 ? 3   ILE B N   1 
ATOM   769  C CA  . ILE B 1 3  ? 5.739   13.090  3.003   1.00 15.99 ? 3   ILE B CA  1 
ATOM   770  C C   . ILE B 1 3  ? 6.172   12.772  1.568   1.00 15.99 ? 3   ILE B C   1 
ATOM   771  O O   . ILE B 1 3  ? 5.310   12.638  0.699   1.00 12.00 ? 3   ILE B O   1 
ATOM   772  C CB  . ILE B 1 3  ? 5.128   11.824  3.695   1.00 12.00 ? 3   ILE B CB  1 
ATOM   773  C CG1 . ILE B 1 3  ? 4.742   12.182  5.140   1.00 12.00 ? 3   ILE B CG1 1 
ATOM   774  C CG2 . ILE B 1 3  ? 6.142   10.689  3.752   1.00 12.00 ? 3   ILE B CG2 1 
ATOM   775  C CD1 . ILE B 1 3  ? 4.306   11.036  6.031   1.00 12.00 ? 3   ILE B CD1 1 
ATOM   776  N N   . THR B 1 4  ? 7.478   12.723  1.319   1.00 13.87 ? 4   THR B N   1 
ATOM   777  C CA  . THR B 1 4  ? 8.050   12.428  0.008   1.00 13.87 ? 4   THR B CA  1 
ATOM   778  C C   . THR B 1 4  ? 8.252   10.914  0.055   1.00 13.87 ? 4   THR B C   1 
ATOM   779  O O   . THR B 1 4  ? 8.772   10.383  1.034   1.00 14.42 ? 4   THR B O   1 
ATOM   780  C CB  . THR B 1 4  ? 9.394   13.215  -0.186  1.00 14.42 ? 4   THR B CB  1 
ATOM   781  O OG1 . THR B 1 4  ? 9.992   13.612  1.061   1.00 14.42 ? 4   THR B OG1 1 
ATOM   782  C CG2 . THR B 1 4  ? 9.071   14.482  -0.964  1.00 14.42 ? 4   THR B CG2 1 
ATOM   783  N N   . LEU B 1 5  ? 7.882   10.236  -1.006  1.00 14.83 ? 5   LEU B N   1 
ATOM   784  C CA  . LEU B 1 5  ? 7.975   8.795   -1.089  1.00 14.83 ? 5   LEU B CA  1 
ATOM   785  C C   . LEU B 1 5  ? 9.316   8.171   -1.424  1.00 14.83 ? 5   LEU B C   1 
ATOM   786  O O   . LEU B 1 5  ? 9.370   6.997   -1.769  1.00 12.00 ? 5   LEU B O   1 
ATOM   787  C CB  . LEU B 1 5  ? 6.874   8.365   -2.078  1.00 12.00 ? 5   LEU B CB  1 
ATOM   788  C CG  . LEU B 1 5  ? 5.447   8.701   -1.624  1.00 12.00 ? 5   LEU B CG  1 
ATOM   789  C CD1 . LEU B 1 5  ? 4.479   8.330   -2.720  1.00 12.00 ? 5   LEU B CD1 1 
ATOM   790  C CD2 . LEU B 1 5  ? 5.128   7.948   -0.331  1.00 12.00 ? 5   LEU B CD2 1 
ATOM   791  N N   . TRP B 1 6  ? 10.413  8.906   -1.319  1.00 12.00 ? 6   TRP B N   1 
ATOM   792  C CA  . TRP B 1 6  ? 11.738  8.357   -1.620  1.00 12.00 ? 6   TRP B CA  1 
ATOM   793  C C   . TRP B 1 6  ? 12.137  7.289   -0.605  1.00 12.00 ? 6   TRP B C   1 
ATOM   794  O O   . TRP B 1 6  ? 12.890  6.357   -0.867  1.00 17.60 ? 6   TRP B O   1 
ATOM   795  C CB  . TRP B 1 6  ? 12.779  9.468   -1.601  1.00 17.60 ? 6   TRP B CB  1 
ATOM   796  C CG  . TRP B 1 6  ? 12.620  10.400  -2.744  1.00 17.60 ? 6   TRP B CG  1 
ATOM   797  C CD1 . TRP B 1 6  ? 12.061  11.628  -2.709  1.00 17.60 ? 6   TRP B CD1 1 
ATOM   798  C CD2 . TRP B 1 6  ? 12.987  10.159  -4.099  1.00 17.60 ? 6   TRP B CD2 1 
ATOM   799  N NE1 . TRP B 1 6  ? 12.062  12.167  -3.963  1.00 17.60 ? 6   TRP B NE1 1 
ATOM   800  C CE2 . TRP B 1 6  ? 12.617  11.306  -4.845  1.00 17.60 ? 6   TRP B CE2 1 
ATOM   801  C CE3 . TRP B 1 6  ? 13.601  9.083   -4.760  1.00 17.60 ? 6   TRP B CE3 1 
ATOM   802  C CZ2 . TRP B 1 6  ? 12.826  11.407  -6.227  1.00 17.60 ? 6   TRP B CZ2 1 
ATOM   803  C CZ3 . TRP B 1 6  ? 13.819  9.177   -6.132  1.00 17.60 ? 6   TRP B CZ3 1 
ATOM   804  C CH2 . TRP B 1 6  ? 13.426  10.334  -6.857  1.00 17.60 ? 6   TRP B CH2 1 
ATOM   805  N N   . GLN B 1 7  ? 11.646  7.510   0.599   1.00 11.71 ? 7   GLN B N   1 
ATOM   806  C CA  . GLN B 1 7  ? 11.878  6.648   1.735   1.00 11.71 ? 7   GLN B CA  1 
ATOM   807  C C   . GLN B 1 7  ? 10.450  6.230   2.143   1.00 11.71 ? 7   GLN B C   1 
ATOM   808  O O   . GLN B 1 7  ? 9.487   6.949   1.855   1.00 20.04 ? 7   GLN B O   1 
ATOM   809  C CB  . GLN B 1 7  ? 12.633  7.512   2.773   1.00 20.04 ? 7   GLN B CB  1 
ATOM   810  C CG  . GLN B 1 7  ? 13.616  6.860   3.748   1.00 20.04 ? 7   GLN B CG  1 
ATOM   811  C CD  . GLN B 1 7  ? 15.011  6.451   3.267   1.00 20.04 ? 7   GLN B CD  1 
ATOM   812  O OE1 . GLN B 1 7  ? 15.920  6.463   4.099   1.00 20.04 ? 7   GLN B OE1 1 
ATOM   813  N NE2 . GLN B 1 7  ? 15.313  6.047   2.033   1.00 20.04 ? 7   GLN B NE2 1 
ATOM   814  N N   . ARG B 1 8  ? 10.268  5.062   2.744   1.00 15.77 ? 8   ARG B N   1 
ATOM   815  C CA  . ARG B 1 8  ? 8.948   4.558   3.180   1.00 15.77 ? 8   ARG B CA  1 
ATOM   816  C C   . ARG B 1 8  ? 8.222   5.591   4.057   1.00 15.77 ? 8   ARG B C   1 
ATOM   817  O O   . ARG B 1 8  ? 8.872   6.165   4.937   1.00 7.35  ? 8   ARG B O   1 
ATOM   818  C CB  . ARG B 1 8  ? 9.087   3.263   4.003   1.00 7.35  ? 8   ARG B CB  1 
ATOM   819  C CG  . ARG B 1 8  ? 9.863   2.103   3.393   1.00 7.35  ? 8   ARG B CG  1 
ATOM   820  C CD  . ARG B 1 8  ? 8.928   0.956   3.111   1.00 7.35  ? 8   ARG B CD  1 
ATOM   821  N NE  . ARG B 1 8  ? 9.590   -0.347  3.095   1.00 7.35  ? 8   ARG B NE  1 
ATOM   822  C CZ  . ARG B 1 8  ? 9.035   -1.476  3.559   1.00 7.35  ? 8   ARG B CZ  1 
ATOM   823  N NH1 . ARG B 1 8  ? 7.803   -1.519  4.080   1.00 7.35  ? 8   ARG B NH1 1 
ATOM   824  N NH2 . ARG B 1 8  ? 9.738   -2.599  3.540   1.00 7.35  ? 8   ARG B NH2 1 
ATOM   825  N N   . PRO B 1 9  ? 6.926   5.893   3.904   1.00 8.64  ? 9   PRO B N   1 
ATOM   826  C CA  . PRO B 1 9  ? 6.173   6.746   4.847   1.00 8.64  ? 9   PRO B CA  1 
ATOM   827  C C   . PRO B 1 9  ? 5.827   6.089   6.208   1.00 8.64  ? 9   PRO B C   1 
ATOM   828  O O   . PRO B 1 9  ? 4.688   5.687   6.456   1.00 8.00  ? 9   PRO B O   1 
ATOM   829  C CB  . PRO B 1 9  ? 4.976   7.171   3.988   1.00 8.00  ? 9   PRO B CB  1 
ATOM   830  C CG  . PRO B 1 9  ? 4.730   5.933   3.195   1.00 8.00  ? 9   PRO B CG  1 
ATOM   831  C CD  . PRO B 1 9  ? 6.114   5.644   2.701   1.00 8.00  ? 9   PRO B CD  1 
ATOM   832  N N   . LEU B 1 10 ? 6.820   5.968   7.083   1.00 8.53  ? 10  LEU B N   1 
ATOM   833  C CA  . LEU B 1 10 ? 6.714   5.378   8.417   1.00 8.53  ? 10  LEU B CA  1 
ATOM   834  C C   . LEU B 1 10 ? 6.496   6.527   9.377   1.00 8.53  ? 10  LEU B C   1 
ATOM   835  O O   . LEU B 1 10 ? 7.285   7.474   9.455   1.00 21.20 ? 10  LEU B O   1 
ATOM   836  C CB  . LEU B 1 10 ? 7.993   4.657   8.817   1.00 21.20 ? 10  LEU B CB  1 
ATOM   837  C CG  . LEU B 1 10 ? 8.313   3.329   8.170   1.00 21.20 ? 10  LEU B CG  1 
ATOM   838  C CD1 . LEU B 1 10 ? 9.735   2.976   8.533   1.00 21.20 ? 10  LEU B CD1 1 
ATOM   839  C CD2 . LEU B 1 10 ? 7.361   2.246   8.652   1.00 21.20 ? 10  LEU B CD2 1 
ATOM   840  N N   . VAL B 1 11 ? 5.405   6.400   10.101  1.00 12.08 ? 11  VAL B N   1 
ATOM   841  C CA  . VAL B 1 11 ? 4.992   7.386   11.078  1.00 12.08 ? 11  VAL B CA  1 
ATOM   842  C C   . VAL B 1 11 ? 4.853   6.642   12.406  1.00 12.08 ? 11  VAL B C   1 
ATOM   843  O O   . VAL B 1 11 ? 4.730   5.414   12.428  1.00 15.65 ? 11  VAL B O   1 
ATOM   844  C CB  . VAL B 1 11 ? 3.686   7.987   10.463  1.00 15.65 ? 11  VAL B CB  1 
ATOM   845  C CG1 . VAL B 1 11 ? 2.437   7.407   11.096  1.00 15.65 ? 11  VAL B CG1 1 
ATOM   846  C CG2 . VAL B 1 11 ? 3.791   9.493   10.552  1.00 15.65 ? 11  VAL B CG2 1 
ATOM   847  N N   . THR B 1 12 ? 4.898   7.367   13.508  1.00 26.71 ? 12  THR B N   1 
ATOM   848  C CA  . THR B 1 12 ? 4.769   6.783   14.834  1.00 26.71 ? 12  THR B CA  1 
ATOM   849  C C   . THR B 1 12 ? 3.286   6.785   15.231  1.00 26.71 ? 12  THR B C   1 
ATOM   850  O O   . THR B 1 12 ? 2.602   7.792   14.981  1.00 22.50 ? 12  THR B O   1 
ATOM   851  C CB  . THR B 1 12 ? 5.573   7.606   15.865  1.00 22.50 ? 12  THR B CB  1 
ATOM   852  O OG1 . THR B 1 12 ? 6.950   7.725   15.465  1.00 22.50 ? 12  THR B OG1 1 
ATOM   853  C CG2 . THR B 1 12 ? 5.520   6.919   17.220  1.00 22.50 ? 12  THR B CG2 1 
ATOM   854  N N   . ILE B 1 13 ? 2.798   5.685   15.810  1.00 8.17  ? 13  ILE B N   1 
ATOM   855  C CA  . ILE B 1 13 ? 1.415   5.560   16.252  1.00 8.17  ? 13  ILE B CA  1 
ATOM   856  C C   . ILE B 1 13 ? 1.483   5.166   17.733  1.00 8.17  ? 13  ILE B C   1 
ATOM   857  O O   . ILE B 1 13 ? 2.435   4.501   18.173  1.00 8.00  ? 13  ILE B O   1 
ATOM   858  C CB  . ILE B 1 13 ? 0.544   4.450   15.498  1.00 8.00  ? 13  ILE B CB  1 
ATOM   859  C CG1 . ILE B 1 13 ? 1.160   3.060   15.609  1.00 8.00  ? 13  ILE B CG1 1 
ATOM   860  C CG2 . ILE B 1 13 ? 0.414   4.852   14.033  1.00 8.00  ? 13  ILE B CG2 1 
ATOM   861  C CD1 . ILE B 1 13 ? 0.305   1.873   15.204  1.00 8.00  ? 13  ILE B CD1 1 
ATOM   862  N N   . LYS B 1 14 ? 0.521   5.685   18.492  1.00 8.37  ? 14  LYS B N   1 
ATOM   863  C CA  . LYS B 1 14 ? 0.391   5.418   19.911  1.00 8.37  ? 14  LYS B CA  1 
ATOM   864  C C   . LYS B 1 14 ? -0.914  4.639   19.836  1.00 8.37  ? 14  LYS B C   1 
ATOM   865  O O   . LYS B 1 14 ? -1.913  5.216   19.382  1.00 18.78 ? 14  LYS B O   1 
ATOM   866  C CB  . LYS B 1 14 ? 0.236   6.716   20.682  1.00 18.78 ? 14  LYS B CB  1 
ATOM   867  C CG  . LYS B 1 14 ? 0.024   6.480   22.168  1.00 18.78 ? 14  LYS B CG  1 
ATOM   868  C CD  . LYS B 1 14 ? -0.027  7.790   22.921  1.00 18.78 ? 14  LYS B CD  1 
ATOM   869  C CE  . LYS B 1 14 ? -0.426  7.591   24.372  1.00 18.78 ? 14  LYS B CE  1 
ATOM   870  N NZ  . LYS B 1 14 ? -0.438  8.887   25.105  1.00 18.78 ? 14  LYS B NZ  1 
ATOM   871  N N   . ILE B 1 15 ? -0.893  3.365   20.236  1.00 9.00  ? 15  ILE B N   1 
ATOM   872  C CA  . ILE B 1 15 ? -2.053  2.461   20.211  1.00 9.00  ? 15  ILE B CA  1 
ATOM   873  C C   . ILE B 1 15 ? -2.122  1.559   21.445  1.00 9.00  ? 15  ILE B C   1 
ATOM   874  O O   . ILE B 1 15 ? -1.178  0.812   21.758  1.00 10.87 ? 15  ILE B O   1 
ATOM   875  C CB  . ILE B 1 15 ? -2.025  1.576   18.917  1.00 10.87 ? 15  ILE B CB  1 
ATOM   876  C CG1 . ILE B 1 15 ? -3.167  0.558   18.962  1.00 10.87 ? 15  ILE B CG1 1 
ATOM   877  C CG2 . ILE B 1 15 ? -0.681  0.869   18.779  1.00 10.87 ? 15  ILE B CG2 1 
ATOM   878  C CD1 . ILE B 1 15 ? -3.208  -0.392  17.790  1.00 10.87 ? 15  ILE B CD1 1 
ATOM   879  N N   . GLY B 1 16 ? -3.231  1.663   22.163  1.00 29.43 ? 16  GLY B N   1 
ATOM   880  C CA  . GLY B 1 16 ? -3.454  0.867   23.359  1.00 29.43 ? 16  GLY B CA  1 
ATOM   881  C C   . GLY B 1 16 ? -2.378  1.040   24.416  1.00 29.43 ? 16  GLY B C   1 
ATOM   882  O O   . GLY B 1 16 ? -2.141  0.117   25.188  1.00 11.53 ? 16  GLY B O   1 
ATOM   883  N N   . GLY B 1 17 ? -1.729  2.211   24.434  1.00 10.37 ? 17  GLY B N   1 
ATOM   884  C CA  . GLY B 1 17 ? -0.665  2.505   25.383  1.00 10.37 ? 17  GLY B CA  1 
ATOM   885  C C   . GLY B 1 17 ? 0.718   2.236   24.815  1.00 10.37 ? 17  GLY B C   1 
ATOM   886  O O   . GLY B 1 17 ? 1.698   2.789   25.309  1.00 8.77  ? 17  GLY B O   1 
ATOM   887  N N   . GLN B 1 18 ? 0.824   1.402   23.784  1.00 18.67 ? 18  GLN B N   1 
ATOM   888  C CA  . GLN B 1 18 ? 2.104   1.053   23.163  1.00 18.67 ? 18  GLN B CA  1 
ATOM   889  C C   . GLN B 1 18 ? 2.473   2.049   22.067  1.00 18.67 ? 18  GLN B C   1 
ATOM   890  O O   . GLN B 1 18 ? 1.570   2.583   21.420  1.00 16.93 ? 18  GLN B O   1 
ATOM   891  C CB  . GLN B 1 18 ? 2.040   -0.358  22.548  1.00 16.93 ? 18  GLN B CB  1 
ATOM   892  C CG  . GLN B 1 18 ? 1.847   -1.480  23.548  1.00 16.93 ? 18  GLN B CG  1 
ATOM   893  C CD  . GLN B 1 18 ? 0.557   -2.259  23.419  1.00 16.93 ? 18  GLN B CD  1 
ATOM   894  O OE1 . GLN B 1 18 ? 0.562   -3.415  23.808  1.00 16.93 ? 18  GLN B OE1 1 
ATOM   895  N NE2 . GLN B 1 18 ? -0.564  -1.825  22.880  1.00 16.93 ? 18  GLN B NE2 1 
ATOM   896  N N   . LEU B 1 19 ? 3.770   2.294   21.903  1.00 2.00  ? 19  LEU B N   1 
ATOM   897  C CA  . LEU B 1 19 ? 4.331   3.202   20.902  1.00 12.20 ? 19  LEU B CA  1 
ATOM   898  C C   . LEU B 1 19 ? 4.919   2.212   19.902  1.00 12.20 ? 19  LEU B C   1 
ATOM   899  O O   . LEU B 1 19 ? 5.626   1.285   20.324  1.00 10.05 ? 19  LEU B O   1 
ATOM   900  C CB  . LEU B 1 19 ? 5.476   4.085   21.431  1.00 10.05 ? 19  LEU B CB  1 
ATOM   901  C CG  . LEU B 1 19 ? 5.233   5.242   22.409  1.00 10.05 ? 19  LEU B CG  1 
ATOM   902  C CD1 . LEU B 1 19 ? 4.105   6.121   21.902  1.00 10.05 ? 19  LEU B CD1 1 
ATOM   903  C CD2 . LEU B 1 19 ? 4.861   4.687   23.767  1.00 10.05 ? 19  LEU B CD2 1 
ATOM   904  N N   . LYS B 1 20 ? 4.591   2.392   18.620  1.00 8.19  ? 20  LYS B N   1 
ATOM   905  C CA  . LYS B 1 20 ? 5.033   1.553   17.500  1.00 8.19  ? 20  LYS B CA  1 
ATOM   906  C C   . LYS B 1 20 ? 5.131   2.456   16.264  1.00 8.19  ? 20  LYS B C   1 
ATOM   907  O O   . LYS B 1 20 ? 4.753   3.626   16.312  1.00 23.34 ? 20  LYS B O   1 
ATOM   908  C CB  . LYS B 1 20 ? 4.015   0.439   17.179  1.00 23.34 ? 20  LYS B CB  1 
ATOM   909  C CG  . LYS B 1 20 ? 3.343   -0.304  18.331  1.00 23.34 ? 20  LYS B CG  1 
ATOM   910  C CD  . LYS B 1 20 ? 3.347   -1.818  18.137  1.00 23.34 ? 20  LYS B CD  1 
ATOM   911  C CE  . LYS B 1 20 ? 4.731   -2.465  18.272  1.00 23.34 ? 20  LYS B CE  1 
ATOM   912  N NZ  . LYS B 1 20 ? 4.727   -3.874  17.769  1.00 23.34 ? 20  LYS B NZ  1 
ATOM   913  N N   . GLU B 1 21 ? 5.667   1.931   15.170  1.00 6.33  ? 21  GLU B N   1 
ATOM   914  C CA  . GLU B 1 21 ? 5.805   2.659   13.910  1.00 6.33  ? 21  GLU B CA  1 
ATOM   915  C C   . GLU B 1 21 ? 4.958   1.857   12.908  1.00 6.33  ? 21  GLU B C   1 
ATOM   916  O O   . GLU B 1 21 ? 4.861   0.616   12.998  1.00 12.90 ? 21  GLU B O   1 
ATOM   917  C CB  . GLU B 1 21 ? 7.266   2.724   13.454  1.00 12.90 ? 21  GLU B CB  1 
ATOM   918  C CG  . GLU B 1 21 ? 8.004   3.995   13.910  1.00 12.90 ? 21  GLU B CG  1 
ATOM   919  C CD  . GLU B 1 21 ? 9.418   4.109   13.355  1.00 12.90 ? 21  GLU B CD  1 
ATOM   920  O OE1 . GLU B 1 21 ? 10.320  3.401   13.854  1.00 12.90 ? 21  GLU B OE1 1 
ATOM   921  O OE2 . GLU B 1 21 ? 9.643   4.904   12.412  1.00 12.90 ? 21  GLU B OE2 1 
ATOM   922  N N   . ALA B 1 22 ? 4.281   2.580   12.032  1.00 12.00 ? 22  ALA B N   1 
ATOM   923  C CA  . ALA B 1 22 ? 3.418   2.004   11.016  1.00 12.00 ? 22  ALA B CA  1 
ATOM   924  C C   . ALA B 1 22 ? 3.609   2.800   9.732   1.00 12.00 ? 22  ALA B C   1 
ATOM   925  O O   . ALA B 1 22 ? 3.973   3.973   9.742   1.00 16.67 ? 22  ALA B O   1 
ATOM   926  C CB  . ALA B 1 22 ? 1.980   2.071   11.505  1.00 16.67 ? 22  ALA B CB  1 
ATOM   927  N N   . LEU B 1 23 ? 3.359   2.091   8.658   1.00 25.93 ? 23  LEU B N   1 
ATOM   928  C CA  . LEU B 1 23 ? 3.463   2.530   7.278   1.00 25.93 ? 23  LEU B CA  1 
ATOM   929  C C   . LEU B 1 23 ? 2.156   3.145   6.761   1.00 25.93 ? 23  LEU B C   1 
ATOM   930  O O   . LEU B 1 23 ? 1.109   2.517   6.930   1.00 12.00 ? 23  LEU B O   1 
ATOM   931  C CB  . LEU B 1 23 ? 3.958   1.223   6.595   1.00 12.00 ? 23  LEU B CB  1 
ATOM   932  C CG  . LEU B 1 23 ? 4.276   0.912   5.122   1.00 12.00 ? 23  LEU B CG  1 
ATOM   933  C CD1 . LEU B 1 23 ? 3.011   0.384   4.504   1.00 12.00 ? 23  LEU B CD1 1 
ATOM   934  C CD2 . LEU B 1 23 ? 4.885   2.116   4.409   1.00 12.00 ? 23  LEU B CD2 1 
ATOM   935  N N   . LEU B 1 24 ? 2.127   4.351   6.195   1.00 13.84 ? 24  LEU B N   1 
ATOM   936  C CA  . LEU B 1 24 ? 0.905   4.976   5.669   1.00 13.84 ? 24  LEU B CA  1 
ATOM   937  C C   . LEU B 1 24 ? 0.693   4.314   4.316   1.00 13.84 ? 24  LEU B C   1 
ATOM   938  O O   . LEU B 1 24 ? 1.343   4.639   3.319   1.00 15.79 ? 24  LEU B O   1 
ATOM   939  C CB  . LEU B 1 24 ? 1.100   6.481   5.497   1.00 15.79 ? 24  LEU B CB  1 
ATOM   940  C CG  . LEU B 1 24 ? 0.847   7.469   6.643   1.00 15.79 ? 24  LEU B CG  1 
ATOM   941  C CD1 . LEU B 1 24 ? 0.562   6.769   7.962   1.00 15.79 ? 24  LEU B CD1 1 
ATOM   942  C CD2 . LEU B 1 24 ? 2.064   8.343   6.735   1.00 15.79 ? 24  LEU B CD2 1 
ATOM   943  N N   . ASP B 1 25 ? -0.222  3.370   4.309   1.00 12.00 ? 25  ASP B N   1 
ATOM   944  C CA  . ASP B 1 25 ? -0.567  2.588   3.141   1.00 12.00 ? 25  ASP B CA  1 
ATOM   945  C C   . ASP B 1 25 ? -1.852  2.935   2.400   1.00 2.00  ? 25  ASP B C   1 
ATOM   946  O O   . ASP B 1 25 ? -2.940  2.542   2.831   1.00 7.51  ? 25  ASP B O   1 
ATOM   947  C CB  . ASP B 1 25 ? -0.579  1.165   3.627   1.00 7.51  ? 25  ASP B CB  1 
ATOM   948  C CG  . ASP B 1 25 ? -0.402  0.073   2.608   1.00 7.51  ? 25  ASP B CG  1 
ATOM   949  O OD1 . ASP B 1 25 ? -0.902  0.176   1.466   1.00 7.51  ? 25  ASP B OD1 1 
ATOM   950  O OD2 . ASP B 1 25 ? 0.236   -0.924  2.993   1.00 7.51  ? 25  ASP B OD2 1 
ATOM   951  N N   . THR B 1 26 ? -1.709  3.604   1.259   1.00 12.00 ? 26  THR B N   1 
ATOM   952  C CA  . THR B 1 26 ? -2.855  3.986   0.434   1.00 12.00 ? 26  THR B CA  1 
ATOM   953  C C   . THR B 1 26 ? -3.521  2.727   -0.129  1.00 12.00 ? 26  THR B C   1 
ATOM   954  O O   . THR B 1 26 ? -4.747  2.666   -0.180  1.00 15.17 ? 26  THR B O   1 
ATOM   955  C CB  . THR B 1 26 ? -2.427  4.908   -0.728  1.00 15.17 ? 26  THR B CB  1 
ATOM   956  O OG1 . THR B 1 26 ? -1.138  4.567   -1.242  1.00 15.17 ? 26  THR B OG1 1 
ATOM   957  C CG2 . THR B 1 26 ? -2.245  6.309   -0.208  1.00 15.17 ? 26  THR B CG2 1 
ATOM   958  N N   . GLY B 1 27 ? -2.721  1.700   -0.452  1.00 8.12  ? 27  GLY B N   1 
ATOM   959  C CA  . GLY B 1 27 ? -3.200  0.438   -0.989  1.00 8.12  ? 27  GLY B CA  1 
ATOM   960  C C   . GLY B 1 27 ? -3.753  -0.529  0.034   1.00 8.12  ? 27  GLY B C   1 
ATOM   961  O O   . GLY B 1 27 ? -3.836  -1.740  -0.219  1.00 14.98 ? 27  GLY B O   1 
ATOM   962  N N   . ALA B 1 28 ? -4.096  -0.059  1.220   1.00 12.00 ? 28  ALA B N   1 
ATOM   963  C CA  . ALA B 1 28 ? -4.639  -0.907  2.253   1.00 12.00 ? 28  ALA B CA  1 
ATOM   964  C C   . ALA B 1 28 ? -5.982  -0.324  2.590   1.00 12.00 ? 28  ALA B C   1 
ATOM   965  O O   . ALA B 1 28 ? -6.082  0.885   2.754   1.00 15.92 ? 28  ALA B O   1 
ATOM   966  C CB  . ALA B 1 28 ? -3.775  -0.884  3.489   1.00 15.92 ? 28  ALA B CB  1 
ATOM   967  N N   . ASP B 1 29 ? -7.011  -1.151  2.667   1.00 12.00 ? 29  ASP B N   1 
ATOM   968  C CA  . ASP B 1 29 ? -8.334  -0.659  3.000   1.00 12.00 ? 29  ASP B CA  1 
ATOM   969  C C   . ASP B 1 29 ? -8.484  -0.754  4.507   1.00 12.00 ? 29  ASP B C   1 
ATOM   970  O O   . ASP B 1 29 ? -9.248  0.017   5.079   1.00 12.00 ? 29  ASP B O   1 
ATOM   971  C CB  . ASP B 1 29 ? -9.468  -1.494  2.444   1.00 12.00 ? 29  ASP B CB  1 
ATOM   972  C CG  . ASP B 1 29 ? -9.488  -1.834  0.972   1.00 12.00 ? 29  ASP B CG  1 
ATOM   973  O OD1 . ASP B 1 29 ? -8.825  -1.160  0.154   1.00 12.00 ? 29  ASP B OD1 1 
ATOM   974  O OD2 . ASP B 1 29 ? -10.199 -2.805  0.637   1.00 12.00 ? 29  ASP B OD2 1 
ATOM   975  N N   . ASP B 1 30 ? -7.694  -1.645  5.115   1.00 11.33 ? 30  ASP B N   1 
ATOM   976  C CA  . ASP B 1 30 ? -7.704  -1.899  6.555   1.00 11.33 ? 30  ASP B CA  1 
ATOM   977  C C   . ASP B 1 30 ? -6.330  -1.685  7.187   1.00 11.33 ? 30  ASP B C   1 
ATOM   978  O O   . ASP B 1 30 ? -5.311  -1.744  6.492   1.00 12.00 ? 30  ASP B O   1 
ATOM   979  C CB  . ASP B 1 30 ? -8.147  -3.358  6.827   1.00 12.00 ? 30  ASP B CB  1 
ATOM   980  C CG  . ASP B 1 30 ? -9.486  -3.773  6.233   1.00 12.00 ? 30  ASP B CG  1 
ATOM   981  O OD1 . ASP B 1 30 ? -10.455 -3.009  6.430   1.00 12.00 ? 30  ASP B OD1 1 
ATOM   982  O OD2 . ASP B 1 30 ? -9.575  -4.841  5.576   1.00 12.00 ? 30  ASP B OD2 1 
ATOM   983  N N   . SER B 1 31 ? -6.324  -1.489  8.493   1.00 14.42 ? 31  SER B N   1 
ATOM   984  C CA  . SER B 1 31 ? -5.107  -1.281  9.268   1.00 14.42 ? 31  SER B CA  1 
ATOM   985  C C   . SER B 1 31 ? -4.889  -2.618  9.975   1.00 14.42 ? 31  SER B C   1 
ATOM   986  O O   . SER B 1 31 ? -5.877  -3.202  10.440  1.00 7.67  ? 31  SER B O   1 
ATOM   987  C CB  . SER B 1 31 ? -5.311  -0.133  10.282  1.00 7.67  ? 31  SER B CB  1 
ATOM   988  O OG  . SER B 1 31 ? -5.503  1.147   9.674   1.00 7.67  ? 31  SER B OG  1 
ATOM   989  N N   . ILE B 1 32 ? -3.639  -3.094  10.050  1.00 19.91 ? 32  ILE B N   1 
ATOM   990  C CA  . ILE B 1 32 ? -3.236  -4.361  10.678  1.00 19.91 ? 32  ILE B CA  1 
ATOM   991  C C   . ILE B 1 32 ? -2.022  -4.038  11.552  1.00 19.91 ? 32  ILE B C   1 
ATOM   992  O O   . ILE B 1 32 ? -1.102  -3.330  11.114  1.00 22.60 ? 32  ILE B O   1 
ATOM   993  C CB  . ILE B 1 32 ? -2.754  -5.475  9.672   1.00 22.60 ? 32  ILE B CB  1 
ATOM   994  C CG1 . ILE B 1 32 ? -3.481  -5.460  8.314   1.00 22.60 ? 32  ILE B CG1 1 
ATOM   995  C CG2 . ILE B 1 32 ? -3.043  -6.811  10.356  1.00 22.60 ? 32  ILE B CG2 1 
ATOM   996  C CD1 . ILE B 1 32 ? -2.896  -6.397  7.277   1.00 22.60 ? 32  ILE B CD1 1 
ATOM   997  N N   . VAL B 1 33 ? -2.015  -4.523  12.784  1.00 12.50 ? 33  VAL B N   1 
ATOM   998  C CA  . VAL B 1 33 ? -0.925  -4.311  13.731  1.00 12.50 ? 33  VAL B CA  1 
ATOM   999  C C   . VAL B 1 33 ? -0.432  -5.732  13.986  1.00 12.50 ? 33  VAL B C   1 
ATOM   1000 O O   . VAL B 1 33 ? -1.252  -6.644  14.165  1.00 20.38 ? 33  VAL B O   1 
ATOM   1001 C CB  . VAL B 1 33 ? -1.481  -3.602  15.017  1.00 20.38 ? 33  VAL B CB  1 
ATOM   1002 C CG1 . VAL B 1 33 ? -0.571  -3.664  16.234  1.00 20.38 ? 33  VAL B CG1 1 
ATOM   1003 C CG2 . VAL B 1 33 ? -1.554  -2.123  14.673  1.00 20.38 ? 33  VAL B CG2 1 
ATOM   1004 N N   . ALA B 1 34 ? 0.888   -5.887  13.898  1.00 35.54 ? 34  ALA B N   1 
ATOM   1005 C CA  . ALA B 1 34 ? 1.592   -7.157  14.091  1.00 35.54 ? 34  ALA B CA  1 
ATOM   1006 C C   . ALA B 1 34 ? 1.451   -7.588  15.534  1.00 35.54 ? 34  ALA B C   1 
ATOM   1007 O O   . ALA B 1 34 ? 1.867   -6.819  16.390  1.00 22.78 ? 34  ALA B O   1 
ATOM   1008 C CB  . ALA B 1 34 ? 3.068   -6.983  13.743  1.00 22.78 ? 34  ALA B CB  1 
ATOM   1009 N N   . GLY B 1 35 ? 0.840   -8.758  15.747  1.00 15.53 ? 35  GLY B N   1 
ATOM   1010 C CA  . GLY B 1 35 ? 0.564   -9.378  17.048  1.00 15.53 ? 35  GLY B CA  1 
ATOM   1011 C C   . GLY B 1 35 ? 0.944   -8.601  18.311  1.00 15.53 ? 35  GLY B C   1 
ATOM   1012 O O   . GLY B 1 35 ? 2.003   -8.870  18.883  1.00 35.97 ? 35  GLY B O   1 
ATOM   1013 N N   . ILE B 1 36 ? 0.101   -7.656  18.734  1.00 21.01 ? 36  ILE B N   1 
ATOM   1014 C CA  . ILE B 1 36 ? 0.294   -6.849  19.937  1.00 21.01 ? 36  ILE B CA  1 
ATOM   1015 C C   . ILE B 1 36 ? -0.995  -6.976  20.755  1.00 21.01 ? 36  ILE B C   1 
ATOM   1016 O O   . ILE B 1 36 ? -2.044  -7.389  20.242  1.00 24.19 ? 36  ILE B O   1 
ATOM   1017 C CB  . ILE B 1 36 ? 0.638   -5.363  19.509  1.00 24.19 ? 36  ILE B CB  1 
ATOM   1018 C CG1 . ILE B 1 36 ? 1.969   -5.053  20.230  1.00 24.19 ? 36  ILE B CG1 1 
ATOM   1019 C CG2 . ILE B 1 36 ? -0.422  -4.313  19.863  1.00 24.19 ? 36  ILE B CG2 1 
ATOM   1020 C CD1 . ILE B 1 36 ? 3.154   -5.995  19.989  1.00 24.19 ? 36  ILE B CD1 1 
ATOM   1021 N N   . GLU B 1 37 ? -0.846  -6.659  22.030  1.00 11.57 ? 37  GLU B N   1 
ATOM   1022 C CA  . GLU B 1 37 ? -1.911  -6.722  23.008  1.00 11.57 ? 37  GLU B CA  1 
ATOM   1023 C C   . GLU B 1 37 ? -2.951  -5.597  22.905  1.00 11.57 ? 37  GLU B C   1 
ATOM   1024 O O   . GLU B 1 37 ? -2.606  -4.415  22.931  1.00 36.68 ? 37  GLU B O   1 
ATOM   1025 C CB  . GLU B 1 37 ? -1.219  -6.746  24.379  1.00 36.68 ? 37  GLU B CB  1 
ATOM   1026 C CG  . GLU B 1 37 ? -2.017  -7.355  25.533  1.00 36.68 ? 37  GLU B CG  1 
ATOM   1027 C CD  . GLU B 1 37 ? -1.293  -7.365  26.873  1.00 36.68 ? 37  GLU B CD  1 
ATOM   1028 O OE1 . GLU B 1 37 ? -0.163  -7.901  26.970  1.00 36.68 ? 37  GLU B OE1 1 
ATOM   1029 O OE2 . GLU B 1 37 ? -1.872  -6.838  27.843  1.00 36.68 ? 37  GLU B OE2 1 
ATOM   1030 N N   . LEU B 1 38 ? -4.208  -5.995  22.745  1.00 40.96 ? 38  LEU B N   1 
ATOM   1031 C CA  . LEU B 1 38 ? -5.361  -5.106  22.642  1.00 40.96 ? 38  LEU B CA  1 
ATOM   1032 C C   . LEU B 1 38 ? -6.447  -5.846  23.425  1.00 40.96 ? 38  LEU B C   1 
ATOM   1033 O O   . LEU B 1 38 ? -6.676  -7.041  23.184  1.00 21.16 ? 38  LEU B O   1 
ATOM   1034 C CB  . LEU B 1 38 ? -5.854  -4.896  21.190  1.00 21.16 ? 38  LEU B CB  1 
ATOM   1035 C CG  . LEU B 1 38 ? -5.518  -3.630  20.368  1.00 21.16 ? 38  LEU B CG  1 
ATOM   1036 C CD1 . LEU B 1 38 ? -5.690  -2.379  21.215  1.00 21.16 ? 38  LEU B CD1 1 
ATOM   1037 C CD2 . LEU B 1 38 ? -4.082  -3.697  19.891  1.00 21.16 ? 38  LEU B CD2 1 
ATOM   1038 N N   . PRO B 1 39 ? -7.062  -5.193  24.426  1.00 47.39 ? 39  PRO B N   1 
ATOM   1039 C CA  . PRO B 1 39 ? -8.007  -5.840  25.337  1.00 47.39 ? 39  PRO B CA  1 
ATOM   1040 C C   . PRO B 1 39 ? -9.477  -5.931  24.869  1.00 47.39 ? 39  PRO B C   1 
ATOM   1041 O O   . PRO B 1 39 ? -10.013 -4.945  24.349  1.00 21.92 ? 39  PRO B O   1 
ATOM   1042 C CB  . PRO B 1 39 ? -7.734  -5.029  26.623  1.00 21.92 ? 39  PRO B CB  1 
ATOM   1043 C CG  . PRO B 1 39 ? -7.678  -3.649  26.080  1.00 21.92 ? 39  PRO B CG  1 
ATOM   1044 C CD  . PRO B 1 39 ? -6.781  -3.818  24.896  1.00 21.92 ? 39  PRO B CD  1 
ATOM   1045 N N   . GLY B 1 40 ? -10.124 -7.092  25.017  1.00 15.01 ? 40  GLY B N   1 
ATOM   1046 C CA  . GLY B 1 40 ? -11.532 -7.215  24.678  1.00 15.01 ? 40  GLY B CA  1 
ATOM   1047 C C   . GLY B 1 40 ? -11.982 -8.400  23.838  1.00 15.01 ? 40  GLY B C   1 
ATOM   1048 O O   . GLY B 1 40 ? -11.422 -9.500  23.857  1.00 12.00 ? 40  GLY B O   1 
ATOM   1049 N N   . ARG B 1 41 ? -13.034 -8.068  23.098  1.00 28.13 ? 41  ARG B N   1 
ATOM   1050 C CA  . ARG B 1 41 ? -13.809 -8.954  22.234  1.00 28.13 ? 41  ARG B CA  1 
ATOM   1051 C C   . ARG B 1 41 ? -13.407 -8.701  20.757  1.00 28.13 ? 41  ARG B C   1 
ATOM   1052 O O   . ARG B 1 41 ? -12.779 -7.676  20.472  1.00 32.63 ? 41  ARG B O   1 
ATOM   1053 C CB  . ARG B 1 41 ? -15.281 -8.619  22.511  1.00 32.63 ? 41  ARG B CB  1 
ATOM   1054 C CG  . ARG B 1 41 ? -16.416 -9.352  21.815  1.00 32.63 ? 41  ARG B CG  1 
ATOM   1055 C CD  . ARG B 1 41 ? -17.595 -8.404  21.638  1.00 32.63 ? 41  ARG B CD  1 
ATOM   1056 N NE  . ARG B 1 41 ? -17.448 -7.603  20.415  1.00 32.63 ? 41  ARG B NE  1 
ATOM   1057 C CZ  . ARG B 1 41 ? -17.896 -6.360  20.212  1.00 32.63 ? 41  ARG B CZ  1 
ATOM   1058 N NH1 . ARG B 1 41 ? -18.548 -5.688  21.152  1.00 32.63 ? 41  ARG B NH1 1 
ATOM   1059 N NH2 . ARG B 1 41 ? -17.704 -5.792  19.028  1.00 32.63 ? 41  ARG B NH2 1 
ATOM   1060 N N   . TRP B 1 42 ? -13.788 -9.585  19.823  1.00 22.99 ? 42  TRP B N   1 
ATOM   1061 C CA  . TRP B 1 42 ? -13.483 -9.479  18.393  1.00 22.99 ? 42  TRP B CA  1 
ATOM   1062 C C   . TRP B 1 42 ? -14.310 -10.386 17.487  1.00 22.99 ? 42  TRP B C   1 
ATOM   1063 O O   . TRP B 1 42 ? -14.929 -11.329 17.986  1.00 14.71 ? 42  TRP B O   1 
ATOM   1064 C CB  . TRP B 1 42 ? -11.983 -9.761  18.167  1.00 14.71 ? 42  TRP B CB  1 
ATOM   1065 C CG  . TRP B 1 42 ? -11.403 -10.978 18.830  1.00 14.71 ? 42  TRP B CG  1 
ATOM   1066 C CD1 . TRP B 1 42 ? -10.648 -10.971 19.960  1.00 14.71 ? 42  TRP B CD1 1 
ATOM   1067 C CD2 . TRP B 1 42 ? -11.540 -12.355 18.456  1.00 14.71 ? 42  TRP B CD2 1 
ATOM   1068 N NE1 . TRP B 1 42 ? -10.310 -12.249 20.314  1.00 14.71 ? 42  TRP B NE1 1 
ATOM   1069 C CE2 . TRP B 1 42 ? -10.831 -13.131 19.414  1.00 14.71 ? 42  TRP B CE2 1 
ATOM   1070 C CE3 . TRP B 1 42 ? -12.182 -13.022 17.393  1.00 14.71 ? 42  TRP B CE3 1 
ATOM   1071 C CZ2 . TRP B 1 42 ? -10.774 -14.535 19.345  1.00 14.71 ? 42  TRP B CZ2 1 
ATOM   1072 C CZ3 . TRP B 1 42 ? -12.129 -14.415 17.318  1.00 14.71 ? 42  TRP B CZ3 1 
ATOM   1073 C CH2 . TRP B 1 42 ? -11.416 -15.159 18.293  1.00 14.71 ? 42  TRP B CH2 1 
ATOM   1074 N N   . LYS B 1 43 ? -14.331 -10.066 16.191  1.00 14.73 ? 43  LYS B N   1 
ATOM   1075 C CA  . LYS B 1 43 ? -15.052 -10.810 15.160  1.00 14.73 ? 43  LYS B CA  1 
ATOM   1076 C C   . LYS B 1 43 ? -13.917 -11.497 14.357  1.00 14.73 ? 43  LYS B C   1 
ATOM   1077 O O   . LYS B 1 43 ? -12.823 -10.910 14.271  1.00 27.48 ? 43  LYS B O   1 
ATOM   1078 C CB  . LYS B 1 43 ? -15.864 -9.815  14.281  1.00 27.48 ? 43  LYS B CB  1 
ATOM   1079 C CG  . LYS B 1 43 ? -16.866 -8.867  14.969  1.00 27.48 ? 43  LYS B CG  1 
ATOM   1080 C CD  . LYS B 1 43 ? -18.352 -9.037  14.619  1.00 27.48 ? 43  LYS B CD  1 
ATOM   1081 C CE  . LYS B 1 43 ? -18.747 -8.676  13.180  1.00 27.48 ? 43  LYS B CE  1 
ATOM   1082 N NZ  . LYS B 1 43 ? -20.214 -8.821  12.887  1.00 27.48 ? 43  LYS B NZ  1 
ATOM   1083 N N   . PRO B 1 44 ? -14.048 -12.732 13.811  1.00 43.06 ? 44  PRO B N   1 
ATOM   1084 C CA  . PRO B 1 44 ? -13.210 -13.253 12.710  1.00 43.06 ? 44  PRO B CA  1 
ATOM   1085 C C   . PRO B 1 44 ? -13.454 -12.416 11.461  1.00 43.06 ? 44  PRO B C   1 
ATOM   1086 O O   . PRO B 1 44 ? -14.564 -11.904 11.246  1.00 46.40 ? 44  PRO B O   1 
ATOM   1087 C CB  . PRO B 1 44 ? -13.624 -14.721 12.588  1.00 46.40 ? 44  PRO B CB  1 
ATOM   1088 C CG  . PRO B 1 44 ? -15.064 -14.643 12.964  1.00 46.40 ? 44  PRO B CG  1 
ATOM   1089 C CD  . PRO B 1 44 ? -15.005 -13.782 14.202  1.00 46.40 ? 44  PRO B CD  1 
ATOM   1090 N N   . LYS B 1 45 ? -12.380 -12.235 10.719  1.00 36.52 ? 45  LYS B N   1 
ATOM   1091 C CA  . LYS B 1 45 ? -12.365 -11.473 9.469   1.00 36.52 ? 45  LYS B CA  1 
ATOM   1092 C C   . LYS B 1 45 ? -11.126 -12.065 8.822   1.00 36.52 ? 45  LYS B C   1 
ATOM   1093 O O   . LYS B 1 45 ? -10.195 -12.564 9.471   1.00 18.82 ? 45  LYS B O   1 
ATOM   1094 C CB  . LYS B 1 45 ? -12.160 -9.976  9.759   1.00 18.82 ? 45  LYS B CB  1 
ATOM   1095 C CG  . LYS B 1 45 ? -11.636 -8.995  8.693   1.00 18.82 ? 45  LYS B CG  1 
ATOM   1096 C CD  . LYS B 1 45 ? -12.546 -8.696  7.504   1.00 18.82 ? 45  LYS B CD  1 
ATOM   1097 C CE  . LYS B 1 45 ? -12.035 -7.424  6.845   1.00 18.82 ? 45  LYS B CE  1 
ATOM   1098 N NZ  . LYS B 1 45 ? -12.697 -7.109  5.543   1.00 18.82 ? 45  LYS B NZ  1 
ATOM   1099 N N   . MET B 1 46 ? -11.176 -12.035 7.514   1.00 34.50 ? 46  MET B N   1 
ATOM   1100 C CA  . MET B 1 46 ? -10.090 -12.547 6.727   1.00 34.50 ? 46  MET B CA  1 
ATOM   1101 C C   . MET B 1 46 ? -10.049 -11.695 5.481   1.00 34.50 ? 46  MET B C   1 
ATOM   1102 O O   . MET B 1 46 ? -11.093 -11.440 4.871   1.00 43.13 ? 46  MET B O   1 
ATOM   1103 C CB  . MET B 1 46 ? -10.347 -14.035 6.438   1.00 43.13 ? 46  MET B CB  1 
ATOM   1104 C CG  . MET B 1 46 ? -9.176  -14.805 5.835   1.00 43.13 ? 46  MET B CG  1 
ATOM   1105 S SD  . MET B 1 46 ? -9.319  -16.598 5.957   1.00 43.13 ? 46  MET B SD  1 
ATOM   1106 C CE  . MET B 1 46 ? -7.631  -17.100 5.635   1.00 43.13 ? 46  MET B CE  1 
ATOM   1107 N N   . VAL B 1 47 ? -8.876  -11.162 5.180   1.00 9.27  ? 47  VAL B N   1 
ATOM   1108 C CA  . VAL B 1 47 ? -8.754  -10.322 3.981   1.00 9.27  ? 47  VAL B CA  1 
ATOM   1109 C C   . VAL B 1 47 ? -7.479  -10.761 3.269   1.00 9.27  ? 47  VAL B C   1 
ATOM   1110 O O   . VAL B 1 47 ? -6.535  -11.339 3.834   1.00 24.00 ? 47  VAL B O   1 
ATOM   1111 C CB  . VAL B 1 47 ? -8.560  -8.764  4.187   1.00 24.00 ? 47  VAL B CB  1 
ATOM   1112 C CG1 . VAL B 1 47 ? -9.953  -8.161  4.238   1.00 24.00 ? 47  VAL B CG1 1 
ATOM   1113 C CG2 . VAL B 1 47 ? -7.690  -8.425  5.408   1.00 24.00 ? 47  VAL B CG2 1 
ATOM   1114 N N   . GLY B 1 48 ? -7.594  -10.471 1.983   1.00 30.36 ? 48  GLY B N   1 
ATOM   1115 C CA  . GLY B 1 48 ? -6.578  -10.818 1.032   1.00 30.36 ? 48  GLY B CA  1 
ATOM   1116 C C   . GLY B 1 48 ? -5.456  -9.837  0.966   1.00 30.36 ? 48  GLY B C   1 
ATOM   1117 O O   . GLY B 1 48 ? -5.664  -8.637  1.186   1.00 32.76 ? 48  GLY B O   1 
ATOM   1118 N N   . GLY B 1 49 ? -4.344  -10.437 0.594   1.00 7.77  ? 49  GLY B N   1 
ATOM   1119 C CA  . GLY B 1 49 ? -3.085  -9.760  0.452   1.00 7.77  ? 49  GLY B CA  1 
ATOM   1120 C C   . GLY B 1 49 ? -2.393  -10.358 -0.769  1.00 7.77  ? 49  GLY B C   1 
ATOM   1121 O O   . GLY B 1 49 ? -2.914  -11.309 -1.372  1.00 20.17 ? 49  GLY B O   1 
ATOM   1122 N N   . ILE B 1 50 ? -1.259  -9.819  -1.208  1.00 31.77 ? 50  ILE B N   1 
ATOM   1123 C CA  . ILE B 1 50 ? -0.564  -10.380 -2.369  1.00 31.77 ? 50  ILE B CA  1 
ATOM   1124 C C   . ILE B 1 50 ? 0.073   -11.666 -1.860  1.00 31.77 ? 50  ILE B C   1 
ATOM   1125 O O   . ILE B 1 50 ? 0.594   -11.708 -0.751  1.00 7.02  ? 50  ILE B O   1 
ATOM   1126 C CB  . ILE B 1 50 ? 0.544   -9.423  -2.944  1.00 7.02  ? 50  ILE B CB  1 
ATOM   1127 C CG1 . ILE B 1 50 ? 1.444   -8.883  -1.837  1.00 7.02  ? 50  ILE B CG1 1 
ATOM   1128 C CG2 . ILE B 1 50 ? -0.127  -8.238  -3.639  1.00 7.02  ? 50  ILE B CG2 1 
ATOM   1129 C CD1 . ILE B 1 50 ? 2.873   -8.704  -2.293  1.00 7.02  ? 50  ILE B CD1 1 
ATOM   1130 N N   . GLY B 1 51 ? -0.032  -12.735 -2.632  1.00 36.95 ? 51  GLY B N   1 
ATOM   1131 C CA  . GLY B 1 51 ? 0.486   -14.012 -2.161  1.00 36.95 ? 51  GLY B CA  1 
ATOM   1132 C C   . GLY B 1 51 ? -0.302  -14.585 -0.991  1.00 36.95 ? 51  GLY B C   1 
ATOM   1133 O O   . GLY B 1 51 ? 0.288   -15.316 -0.203  1.00 26.21 ? 51  GLY B O   1 
ATOM   1134 N N   . GLY B 1 52 ? -1.602  -14.313 -0.834  1.00 39.88 ? 52  GLY B N   1 
ATOM   1135 C CA  . GLY B 1 52 ? -2.352  -14.914 0.258   1.00 39.88 ? 52  GLY B CA  1 
ATOM   1136 C C   . GLY B 1 52 ? -3.628  -14.273 0.707   1.00 39.88 ? 52  GLY B C   1 
ATOM   1137 O O   . GLY B 1 52 ? -4.257  -13.450 0.044   1.00 64.94 ? 52  GLY B O   1 
ATOM   1138 N N   . PHE B 1 53 ? -3.936  -14.766 1.889   1.00 34.39 ? 53  PHE B N   1 
ATOM   1139 C CA  . PHE B 1 53 ? -5.118  -14.414 2.652   1.00 34.39 ? 53  PHE B CA  1 
ATOM   1140 C C   . PHE B 1 53 ? -4.709  -14.623 4.117   1.00 34.39 ? 53  PHE B C   1 
ATOM   1141 O O   . PHE B 1 53 ? -4.021  -15.616 4.356   1.00 34.95 ? 53  PHE B O   1 
ATOM   1142 C CB  . PHE B 1 53 ? -6.277  -15.343 2.301   1.00 34.95 ? 53  PHE B CB  1 
ATOM   1143 C CG  . PHE B 1 53 ? -7.414  -14.672 1.575   1.00 34.95 ? 53  PHE B CG  1 
ATOM   1144 C CD1 . PHE B 1 53 ? -8.458  -14.047 2.284   1.00 34.95 ? 53  PHE B CD1 1 
ATOM   1145 C CD2 . PHE B 1 53 ? -7.446  -14.641 0.169   1.00 34.95 ? 53  PHE B CD2 1 
ATOM   1146 C CE1 . PHE B 1 53 ? -9.491  -13.400 1.620   1.00 34.95 ? 53  PHE B CE1 1 
ATOM   1147 C CE2 . PHE B 1 53 ? -8.484  -13.989 -0.500  1.00 34.95 ? 53  PHE B CE2 1 
ATOM   1148 C CZ  . PHE B 1 53 ? -9.497  -13.373 0.228   1.00 34.95 ? 53  PHE B CZ  1 
ATOM   1149 N N   . ILE B 1 54 ? -4.961  -13.751 5.101   1.00 40.22 ? 54  ILE B N   1 
ATOM   1150 C CA  . ILE B 1 54 ? -4.562  -14.022 6.500   1.00 40.22 ? 54  ILE B CA  1 
ATOM   1151 C C   . ILE B 1 54 ? -5.785  -13.904 7.403   1.00 40.22 ? 54  ILE B C   1 
ATOM   1152 O O   . ILE B 1 54 ? -6.727  -13.168 7.088   1.00 48.61 ? 54  ILE B O   1 
ATOM   1153 C CB  . ILE B 1 54 ? -3.475  -13.070 7.132   1.00 48.61 ? 54  ILE B CB  1 
ATOM   1154 C CG1 . ILE B 1 54 ? -3.866  -11.594 7.107   1.00 48.61 ? 54  ILE B CG1 1 
ATOM   1155 C CG2 . ILE B 1 54 ? -2.177  -13.342 6.384   1.00 48.61 ? 54  ILE B CG2 1 
ATOM   1156 C CD1 . ILE B 1 54 ? -2.954  -10.736 7.972   1.00 48.61 ? 54  ILE B CD1 1 
ATOM   1157 N N   . LYS B 1 55 ? -5.779  -14.682 8.480   1.00 35.07 ? 55  LYS B N   1 
ATOM   1158 C CA  . LYS B 1 55 ? -6.881  -14.681 9.433   1.00 35.07 ? 55  LYS B CA  1 
ATOM   1159 C C   . LYS B 1 55 ? -6.558  -13.575 10.445  1.00 35.07 ? 55  LYS B C   1 
ATOM   1160 O O   . LYS B 1 55 ? -5.476  -13.615 11.044  1.00 32.48 ? 55  LYS B O   1 
ATOM   1161 C CB  . LYS B 1 55 ? -6.966  -16.045 10.097  1.00 32.48 ? 55  LYS B CB  1 
ATOM   1162 C CG  . LYS B 1 55 ? -8.368  -16.348 10.599  1.00 32.48 ? 55  LYS B CG  1 
ATOM   1163 C CD  . LYS B 1 55 ? -8.713  -17.843 10.511  1.00 32.48 ? 55  LYS B CD  1 
ATOM   1164 C CE  . LYS B 1 55 ? -8.005  -18.754 11.517  1.00 32.48 ? 55  LYS B CE  1 
ATOM   1165 N NZ  . LYS B 1 55 ? -8.541  -18.591 12.897  1.00 32.48 ? 55  LYS B NZ  1 
ATOM   1166 N N   . VAL B 1 56 ? -7.451  -12.596 10.561  1.00 42.70 ? 56  VAL B N   1 
ATOM   1167 C CA  . VAL B 1 56 ? -7.299  -11.462 11.469  1.00 42.70 ? 56  VAL B CA  1 
ATOM   1168 C C   . VAL B 1 56 ? -8.519  -11.355 12.370  1.00 42.70 ? 56  VAL B C   1 
ATOM   1169 O O   . VAL B 1 56 ? -9.542  -12.025 12.163  1.00 66.92 ? 56  VAL B O   1 
ATOM   1170 C CB  . VAL B 1 56 ? -7.110  -10.078 10.759  1.00 66.92 ? 56  VAL B CB  1 
ATOM   1171 C CG1 . VAL B 1 56 ? -5.642  -9.969  10.398  1.00 66.92 ? 56  VAL B CG1 1 
ATOM   1172 C CG2 . VAL B 1 56 ? -7.969  -9.921  9.519   1.00 66.92 ? 56  VAL B CG2 1 
ATOM   1173 N N   . ARG B 1 57 ? -8.349  -10.534 13.404  1.00 43.29 ? 57  ARG B N   1 
ATOM   1174 C CA  . ARG B 1 57 ? -9.380  -10.272 14.402  1.00 43.29 ? 57  ARG B CA  1 
ATOM   1175 C C   . ARG B 1 57 ? -9.747  -8.814  14.274  1.00 43.29 ? 57  ARG B C   1 
ATOM   1176 O O   . ARG B 1 57 ? -8.908  -7.922  14.404  1.00 26.72 ? 57  ARG B O   1 
ATOM   1177 C CB  . ARG B 1 57 ? -8.819  -10.570 15.793  1.00 26.72 ? 57  ARG B CB  1 
ATOM   1178 C CG  . ARG B 1 57 ? -8.354  -12.007 15.943  1.00 26.72 ? 57  ARG B CG  1 
ATOM   1179 C CD  . ARG B 1 57 ? -7.726  -12.350 17.285  1.00 26.72 ? 57  ARG B CD  1 
ATOM   1180 N NE  . ARG B 1 57 ? -6.404  -11.770 17.547  1.00 26.72 ? 57  ARG B NE  1 
ATOM   1181 C CZ  . ARG B 1 57 ? -5.232  -12.259 17.116  1.00 26.72 ? 57  ARG B CZ  1 
ATOM   1182 N NH1 . ARG B 1 57 ? -5.163  -13.360 16.364  1.00 26.72 ? 57  ARG B NH1 1 
ATOM   1183 N NH2 . ARG B 1 57 ? -4.098  -11.655 17.474  1.00 26.72 ? 57  ARG B NH2 1 
ATOM   1184 N N   . GLN B 1 58 ? -11.024 -8.682  13.985  1.00 26.88 ? 58  GLN B N   1 
ATOM   1185 C CA  . GLN B 1 58 ? -11.696 -7.423  13.779  1.00 26.88 ? 58  GLN B CA  1 
ATOM   1186 C C   . GLN B 1 58 ? -12.153 -6.717  15.050  1.00 26.88 ? 58  GLN B C   1 
ATOM   1187 O O   . GLN B 1 58 ? -13.235 -7.022  15.568  1.00 35.41 ? 58  GLN B O   1 
ATOM   1188 C CB  . GLN B 1 58 ? -12.841 -7.751  12.830  1.00 35.41 ? 58  GLN B CB  1 
ATOM   1189 C CG  . GLN B 1 58 ? -13.767 -6.656  12.343  1.00 35.41 ? 58  GLN B CG  1 
ATOM   1190 C CD  . GLN B 1 58 ? -14.507 -7.164  11.123  1.00 35.41 ? 58  GLN B CD  1 
ATOM   1191 O OE1 . GLN B 1 58 ? -13.900 -7.287  10.067  1.00 35.41 ? 58  GLN B OE1 1 
ATOM   1192 N NE2 . GLN B 1 58 ? -15.788 -7.475  11.188  1.00 35.41 ? 58  GLN B NE2 1 
ATOM   1193 N N   . TYR B 1 59 ? -11.269 -5.852  15.561  1.00 43.02 ? 59  TYR B N   1 
ATOM   1194 C CA  . TYR B 1 59 ? -11.493 -5.045  16.766  1.00 43.02 ? 59  TYR B CA  1 
ATOM   1195 C C   . TYR B 1 59 ? -12.010 -3.673  16.315  1.00 43.02 ? 59  TYR B C   1 
ATOM   1196 O O   . TYR B 1 59 ? -11.427 -3.042  15.425  1.00 28.25 ? 59  TYR B O   1 
ATOM   1197 C CB  . TYR B 1 59 ? -10.211 -4.801  17.568  1.00 28.25 ? 59  TYR B CB  1 
ATOM   1198 C CG  . TYR B 1 59 ? -9.628  -5.933  18.375  1.00 28.25 ? 59  TYR B CG  1 
ATOM   1199 C CD1 . TYR B 1 59 ? -8.814  -6.909  17.785  1.00 28.25 ? 59  TYR B CD1 1 
ATOM   1200 C CD2 . TYR B 1 59 ? -9.818  -5.973  19.761  1.00 28.25 ? 59  TYR B CD2 1 
ATOM   1201 C CE1 . TYR B 1 59 ? -8.191  -7.885  18.573  1.00 28.25 ? 59  TYR B CE1 1 
ATOM   1202 C CE2 . TYR B 1 59 ? -9.198  -6.941  20.546  1.00 28.25 ? 59  TYR B CE2 1 
ATOM   1203 C CZ  . TYR B 1 59 ? -8.385  -7.897  19.958  1.00 28.25 ? 59  TYR B CZ  1 
ATOM   1204 O OH  . TYR B 1 59 ? -7.741  -8.809  20.758  1.00 28.25 ? 59  TYR B OH  1 
ATOM   1205 N N   . ASP B 1 60 ? -13.079 -3.180  16.919  1.00 29.49 ? 60  ASP B N   1 
ATOM   1206 C CA  . ASP B 1 60 ? -13.675 -1.887  16.586  1.00 29.49 ? 60  ASP B CA  1 
ATOM   1207 C C   . ASP B 1 60 ? -13.604 -0.926  17.757  1.00 29.49 ? 60  ASP B C   1 
ATOM   1208 O O   . ASP B 1 60 ? -13.713 -1.313  18.919  1.00 21.13 ? 60  ASP B O   1 
ATOM   1209 C CB  . ASP B 1 60 ? -15.155 -2.026  16.192  1.00 21.13 ? 60  ASP B CB  1 
ATOM   1210 C CG  . ASP B 1 60 ? -15.332 -2.647  14.829  1.00 21.13 ? 60  ASP B CG  1 
ATOM   1211 O OD1 . ASP B 1 60 ? -15.413 -3.894  14.749  1.00 21.13 ? 60  ASP B OD1 1 
ATOM   1212 O OD2 . ASP B 1 60 ? -15.382 -1.884  13.839  1.00 21.13 ? 60  ASP B OD2 1 
ATOM   1213 N N   . GLN B 1 61 ? -13.497 0.329   17.335  1.00 9.61  ? 61  GLN B N   1 
ATOM   1214 C CA  . GLN B 1 61 ? -13.404 1.524   18.166  1.00 9.61  ? 61  GLN B CA  1 
ATOM   1215 C C   . GLN B 1 61 ? -12.150 1.551   19.064  1.00 9.61  ? 61  GLN B C   1 
ATOM   1216 O O   . GLN B 1 61 ? -12.182 1.828   20.265  1.00 33.00 ? 61  GLN B O   1 
ATOM   1217 C CB  . GLN B 1 61 ? -14.718 1.669   19.012  1.00 33.00 ? 61  GLN B CB  1 
ATOM   1218 C CG  . GLN B 1 61 ? -16.017 1.532   18.195  1.00 33.00 ? 61  GLN B CG  1 
ATOM   1219 C CD  . GLN B 1 61 ? -17.221 2.361   18.615  1.00 33.00 ? 61  GLN B CD  1 
ATOM   1220 O OE1 . GLN B 1 61 ? -17.756 3.080   17.770  1.00 33.00 ? 61  GLN B OE1 1 
ATOM   1221 N NE2 . GLN B 1 61 ? -17.704 2.315   19.848  1.00 33.00 ? 61  GLN B NE2 1 
ATOM   1222 N N   . ILE B 1 62 ? -11.008 1.345   18.394  1.00 7.45  ? 62  ILE B N   1 
ATOM   1223 C CA  . ILE B 1 62 ? -9.686  1.325   19.003  1.00 7.45  ? 62  ILE B CA  1 
ATOM   1224 C C   . ILE B 1 62 ? -9.072  2.660   18.614  1.00 7.45  ? 62  ILE B C   1 
ATOM   1225 O O   . ILE B 1 62 ? -9.002  2.971   17.424  1.00 19.95 ? 62  ILE B O   1 
ATOM   1226 C CB  . ILE B 1 62 ? -8.839  0.134   18.449  1.00 19.95 ? 62  ILE B CB  1 
ATOM   1227 C CG1 . ILE B 1 62 ? -9.383  -1.193  19.007  1.00 19.95 ? 62  ILE B CG1 1 
ATOM   1228 C CG2 . ILE B 1 62 ? -7.381  0.279   18.860  1.00 19.95 ? 62  ILE B CG2 1 
ATOM   1229 C CD1 . ILE B 1 62 ? -9.298  -1.377  20.519  1.00 19.95 ? 62  ILE B CD1 1 
ATOM   1230 N N   . LEU B 1 63 ? -8.706  3.429   19.634  1.00 15.02 ? 63  LEU B N   1 
ATOM   1231 C CA  . LEU B 1 63 ? -8.095  4.760   19.512  1.00 15.02 ? 63  LEU B CA  1 
ATOM   1232 C C   . LEU B 1 63 ? -6.645  4.534   19.084  1.00 15.02 ? 63  LEU B C   1 
ATOM   1233 O O   . LEU B 1 63 ? -6.026  3.570   19.554  1.00 7.46  ? 63  LEU B O   1 
ATOM   1234 C CB  . LEU B 1 63 ? -8.221  5.474   20.896  1.00 7.46  ? 63  LEU B CB  1 
ATOM   1235 C CG  . LEU B 1 63 ? -7.835  6.929   21.321  1.00 7.46  ? 63  LEU B CG  1 
ATOM   1236 C CD1 . LEU B 1 63 ? -6.346  6.994   21.658  1.00 7.46  ? 63  LEU B CD1 1 
ATOM   1237 C CD2 . LEU B 1 63 ? -8.241  7.915   20.241  1.00 7.46  ? 63  LEU B CD2 1 
ATOM   1238 N N   . ILE B 1 64 ? -6.199  5.391   18.161  1.00 12.00 ? 64  ILE B N   1 
ATOM   1239 C CA  . ILE B 1 64 ? -4.858  5.406   17.578  1.00 12.00 ? 64  ILE B CA  1 
ATOM   1240 C C   . ILE B 1 64 ? -4.523  6.890   17.464  1.00 12.00 ? 64  ILE B C   1 
ATOM   1241 O O   . ILE B 1 64 ? -5.371  7.695   17.076  1.00 18.55 ? 64  ILE B O   1 
ATOM   1242 C CB  . ILE B 1 64 ? -4.740  4.860   16.107  1.00 18.55 ? 64  ILE B CB  1 
ATOM   1243 C CG1 . ILE B 1 64 ? -5.657  3.688   15.801  1.00 18.55 ? 64  ILE B CG1 1 
ATOM   1244 C CG2 . ILE B 1 64 ? -3.323  4.370   15.923  1.00 18.55 ? 64  ILE B CG2 1 
ATOM   1245 C CD1 . ILE B 1 64 ? -5.348  2.421   16.529  1.00 18.55 ? 64  ILE B CD1 1 
ATOM   1246 N N   . GLU B 1 65 ? -3.320  7.285   17.831  1.00 10.53 ? 65  GLU B N   1 
ATOM   1247 C CA  . GLU B 1 65 ? -2.858  8.666   17.755  1.00 10.53 ? 65  GLU B CA  1 
ATOM   1248 C C   . GLU B 1 65 ? -1.719  8.500   16.763  1.00 10.53 ? 65  GLU B C   1 
ATOM   1249 O O   . GLU B 1 65 ? -0.618  8.093   17.145  1.00 18.93 ? 65  GLU B O   1 
ATOM   1250 C CB  . GLU B 1 65 ? -2.350  9.158   19.111  1.00 18.93 ? 65  GLU B CB  1 
ATOM   1251 C CG  . GLU B 1 65 ? -3.421  9.415   20.163  1.00 18.93 ? 65  GLU B CG  1 
ATOM   1252 C CD  . GLU B 1 65 ? -2.901  9.713   21.567  1.00 18.93 ? 65  GLU B CD  1 
ATOM   1253 O OE1 . GLU B 1 65 ? -1.864  10.400  21.722  1.00 18.93 ? 65  GLU B OE1 1 
ATOM   1254 O OE2 . GLU B 1 65 ? -3.537  9.249   22.538  1.00 18.93 ? 65  GLU B OE2 1 
ATOM   1255 N N   . ILE B 1 66 ? -2.037  8.735   15.491  1.00 23.15 ? 66  ILE B N   1 
ATOM   1256 C CA  . ILE B 1 66 ? -1.147  8.636   14.325  1.00 23.15 ? 66  ILE B CA  1 
ATOM   1257 C C   . ILE B 1 66 ? -0.462  9.990   14.160  1.00 23.15 ? 66  ILE B C   1 
ATOM   1258 O O   . ILE B 1 66 ? -1.064  10.926  13.609  1.00 14.77 ? 66  ILE B O   1 
ATOM   1259 C CB  . ILE B 1 66 ? -1.980  8.306   13.043  1.00 14.77 ? 66  ILE B CB  1 
ATOM   1260 C CG1 . ILE B 1 66 ? -2.853  7.072   13.275  1.00 14.77 ? 66  ILE B CG1 1 
ATOM   1261 C CG2 . ILE B 1 66 ? -1.045  8.034   11.879  1.00 14.77 ? 66  ILE B CG2 1 
ATOM   1262 C CD1 . ILE B 1 66 ? -4.145  7.025   12.479  1.00 14.77 ? 66  ILE B CD1 1 
ATOM   1263 N N   . CYS B 1 67 ? 0.761   10.109  14.691  1.00 9.02  ? 67  CYS B N   1 
ATOM   1264 C CA  . CYS B 1 67 ? 1.571   11.349  14.622  1.00 9.02  ? 67  CYS B CA  1 
ATOM   1265 C C   . CYS B 1 67 ? 0.813   12.517  15.288  1.00 9.02  ? 67  CYS B C   1 
ATOM   1266 O O   . CYS B 1 67 ? 0.427   13.510  14.650  1.00 17.83 ? 67  CYS B O   1 
ATOM   1267 C CB  . CYS B 1 67 ? 1.892   11.600  13.107  1.00 17.83 ? 67  CYS B CB  1 
ATOM   1268 S SG  . CYS B 1 67 ? 2.618   13.134  12.462  1.00 17.83 ? 67  CYS B SG  1 
ATOM   1269 N N   . GLY B 1 68 ? 0.497   12.321  16.570  1.00 6.58  ? 68  GLY B N   1 
ATOM   1270 C CA  . GLY B 1 68 ? -0.287  13.258  17.370  1.00 6.58  ? 68  GLY B CA  1 
ATOM   1271 C C   . GLY B 1 68 ? -1.771  13.318  17.021  1.00 6.58  ? 68  GLY B C   1 
ATOM   1272 O O   . GLY B 1 68 ? -2.584  13.725  17.855  1.00 15.57 ? 68  GLY B O   1 
ATOM   1273 N N   . HIS B 1 69 ? -2.197  12.927  15.820  1.00 8.79  ? 69  HIS B N   1 
ATOM   1274 C CA  . HIS B 1 69 ? -3.601  13.039  15.410  1.00 8.79  ? 69  HIS B CA  1 
ATOM   1275 C C   . HIS B 1 69 ? -4.371  11.857  16.009  1.00 8.79  ? 69  HIS B C   1 
ATOM   1276 O O   . HIS B 1 69 ? -3.880  10.735  15.878  1.00 24.43 ? 69  HIS B O   1 
ATOM   1277 C CB  . HIS B 1 69 ? -3.729  12.998  13.861  1.00 24.43 ? 69  HIS B CB  1 
ATOM   1278 C CG  . HIS B 1 69 ? -3.008  14.052  13.066  1.00 24.43 ? 69  HIS B CG  1 
ATOM   1279 N ND1 . HIS B 1 69 ? -1.641  14.134  12.887  1.00 24.43 ? 69  HIS B ND1 1 
ATOM   1280 C CD2 . HIS B 1 69 ? -3.505  15.103  12.363  1.00 24.43 ? 69  HIS B CD2 1 
ATOM   1281 C CE1 . HIS B 1 69 ? -1.315  15.161  12.127  1.00 24.43 ? 69  HIS B CE1 1 
ATOM   1282 N NE2 . HIS B 1 69 ? -2.439  15.760  11.798  1.00 24.43 ? 69  HIS B NE2 1 
ATOM   1283 N N   . LYS B 1 70 ? -5.534  12.047  16.635  1.00 19.34 ? 70  LYS B N   1 
ATOM   1284 C CA  . LYS B 1 70 ? -6.303  10.945  17.221  1.00 19.34 ? 70  LYS B CA  1 
ATOM   1285 C C   . LYS B 1 70 ? -7.298  10.482  16.151  1.00 19.34 ? 70  LYS B C   1 
ATOM   1286 O O   . LYS B 1 70 ? -7.816  11.301  15.375  1.00 30.72 ? 70  LYS B O   1 
ATOM   1287 C CB  . LYS B 1 70 ? -7.118  11.368  18.460  1.00 30.72 ? 70  LYS B CB  1 
ATOM   1288 C CG  . LYS B 1 70 ? -6.436  11.545  19.806  1.00 30.72 ? 70  LYS B CG  1 
ATOM   1289 C CD  . LYS B 1 70 ? -5.667  12.838  20.032  1.00 30.72 ? 70  LYS B CD  1 
ATOM   1290 C CE  . LYS B 1 70 ? -6.546  14.054  20.311  1.00 30.72 ? 70  LYS B CE  1 
ATOM   1291 N NZ  . LYS B 1 70 ? -5.761  15.194  20.879  1.00 30.72 ? 70  LYS B NZ  1 
ATOM   1292 N N   . ALA B 1 71 ? -7.553  9.192   16.109  1.00 12.00 ? 71  ALA B N   1 
ATOM   1293 C CA  . ALA B 1 71 ? -8.476  8.596   15.159  1.00 12.00 ? 71  ALA B CA  1 
ATOM   1294 C C   . ALA B 1 71 ? -9.069  7.369   15.862  1.00 12.00 ? 71  ALA B C   1 
ATOM   1295 O O   . ALA B 1 71 ? -8.367  6.700   16.636  1.00 18.10 ? 71  ALA B O   1 
ATOM   1296 C CB  . ALA B 1 71 ? -7.701  8.229   13.912  1.00 18.10 ? 71  ALA B CB  1 
ATOM   1297 N N   . ILE B 1 72 ? -10.354 7.091   15.685  1.00 8.22  ? 72  ILE B N   1 
ATOM   1298 C CA  . ILE B 1 72 ? -10.977 5.945   16.328  1.00 8.22  ? 72  ILE B CA  1 
ATOM   1299 C C   . ILE B 1 72 ? -11.619 5.105   15.242  1.00 8.22  ? 72  ILE B C   1 
ATOM   1300 O O   . ILE B 1 72 ? -12.546 5.556   14.565  1.00 14.48 ? 72  ILE B O   1 
ATOM   1301 C CB  . ILE B 1 72 ? -12.037 6.390   17.364  1.00 14.48 ? 72  ILE B CB  1 
ATOM   1302 C CG1 . ILE B 1 72 ? -11.274 6.906   18.585  1.00 14.48 ? 72  ILE B CG1 1 
ATOM   1303 C CG2 . ILE B 1 72 ? -12.937 5.237   17.797  1.00 14.48 ? 72  ILE B CG2 1 
ATOM   1304 C CD1 . ILE B 1 72 ? -12.055 7.172   19.850  1.00 14.48 ? 72  ILE B CD1 1 
ATOM   1305 N N   . GLY B 1 73 ? -11.094 3.893   15.141  1.00 11.96 ? 73  GLY B N   1 
ATOM   1306 C CA  . GLY B 1 73 ? -11.532 2.988   14.099  1.00 11.96 ? 73  GLY B CA  1 
ATOM   1307 C C   . GLY B 1 73 ? -11.237 1.524   14.335  1.00 11.96 ? 73  GLY B C   1 
ATOM   1308 O O   . GLY B 1 73 ? -11.011 1.101   15.467  1.00 19.36 ? 73  GLY B O   1 
ATOM   1309 N N   . THR B 1 74 ? -11.325 0.767   13.258  1.00 11.50 ? 74  THR B N   1 
ATOM   1310 C CA  . THR B 1 74 ? -11.143 -0.682  13.212  1.00 11.50 ? 74  THR B CA  1 
ATOM   1311 C C   . THR B 1 74 ? -9.644  -1.054  13.067  1.00 11.50 ? 74  THR B C   1 
ATOM   1312 O O   . THR B 1 74 ? -8.974  -0.543  12.154  1.00 16.51 ? 74  THR B O   1 
ATOM   1313 C CB  . THR B 1 74 ? -11.985 -1.199  12.006  1.00 16.51 ? 74  THR B CB  1 
ATOM   1314 O OG1 . THR B 1 74 ? -13.269 -0.515  12.003  1.00 16.51 ? 74  THR B OG1 1 
ATOM   1315 C CG2 . THR B 1 74 ? -12.148 -2.729  12.070  1.00 16.51 ? 74  THR B CG2 1 
ATOM   1316 N N   . VAL B 1 75 ? -9.090  -1.910  13.925  1.00 7.90  ? 75  VAL B N   1 
ATOM   1317 C CA  . VAL B 1 75 ? -7.691  -2.309  13.850  1.00 7.90  ? 75  VAL B CA  1 
ATOM   1318 C C   . VAL B 1 75 ? -7.718  -3.818  13.959  1.00 7.90  ? 75  VAL B C   1 
ATOM   1319 O O   . VAL B 1 75 ? -8.346  -4.384  14.859  1.00 10.02 ? 75  VAL B O   1 
ATOM   1320 C CB  . VAL B 1 75 ? -6.819  -1.787  15.005  1.00 10.02 ? 75  VAL B CB  1 
ATOM   1321 C CG1 . VAL B 1 75 ? -5.388  -2.206  14.757  1.00 10.02 ? 75  VAL B CG1 1 
ATOM   1322 C CG2 . VAL B 1 75 ? -6.825  -0.272  15.056  1.00 10.02 ? 75  VAL B CG2 1 
ATOM   1323 N N   . LEU B 1 76 ? -7.081  -4.441  12.991  1.00 13.44 ? 76  LEU B N   1 
ATOM   1324 C CA  . LEU B 1 76 ? -7.012  -5.882  12.952  1.00 13.44 ? 76  LEU B CA  1 
ATOM   1325 C C   . LEU B 1 76 ? -5.669  -6.229  13.566  1.00 13.44 ? 76  LEU B C   1 
ATOM   1326 O O   . LEU B 1 76 ? -4.683  -5.521  13.337  1.00 12.00 ? 76  LEU B O   1 
ATOM   1327 C CB  . LEU B 1 76 ? -7.083  -6.390  11.500  1.00 12.00 ? 76  LEU B CB  1 
ATOM   1328 C CG  . LEU B 1 76 ? -8.158  -5.813  10.567  1.00 12.00 ? 76  LEU B CG  1 
ATOM   1329 C CD1 . LEU B 1 76 ? -7.836  -6.227  9.145   1.00 12.00 ? 76  LEU B CD1 1 
ATOM   1330 C CD2 . LEU B 1 76 ? -9.530  -6.277  10.992  1.00 12.00 ? 76  LEU B CD2 1 
ATOM   1331 N N   . VAL B 1 77 ? -5.622  -7.257  14.387  1.00 10.49 ? 77  VAL B N   1 
ATOM   1332 C CA  . VAL B 1 77 ? -4.373  -7.682  15.013  1.00 10.49 ? 77  VAL B CA  1 
ATOM   1333 C C   . VAL B 1 77 ? -4.150  -9.035  14.366  1.00 10.49 ? 77  VAL B C   1 
ATOM   1334 O O   . VAL B 1 77 ? -5.061  -9.884  14.356  1.00 10.17 ? 77  VAL B O   1 
ATOM   1335 C CB  . VAL B 1 77 ? -4.496  -7.814  16.543  1.00 10.17 ? 77  VAL B CB  1 
ATOM   1336 C CG1 . VAL B 1 77 ? -3.266  -8.499  17.128  1.00 10.17 ? 77  VAL B CG1 1 
ATOM   1337 C CG2 . VAL B 1 77 ? -4.550  -6.408  17.151  1.00 10.17 ? 77  VAL B CG2 1 
ATOM   1338 N N   . GLY B 1 78 ? -2.970  -9.171  13.779  1.00 12.00 ? 78  GLY B N   1 
ATOM   1339 C CA  . GLY B 1 78 ? -2.698  -10.378 13.035  1.00 12.00 ? 78  GLY B CA  1 
ATOM   1340 C C   . GLY B 1 78 ? -1.253  -10.617 12.695  1.00 12.00 ? 78  GLY B C   1 
ATOM   1341 O O   . GLY B 1 78 ? -0.387  -9.797  13.026  1.00 23.67 ? 78  GLY B O   1 
ATOM   1342 N N   . PRO B 1 79 ? -0.955  -11.763 12.038  1.00 11.20 ? 79  PRO B N   1 
ATOM   1343 C CA  . PRO B 1 79 ? 0.390   -12.150 11.580  1.00 11.20 ? 79  PRO B CA  1 
ATOM   1344 C C   . PRO B 1 79 ? 0.971   -11.387 10.378  1.00 11.20 ? 79  PRO B C   1 
ATOM   1345 O O   . PRO B 1 79 ? 1.459   -11.996 9.423   1.00 14.63 ? 79  PRO B O   1 
ATOM   1346 C CB  . PRO B 1 79 ? 0.264   -13.664 11.346  1.00 14.63 ? 79  PRO B CB  1 
ATOM   1347 C CG  . PRO B 1 79 ? -0.881  -14.033 12.224  1.00 14.63 ? 79  PRO B CG  1 
ATOM   1348 C CD  . PRO B 1 79 ? -1.837  -12.936 11.876  1.00 14.63 ? 79  PRO B CD  1 
ATOM   1349 N N   . THR B 1 80 ? 0.959   -10.061 10.422  1.00 16.94 ? 80  THR B N   1 
ATOM   1350 C CA  . THR B 1 80 ? 1.492   -9.274  9.319   1.00 16.94 ? 80  THR B CA  1 
ATOM   1351 C C   . THR B 1 80 ? 2.943   -8.949  9.623   1.00 16.94 ? 80  THR B C   1 
ATOM   1352 O O   . THR B 1 80 ? 3.261   -8.787  10.807  1.00 11.23 ? 80  THR B O   1 
ATOM   1353 C CB  . THR B 1 80 ? 0.748   -7.901  9.095   1.00 11.23 ? 80  THR B CB  1 
ATOM   1354 O OG1 . THR B 1 80 ? 1.465   -7.120  8.109   1.00 11.23 ? 80  THR B OG1 1 
ATOM   1355 C CG2 . THR B 1 80 ? 0.621   -7.121  10.404  1.00 11.23 ? 80  THR B CG2 1 
ATOM   1356 N N   . PRO B 1 81 ? 3.850   -8.840  8.622   1.00 18.12 ? 81  PRO B N   1 
ATOM   1357 C CA  . PRO B 1 81 ? 5.238   -8.406  8.810   1.00 18.12 ? 81  PRO B CA  1 
ATOM   1358 C C   . PRO B 1 81 ? 5.485   -6.919  9.072   1.00 18.12 ? 81  PRO B C   1 
ATOM   1359 O O   . PRO B 1 81 ? 6.377   -6.559  9.854   1.00 6.68  ? 81  PRO B O   1 
ATOM   1360 C CB  . PRO B 1 81 ? 5.950   -8.905  7.552   1.00 6.68  ? 81  PRO B CB  1 
ATOM   1361 C CG  . PRO B 1 81 ? 4.905   -8.632  6.534   1.00 6.68  ? 81  PRO B CG  1 
ATOM   1362 C CD  . PRO B 1 81 ? 3.720   -9.280  7.221   1.00 6.68  ? 81  PRO B CD  1 
ATOM   1363 N N   . ILE B 1 82 ? 4.731   -6.066  8.375   1.00 15.97 ? 82  ILE B N   1 
ATOM   1364 C CA  . ILE B 1 82 ? 4.909   -4.633  8.549   1.00 15.97 ? 82  ILE B CA  1 
ATOM   1365 C C   . ILE B 1 82 ? 3.573   -4.161  9.090   1.00 15.97 ? 82  ILE B C   1 
ATOM   1366 O O   . ILE B 1 82 ? 2.560   -4.809  8.814   1.00 19.48 ? 82  ILE B O   1 
ATOM   1367 C CB  . ILE B 1 82 ? 5.308   -3.914  7.170   1.00 19.48 ? 82  ILE B CB  1 
ATOM   1368 C CG1 . ILE B 1 82 ? 6.072   -2.615  7.484   1.00 19.48 ? 82  ILE B CG1 1 
ATOM   1369 C CG2 . ILE B 1 82 ? 4.103   -3.513  6.336   1.00 19.48 ? 82  ILE B CG2 1 
ATOM   1370 C CD1 . ILE B 1 82 ? 7.515   -2.763  7.931   1.00 19.48 ? 82  ILE B CD1 1 
ATOM   1371 N N   . ASN B 1 83 ? 3.581   -3.114  9.902   1.00 12.00 ? 83  ASN B N   1 
ATOM   1372 C CA  . ASN B 1 83 ? 2.355   -2.585  10.459  1.00 12.00 ? 83  ASN B CA  1 
ATOM   1373 C C   . ASN B 1 83 ? 1.859   -1.568  9.455   1.00 12.00 ? 83  ASN B C   1 
ATOM   1374 O O   . ASN B 1 83 ? 2.572   -0.620  9.106   1.00 15.06 ? 83  ASN B O   1 
ATOM   1375 C CB  . ASN B 1 83 ? 2.537   -1.814  11.777  1.00 15.06 ? 83  ASN B CB  1 
ATOM   1376 C CG  . ASN B 1 83 ? 3.039   -2.572  12.982  1.00 15.06 ? 83  ASN B CG  1 
ATOM   1377 O OD1 . ASN B 1 83 ? 2.823   -3.776  13.125  1.00 15.06 ? 83  ASN B OD1 1 
ATOM   1378 N ND2 . ASN B 1 83 ? 3.694   -1.876  13.895  1.00 15.06 ? 83  ASN B ND2 1 
ATOM   1379 N N   . ILE B 1 84 ? 0.593   -1.714  9.118   1.00 12.02 ? 84  ILE B N   1 
ATOM   1380 C CA  . ILE B 1 84 ? -0.084  -0.865  8.146   1.00 12.02 ? 84  ILE B CA  1 
ATOM   1381 C C   . ILE B 1 84 ? -1.184  0.048   8.693   1.00 12.02 ? 84  ILE B C   1 
ATOM   1382 O O   . ILE B 1 84 ? -1.909  -0.377  9.603   1.00 12.00 ? 84  ILE B O   1 
ATOM   1383 C CB  . ILE B 1 84 ? -0.640  -1.847  7.074   1.00 12.00 ? 84  ILE B CB  1 
ATOM   1384 C CG1 . ILE B 1 84 ? 0.524   -2.546  6.389   1.00 12.00 ? 84  ILE B CG1 1 
ATOM   1385 C CG2 . ILE B 1 84 ? -1.450  -1.133  6.028   1.00 12.00 ? 84  ILE B CG2 1 
ATOM   1386 C CD1 . ILE B 1 84 ? 0.341   -4.040  6.392   1.00 12.00 ? 84  ILE B CD1 1 
ATOM   1387 N N   . ILE B 1 85 ? -1.304  1.282   8.200   1.00 10.35 ? 85  ILE B N   1 
ATOM   1388 C CA  . ILE B 1 85 ? -2.353  2.203   8.626   1.00 10.35 ? 85  ILE B CA  1 
ATOM   1389 C C   . ILE B 1 85 ? -3.025  2.377   7.269   1.00 10.35 ? 85  ILE B C   1 
ATOM   1390 O O   . ILE B 1 85 ? -2.447  3.047   6.404   1.00 12.00 ? 85  ILE B O   1 
ATOM   1391 C CB  . ILE B 1 85 ? -1.834  3.567   9.116   1.00 12.00 ? 85  ILE B CB  1 
ATOM   1392 C CG1 . ILE B 1 85 ? -1.154  3.348   10.478  1.00 12.00 ? 85  ILE B CG1 1 
ATOM   1393 C CG2 . ILE B 1 85 ? -2.967  4.585   9.227   1.00 12.00 ? 85  ILE B CG2 1 
ATOM   1394 C CD1 . ILE B 1 85 ? -1.939  2.600   11.552  1.00 12.00 ? 85  ILE B CD1 1 
ATOM   1395 N N   . GLY B 1 86 ? -4.169  1.725   7.086   1.00 7.02  ? 86  GLY B N   1 
ATOM   1396 C CA  . GLY B 1 86 ? -4.840  1.718   5.797   1.00 7.02  ? 86  GLY B CA  1 
ATOM   1397 C C   . GLY B 1 86 ? -5.819  2.860   5.673   1.00 7.02  ? 86  GLY B C   1 
ATOM   1398 O O   . GLY B 1 86 ? -6.002  3.621   6.639   1.00 27.96 ? 86  GLY B O   1 
ATOM   1399 N N   . ARG B 1 87 ? -6.526  2.942   4.547   1.00 12.00 ? 87  ARG B N   1 
ATOM   1400 C CA  . ARG B 1 87 ? -7.479  4.018   4.278   1.00 12.00 ? 87  ARG B CA  1 
ATOM   1401 C C   . ARG B 1 87 ? -8.519  4.259   5.371   1.00 12.00 ? 87  ARG B C   1 
ATOM   1402 O O   . ARG B 1 87 ? -8.824  5.426   5.607   1.00 15.65 ? 87  ARG B O   1 
ATOM   1403 C CB  . ARG B 1 87 ? -8.189  3.766   2.959   1.00 15.65 ? 87  ARG B CB  1 
ATOM   1404 C CG  . ARG B 1 87 ? -7.234  3.909   1.776   1.00 15.65 ? 87  ARG B CG  1 
ATOM   1405 C CD  . ARG B 1 87 ? -7.914  3.872   0.409   1.00 15.65 ? 87  ARG B CD  1 
ATOM   1406 N NE  . ARG B 1 87 ? -8.807  2.725   0.231   1.00 15.65 ? 87  ARG B NE  1 
ATOM   1407 C CZ  . ARG B 1 87 ? -10.132 2.768   0.165   1.00 15.65 ? 87  ARG B CZ  1 
ATOM   1408 N NH1 . ARG B 1 87 ? -10.788 3.910   0.273   1.00 15.65 ? 87  ARG B NH1 1 
ATOM   1409 N NH2 . ARG B 1 87 ? -10.807 1.644   -0.056  1.00 15.65 ? 87  ARG B NH2 1 
ATOM   1410 N N   . ASN B 1 88 ? -8.971  3.243   6.124   1.00 10.74 ? 88  ASN B N   1 
ATOM   1411 C CA  . ASN B 1 88 ? -9.959  3.412   7.202   1.00 10.74 ? 88  ASN B CA  1 
ATOM   1412 C C   . ASN B 1 88 ? -9.516  4.392   8.310   1.00 10.74 ? 88  ASN B C   1 
ATOM   1413 O O   . ASN B 1 88 ? -10.367 4.908   9.052   1.00 12.00 ? 88  ASN B O   1 
ATOM   1414 C CB  . ASN B 1 88 ? -10.298 2.058   7.846   1.00 12.00 ? 88  ASN B CB  1 
ATOM   1415 C CG  . ASN B 1 88 ? -9.279  1.405   8.760   1.00 12.00 ? 88  ASN B CG  1 
ATOM   1416 O OD1 . ASN B 1 88 ? -8.094  1.306   8.441   1.00 12.00 ? 88  ASN B OD1 1 
ATOM   1417 N ND2 . ASN B 1 88 ? -9.744  0.931   9.899   1.00 12.00 ? 88  ASN B ND2 1 
ATOM   1418 N N   . LEU B 1 89 ? -8.215  4.675   8.417   1.00 12.00 ? 89  LEU B N   1 
ATOM   1419 C CA  . LEU B 1 89 ? -7.658  5.601   9.411   1.00 12.00 ? 89  LEU B CA  1 
ATOM   1420 C C   . LEU B 1 89 ? -7.084  6.784   8.666   1.00 12.00 ? 89  LEU B C   1 
ATOM   1421 O O   . LEU B 1 89 ? -7.181  7.902   9.185   1.00 25.73 ? 89  LEU B O   1 
ATOM   1422 C CB  . LEU B 1 89 ? -6.539  4.965   10.251  1.00 25.73 ? 89  LEU B CB  1 
ATOM   1423 C CG  . LEU B 1 89 ? -6.963  4.106   11.438  1.00 25.73 ? 89  LEU B CG  1 
ATOM   1424 C CD1 . LEU B 1 89 ? -5.774  3.401   12.013  1.00 25.73 ? 89  LEU B CD1 1 
ATOM   1425 C CD2 . LEU B 1 89 ? -7.533  4.981   12.529  1.00 25.73 ? 89  LEU B CD2 1 
ATOM   1426 N N   . LEU B 1 90 ? -6.552  6.584   7.455   1.00 12.00 ? 90  LEU B N   1 
ATOM   1427 C CA  . LEU B 1 90 ? -5.976  7.682   6.669   1.00 12.00 ? 90  LEU B CA  1 
ATOM   1428 C C   . LEU B 1 90 ? -7.054  8.676   6.247   1.00 12.00 ? 90  LEU B C   1 
ATOM   1429 O O   . LEU B 1 90 ? -6.749  9.864   6.096   1.00 8.44  ? 90  LEU B O   1 
ATOM   1430 C CB  . LEU B 1 90 ? -5.233  7.153   5.412   1.00 8.44  ? 90  LEU B CB  1 
ATOM   1431 C CG  . LEU B 1 90 ? -4.061  6.169   5.615   1.00 8.44  ? 90  LEU B CG  1 
ATOM   1432 C CD1 . LEU B 1 90 ? -3.543  5.784   4.247   1.00 8.44  ? 90  LEU B CD1 1 
ATOM   1433 C CD2 . LEU B 1 90 ? -2.946  6.782   6.425   1.00 8.44  ? 90  LEU B CD2 1 
ATOM   1434 N N   . THR B 1 91 ? -8.302  8.262   6.100   1.00 6.29  ? 91  THR B N   1 
ATOM   1435 C CA  . THR B 1 91 ? -9.366  9.178   5.720   1.00 6.29  ? 91  THR B CA  1 
ATOM   1436 C C   . THR B 1 91 ? -9.696  10.104  6.894   1.00 6.29  ? 91  THR B C   1 
ATOM   1437 O O   . THR B 1 91 ? -10.008 11.287  6.704   1.00 6.34  ? 91  THR B O   1 
ATOM   1438 C CB  . THR B 1 91 ? -10.639 8.443   5.381   1.00 6.34  ? 91  THR B CB  1 
ATOM   1439 O OG1 . THR B 1 91 ? -10.897 7.602   6.507   1.00 6.34  ? 91  THR B OG1 1 
ATOM   1440 C CG2 . THR B 1 91 ? -10.553 7.613   4.127   1.00 6.34  ? 91  THR B CG2 1 
ATOM   1441 N N   . GLN B 1 92 ? -9.659  9.532   8.108   1.00 11.25 ? 92  GLN B N   1 
ATOM   1442 C CA  . GLN B 1 92 ? -9.951  10.256  9.346   1.00 11.25 ? 92  GLN B CA  1 
ATOM   1443 C C   . GLN B 1 92 ? -9.004  11.409  9.582   1.00 11.25 ? 92  GLN B C   1 
ATOM   1444 O O   . GLN B 1 92 ? -9.437  12.509  9.917   1.00 11.14 ? 92  GLN B O   1 
ATOM   1445 C CB  . GLN B 1 92 ? -9.876  9.336   10.567  1.00 11.14 ? 92  GLN B CB  1 
ATOM   1446 C CG  . GLN B 1 92 ? -11.024 8.367   10.684  1.00 11.14 ? 92  GLN B CG  1 
ATOM   1447 C CD  . GLN B 1 92 ? -11.265 8.005   12.134  1.00 11.14 ? 92  GLN B CD  1 
ATOM   1448 O OE1 . GLN B 1 92 ? -10.746 7.000   12.610  1.00 11.14 ? 92  GLN B OE1 1 
ATOM   1449 N NE2 . GLN B 1 92 ? -11.951 8.810   12.936  1.00 11.14 ? 92  GLN B NE2 1 
ATOM   1450 N N   . ILE B 1 93 ? -7.723  11.127  9.404   1.00 10.60 ? 93  ILE B N   1 
ATOM   1451 C CA  . ILE B 1 93 ? -6.693  12.141  9.596   1.00 10.60 ? 93  ILE B CA  1 
ATOM   1452 C C   . ILE B 1 93 ? -6.578  13.101  8.401   1.00 10.60 ? 93  ILE B C   1 
ATOM   1453 O O   . ILE B 1 93 ? -5.752  14.011  8.470   1.00 14.72 ? 93  ILE B O   1 
ATOM   1454 C CB  . ILE B 1 93 ? -5.278  11.489  9.883   1.00 14.72 ? 93  ILE B CB  1 
ATOM   1455 C CG1 . ILE B 1 93 ? -4.739  10.656  8.716   1.00 14.72 ? 93  ILE B CG1 1 
ATOM   1456 C CG2 . ILE B 1 93 ? -5.437  10.658  11.146  1.00 14.72 ? 93  ILE B CG2 1 
ATOM   1457 C CD1 . ILE B 1 93 ? -3.391  10.001  8.973   1.00 14.72 ? 93  ILE B CD1 1 
ATOM   1458 N N   . GLY B 1 94 ? -7.366  12.932  7.337   1.00 12.00 ? 94  GLY B N   1 
ATOM   1459 C CA  . GLY B 1 94 ? -7.334  13.805  6.180   1.00 12.00 ? 94  GLY B CA  1 
ATOM   1460 C C   . GLY B 1 94 ? -6.112  13.686  5.294   1.00 12.00 ? 94  GLY B C   1 
ATOM   1461 O O   . GLY B 1 94 ? -5.618  14.694  4.780   1.00 24.94 ? 94  GLY B O   1 
ATOM   1462 N N   . CYS B 1 95 ? -5.659  12.453  5.094   1.00 11.17 ? 95  CYS B N   1 
ATOM   1463 C CA  . CYS B 1 95 ? -4.505  12.158  4.254   1.00 11.17 ? 95  CYS B CA  1 
ATOM   1464 C C   . CYS B 1 95 ? -4.981  12.023  2.802   1.00 11.17 ? 95  CYS B C   1 
ATOM   1465 O O   . CYS B 1 95 ? -5.990  11.365  2.517   1.00 11.16 ? 95  CYS B O   1 
ATOM   1466 C CB  . CYS B 1 95 ? -3.851  10.869  4.774   1.00 11.16 ? 95  CYS B CB  1 
ATOM   1467 S SG  . CYS B 1 95 ? -2.392  10.220  3.907   1.00 11.16 ? 95  CYS B SG  1 
ATOM   1468 N N   . THR B 1 96 ? -4.270  12.724  1.926   1.00 12.00 ? 96  THR B N   1 
ATOM   1469 C CA  . THR B 1 96 ? -4.523  12.762  0.490   1.00 12.00 ? 96  THR B CA  1 
ATOM   1470 C C   . THR B 1 96 ? -3.198  12.423  -0.203  1.00 12.00 ? 96  THR B C   1 
ATOM   1471 O O   . THR B 1 96 ? -2.119  12.503  0.402   1.00 15.56 ? 96  THR B O   1 
ATOM   1472 C CB  . THR B 1 96 ? -5.010  14.177  0.005   1.00 15.56 ? 96  THR B CB  1 
ATOM   1473 O OG1 . THR B 1 96 ? -4.134  15.216  0.487   1.00 15.56 ? 96  THR B OG1 1 
ATOM   1474 C CG2 . THR B 1 96 ? -6.417  14.450  0.502   1.00 15.56 ? 96  THR B CG2 1 
ATOM   1475 N N   . LEU B 1 97 ? -3.268  12.079  -1.472  1.00 12.00 ? 97  LEU B N   1 
ATOM   1476 C CA  . LEU B 1 97 ? -2.100  11.719  -2.268  1.00 12.00 ? 97  LEU B CA  1 
ATOM   1477 C C   . LEU B 1 97 ? -2.005  12.892  -3.242  1.00 12.00 ? 97  LEU B C   1 
ATOM   1478 O O   . LEU B 1 97 ? -3.034  13.316  -3.784  1.00 7.06  ? 97  LEU B O   1 
ATOM   1479 C CB  . LEU B 1 97 ? -2.463  10.363  -2.866  1.00 7.06  ? 97  LEU B CB  1 
ATOM   1480 C CG  . LEU B 1 97 ? -1.493  9.397   -3.486  1.00 7.06  ? 97  LEU B CG  1 
ATOM   1481 C CD1 . LEU B 1 97 ? -0.292  9.136   -2.602  1.00 7.06  ? 97  LEU B CD1 1 
ATOM   1482 C CD2 . LEU B 1 97 ? -2.268  8.113   -3.701  1.00 7.06  ? 97  LEU B CD2 1 
ATOM   1483 N N   . ASN B 1 98 ? -0.847  13.456  -3.516  1.00 11.00 ? 98  ASN B N   1 
ATOM   1484 C CA  . ASN B 1 98 ? -0.751  14.607  -4.413  1.00 11.00 ? 98  ASN B CA  1 
ATOM   1485 C C   . ASN B 1 98 ? 0.382   14.509  -5.418  1.00 11.00 ? 98  ASN B C   1 
ATOM   1486 O O   . ASN B 1 98 ? 1.451   14.007  -5.068  1.00 11.00 ? 98  ASN B O   1 
ATOM   1487 C CB  . ASN B 1 98 ? -0.575  15.892  -3.556  1.00 11.00 ? 98  ASN B CB  1 
ATOM   1488 C CG  . ASN B 1 98 ? -1.697  16.196  -2.559  1.00 11.00 ? 98  ASN B CG  1 
ATOM   1489 O OD1 . ASN B 1 98 ? -2.411  17.188  -2.705  1.00 11.00 ? 98  ASN B OD1 1 
ATOM   1490 N ND2 . ASN B 1 98 ? -1.916  15.452  -1.493  1.00 11.00 ? 98  ASN B ND2 1 
ATOM   1491 N N   . PHE B 1 99 ? 0.092   14.963  -6.633  1.00 11.47 ? 99  PHE B N   1 
ATOM   1492 C CA  . PHE B 1 99 ? 0.964   15.024  -7.816  1.00 11.47 ? 99  PHE B CA  1 
ATOM   1493 C C   . PHE B 1 99 ? 0.222   15.875  -8.888  1.00 11.47 ? 99  PHE B C   1 
ATOM   1494 O O   . PHE B 1 99 ? 0.477   15.786  -10.105 1.00 16.32 ? 99  PHE B O   1 
ATOM   1495 C CB  . PHE B 1 99 ? 1.292   13.572  -8.354  1.00 16.32 ? 99  PHE B CB  1 
ATOM   1496 C CG  . PHE B 1 99 ? 0.202   12.628  -8.809  1.00 16.32 ? 99  PHE B CG  1 
ATOM   1497 C CD1 . PHE B 1 99 ? -0.540  11.869  -7.896  1.00 16.32 ? 99  PHE B CD1 1 
ATOM   1498 C CD2 . PHE B 1 99 ? -0.069  12.474  -10.176 1.00 16.32 ? 99  PHE B CD2 1 
ATOM   1499 C CE1 . PHE B 1 99 ? -1.520  10.985  -8.342  1.00 16.32 ? 99  PHE B CE1 1 
ATOM   1500 C CE2 . PHE B 1 99 ? -1.047  11.591  -10.624 1.00 16.32 ? 99  PHE B CE2 1 
ATOM   1501 C CZ  . PHE B 1 99 ? -1.775  10.842  -9.707  1.00 16.32 ? 99  PHE B CZ  1 
ATOM   1502 O OXT . PHE B 1 99 ? -0.676  16.659  -8.510  1.00 16.32 ? 99  PHE B OXT 1 
HETATM 1503 C C1  . IM1 C 2 .  ? 5.339   -4.662  -1.888  1.00 19.31 ? 400 IM1 B C1  1 
HETATM 1504 C C2  . IM1 C 2 .  ? 6.033   -4.076  -0.665  1.00 19.31 ? 400 IM1 B C2  1 
HETATM 1505 C C3  . IM1 C 2 .  ? 5.603   -6.147  -2.065  1.00 19.31 ? 400 IM1 B C3  1 
HETATM 1506 C C4  . IM1 C 2 .  ? 5.930   -4.009  -3.126  1.00 19.31 ? 400 IM1 B C4  1 
HETATM 1507 O O5  . IM1 C 2 .  ? 3.974   -4.398  -1.864  1.00 19.31 ? 400 IM1 B O5  1 
HETATM 1508 C C6  . IM1 C 2 .  ? 3.114   -4.844  -0.860  1.00 19.31 ? 400 IM1 B C6  1 
HETATM 1509 O O7  . IM1 C 2 .  ? 2.659   -5.985  -0.921  1.00 19.31 ? 400 IM1 B O7  1 
HETATM 1510 N N8  . IM1 C 2 .  ? 2.772   -4.027  0.130   1.00 19.31 ? 400 IM1 B N8  1 
HETATM 1511 C C9  . IM1 C 2 .  ? 1.863   -4.402  1.205   1.00 19.31 ? 400 IM1 B C9  1 
HETATM 1512 C C10 . IM1 C 2 .  ? 2.385   -3.853  2.532   1.00 19.31 ? 400 IM1 B C10 1 
HETATM 1513 C C11 . IM1 C 2 .  ? 3.745   -4.446  2.889   1.00 19.31 ? 400 IM1 B C11 1 
HETATM 1514 C C12 . IM1 C 2 .  ? 4.896   -3.649  2.829   1.00 19.31 ? 400 IM1 B C12 1 
HETATM 1515 C C13 . IM1 C 2 .  ? 6.129   -4.216  3.154   1.00 19.31 ? 400 IM1 B C13 1 
HETATM 1516 C C14 . IM1 C 2 .  ? 6.226   -5.557  3.538   1.00 19.31 ? 400 IM1 B C14 1 
HETATM 1517 C C15 . IM1 C 2 .  ? 5.088   -6.340  3.598   1.00 19.31 ? 400 IM1 B C15 1 
HETATM 1518 C C16 . IM1 C 2 .  ? 3.850   -5.793  3.276   1.00 19.31 ? 400 IM1 B C16 1 
HETATM 1519 C C17 . IM1 C 2 .  ? 0.444   -3.844  0.898   1.00 19.31 ? 400 IM1 B C17 1 
HETATM 1520 O O18 . IM1 C 2 .  ? 0.442   -2.433  0.594   1.00 19.31 ? 400 IM1 B O18 1 
HETATM 1521 C C19 . IM1 C 2 .  ? -0.114  -4.502  -0.341  1.00 19.31 ? 400 IM1 B C19 1 
HETATM 1522 C C20 . IM1 C 2 .  ? -1.564  -4.362  -0.601  1.00 19.31 ? 400 IM1 B C20 1 
HETATM 1523 C C21 . IM1 C 2 .  ? -1.800  -4.905  -2.044  1.00 19.31 ? 400 IM1 B C21 1 
HETATM 1524 C C22 . IM1 C 2 .  ? -3.200  -5.452  -2.262  1.00 19.31 ? 400 IM1 B C22 1 
HETATM 1525 C C23 . IM1 C 2 .  ? -3.394  -6.840  -2.308  1.00 19.31 ? 400 IM1 B C23 1 
HETATM 1526 C C24 . IM1 C 2 .  ? -4.677  -7.354  -2.385  1.00 19.31 ? 400 IM1 B C24 1 
HETATM 1527 C C25 . IM1 C 2 .  ? -5.763  -6.490  -2.420  1.00 19.31 ? 400 IM1 B C25 1 
HETATM 1528 C C26 . IM1 C 2 .  ? -5.574  -5.111  -2.373  1.00 19.31 ? 400 IM1 B C26 1 
HETATM 1529 C C27 . IM1 C 2 .  ? -4.296  -4.581  -2.293  1.00 19.31 ? 400 IM1 B C27 1 
HETATM 1530 C C28 . IM1 C 2 .  ? -2.338  -5.112  0.485   1.00 19.31 ? 400 IM1 B C28 1 
HETATM 1531 O O29 . IM1 C 2 .  ? -2.030  -6.254  0.810   1.00 19.31 ? 400 IM1 B O29 1 
HETATM 1532 N N30 . IM1 C 2 .  ? -3.367  -4.481  1.031   1.00 19.31 ? 400 IM1 B N30 1 
HETATM 1533 C C31 . IM1 C 2 .  ? -4.185  -5.106  2.063   1.00 19.31 ? 400 IM1 B C31 1 
HETATM 1534 C C32 . IM1 C 2 .  ? -4.091  -4.365  3.411   1.00 19.31 ? 400 IM1 B C32 1 
HETATM 1535 C C34 . IM1 C 2 .  ? -2.668  -4.368  3.932   1.00 19.31 ? 400 IM1 B C34 1 
HETATM 1536 C C35 . IM1 C 2 .  ? -5.612  -5.033  1.518   1.00 19.31 ? 400 IM1 B C35 1 
HETATM 1537 N N36 . IM1 C 2 .  ? -6.378  -6.094  1.591   1.00 19.31 ? 400 IM1 B N36 1 
HETATM 1538 C C37 . IM1 C 2 .  ? -7.558  -5.764  0.966   1.00 19.31 ? 400 IM1 B C37 1 
HETATM 1539 C C38 . IM1 C 2 .  ? -7.399  -4.447  0.547   1.00 19.31 ? 400 IM1 B C38 1 
HETATM 1540 N N39 . IM1 C 2 .  ? -6.144  -3.990  0.917   1.00 19.31 ? 400 IM1 B N39 1 
HETATM 1541 O O   . HOH D 3 .  ? 23.955  -11.300 -12.726 1.00 8.71  ? 501 HOH A O   1 
HETATM 1542 O O   . HOH D 3 .  ? 22.029  -9.348  -12.513 1.00 12.64 ? 503 HOH A O   1 
HETATM 1543 O O   . HOH D 3 .  ? 8.627   -4.848  0.659   1.00 9.54  ? 505 HOH A O   1 
HETATM 1544 O O   . HOH D 3 .  ? 8.068   11.601  -3.540  1.00 2.00  ? 507 HOH A O   1 
HETATM 1545 O O   . HOH D 3 .  ? 5.646   -12.269 -21.558 1.00 10.56 ? 510 HOH A O   1 
HETATM 1546 O O   . HOH D 3 .  ? -7.220  18.109  -8.224  1.00 13.25 ? 511 HOH A O   1 
HETATM 1547 O O   . HOH D 3 .  ? 9.000   -6.063  -1.930  1.00 14.15 ? 513 HOH A O   1 
HETATM 1548 O O   . HOH D 3 .  ? 6.502   1.936   1.203   1.00 10.08 ? 518 HOH A O   1 
HETATM 1549 O O   . HOH D 3 .  ? 18.638  -3.929  -10.177 1.00 18.34 ? 520 HOH A O   1 
HETATM 1550 O O   . HOH D 3 .  ? 13.183  -4.739  -3.204  1.00 9.98  ? 521 HOH A O   1 
HETATM 1551 O O   . HOH D 3 .  ? 14.445  -10.696 -4.686  1.00 12.42 ? 524 HOH A O   1 
HETATM 1552 O O   . HOH D 3 .  ? -3.798  -6.642  -22.277 1.00 13.87 ? 526 HOH A O   1 
HETATM 1553 O O   . HOH D 3 .  ? -10.897 12.444  -4.863  1.00 17.10 ? 529 HOH A O   1 
HETATM 1554 O O   . HOH D 3 .  ? 13.441  -4.994  -20.730 1.00 13.41 ? 539 HOH A O   1 
HETATM 1555 O O   . HOH D 3 .  ? 13.275  -2.265  -4.338  1.00 7.25  ? 542 HOH A O   1 
HETATM 1556 O O   . HOH D 3 .  ? 22.261  -6.258  -22.749 1.00 18.83 ? 544 HOH A O   1 
HETATM 1557 O O   . HOH D 3 .  ? 9.120   0.047   -22.661 1.00 26.08 ? 557 HOH A O   1 
HETATM 1558 O O   . HOH E 3 .  ? -17.695 -4.921  11.514  1.00 10.46 ? 500 HOH B O   1 
HETATM 1559 O O   . HOH E 3 .  ? -4.757  15.448  17.844  1.00 14.01 ? 502 HOH B O   1 
HETATM 1560 O O   . HOH E 3 .  ? -11.946 -17.001 9.862   1.00 10.36 ? 504 HOH B O   1 
HETATM 1561 O O   . HOH E 3 .  ? 1.635   9.888   17.680  1.00 3.84  ? 506 HOH B O   1 
HETATM 1562 O O   . HOH E 3 .  ? 0.194   10.243  27.626  1.00 5.27  ? 508 HOH B O   1 
HETATM 1563 O O   . HOH E 3 .  ? -12.819 -0.825  7.726   1.00 8.24  ? 512 HOH B O   1 
HETATM 1564 O O   . HOH E 3 .  ? -0.156  12.959  21.363  1.00 14.79 ? 514 HOH B O   1 
HETATM 1565 O O   . HOH E 3 .  ? -6.793  0.839   -0.852  1.00 24.34 ? 517 HOH B O   1 
HETATM 1566 O O   . HOH E 3 .  ? -10.810 -5.474  2.397   1.00 20.89 ? 519 HOH B O   1 
HETATM 1567 O O   . HOH E 3 .  ? -3.997  16.947  2.646   1.00 2.00  ? 523 HOH B O   1 
HETATM 1568 O O   . HOH E 3 .  ? -1.026  11.960  25.858  1.00 10.60 ? 527 HOH B O   1 
HETATM 1569 O O   . HOH E 3 .  ? 6.299   -1.242  11.564  1.00 3.42  ? 531 HOH B O   1 
HETATM 1570 O O   . HOH E 3 .  ? -12.428 1.855   10.860  1.00 2.00  ? 533 HOH B O   1 
HETATM 1571 O O   . HOH E 3 .  ? -17.379 -2.728  9.783   1.00 10.71 ? 534 HOH B O   1 
HETATM 1572 O O   . HOH E 3 .  ? -5.913  18.106  5.823   1.00 15.33 ? 536 HOH B O   1 
HETATM 1573 O O   . HOH E 3 .  ? -4.181  -14.904 14.306  1.00 6.27  ? 537 HOH B O   1 
HETATM 1574 O O   . HOH E 3 .  ? -13.187 4.062   9.570   1.00 22.33 ? 538 HOH B O   1 
HETATM 1575 O O   . HOH E 3 .  ? -5.399  -18.326 3.217   1.00 11.51 ? 540 HOH B O   1 
HETATM 1576 O O   . HOH E 3 .  ? -6.246  -16.403 15.384  1.00 15.05 ? 543 HOH B O   1 
HETATM 1577 O O   . HOH E 3 .  ? -12.059 -3.197  8.841   1.00 15.92 ? 546 HOH B O   1 
HETATM 1578 O O   . HOH E 3 .  ? -15.769 0.500   9.699   1.00 8.02  ? 548 HOH B O   1 
HETATM 1579 O O   . HOH E 3 .  ? -3.407  -18.100 5.424   1.00 11.19 ? 549 HOH B O   1 
HETATM 1580 O O   . HOH E 3 .  ? -4.804  18.041  21.686  1.00 8.80  ? 551 HOH B O   1 
HETATM 1581 O O   . HOH E 3 .  ? -5.990  2.132   21.901  1.00 6.03  ? 554 HOH B O   1 
HETATM 1582 O O   . HOH E 3 .  ? -15.133 0.421   6.861   1.00 11.16 ? 555 HOH B O   1 
HETATM 1583 O O   . HOH E 3 .  ? -13.546 6.144   5.796   1.00 2.00  ? 556 HOH B O   1 
# 
